data_3QJ6
# 
_entry.id   3QJ6 
# 
_audit_conform.dict_name       mmcif_pdbx.dic 
_audit_conform.dict_version    5.379 
_audit_conform.dict_location   http://mmcif.pdb.org/dictionaries/ascii/mmcif_pdbx.dic 
# 
loop_
_database_2.database_id 
_database_2.database_code 
_database_2.pdbx_database_accession 
_database_2.pdbx_DOI 
PDB   3QJ6         pdb_00003qj6 10.2210/pdb3qj6/pdb 
RCSB  RCSB063711   ?            ?                   
WWPDB D_1000063711 ?            ?                   
# 
_pdbx_database_status.entry_id                        3QJ6 
_pdbx_database_status.status_code                     REL 
_pdbx_database_status.deposit_site                    RCSB 
_pdbx_database_status.process_site                    RCSB 
_pdbx_database_status.recvd_initial_deposition_date   2011-01-28 
_pdbx_database_status.status_code_sf                  REL 
_pdbx_database_status.status_code_mr                  ? 
_pdbx_database_status.SG_entry                        Y 
_pdbx_database_status.status_code_cs                  ? 
_pdbx_database_status.methods_development_category    ? 
_pdbx_database_status.pdb_format_compatible           Y 
_pdbx_database_status.status_code_nmr_data            ? 
# 
loop_
_audit_author.name 
_audit_author.pdbx_ordinal 
'Zeng, H.'                             1  
'Amaya, M.F.'                          2  
'Tempel, W.'                           3  
'Walker, J.R.'                         4  
'Mackenzie, F.'                        5  
'Bountra, C.'                          6  
'Weigelt, J.'                          7  
'Arrowsmith, C.H.'                     8  
'Edwards, A.M.'                        9  
'Min, J.'                              10 
'Wu, H.'                               11 
'Structural Genomics Consortium (SGC)' 12 
# 
_citation.id                        primary 
_citation.title                     'Structural and Histone Binding Ability Characterizations of Human PWWP Domains.' 
_citation.journal_abbrev            'Plos One' 
_citation.journal_volume            6 
_citation.page_first                e18919 
_citation.page_last                 e18919 
_citation.year                      2011 
_citation.journal_id_ASTM           ? 
_citation.country                   US 
_citation.journal_id_ISSN           1932-6203 
_citation.journal_id_CSD            ? 
_citation.book_publisher            ? 
_citation.pdbx_database_id_PubMed   21720545 
_citation.pdbx_database_id_DOI      10.1371/journal.pone.0018919 
# 
loop_
_citation_author.citation_id 
_citation_author.name 
_citation_author.ordinal 
_citation_author.identifier_ORCID 
primary 'Wu, H.'         1  ? 
primary 'Zeng, H.'       2  ? 
primary 'Lam, R.'        3  ? 
primary 'Tempel, W.'     4  ? 
primary 'Amaya, M.F.'    5  ? 
primary 'Xu, C.'         6  ? 
primary 'Dombrovski, L.' 7  ? 
primary 'Qiu, W.'        8  ? 
primary 'Wang, Y.'       9  ? 
primary 'Min, J.'        10 ? 
# 
_cell.entry_id           3QJ6 
_cell.length_a           74.934 
_cell.length_b           74.934 
_cell.length_c           41.764 
_cell.angle_alpha        90.000 
_cell.angle_beta         90.000 
_cell.angle_gamma        120.000 
_cell.pdbx_unique_axis   ? 
_cell.Z_PDB              6 
_cell.length_a_esd       ? 
_cell.length_b_esd       ? 
_cell.length_c_esd       ? 
_cell.angle_alpha_esd    ? 
_cell.angle_beta_esd     ? 
_cell.angle_gamma_esd    ? 
# 
_symmetry.entry_id                         3QJ6 
_symmetry.space_group_name_H-M             'P 61' 
_symmetry.Int_Tables_number                169 
_symmetry.pdbx_full_space_group_name_H-M   ? 
_symmetry.cell_setting                     ? 
_symmetry.space_group_name_Hall            ? 
# 
loop_
_entity.id 
_entity.type 
_entity.src_method 
_entity.pdbx_description 
_entity.formula_weight 
_entity.pdbx_number_of_molecules 
_entity.pdbx_ec 
_entity.pdbx_mutation 
_entity.pdbx_fragment 
_entity.details 
1 polymer     man 'Hepatoma-derived growth factor-related protein 2' 10714.236 1  ? ? 'UNP Q7Z4V5 residues 1-93' ? 
2 polymer     syn H3K79me3                                           1542.732  1  ? ? ?                          ? 
3 non-polymer syn 'SULFATE ION'                                      96.063    1  ? ? ?                          ? 
4 non-polymer syn 'UNKNOWN ATOM OR ION'                              ?         2  ? ? ?                          ? 
5 water       nat water                                              18.015    10 ? ? ?                          ? 
# 
_entity_name_com.entity_id   1 
_entity_name_com.name        'HRP-2, Hepatoma-derived growth factor 2, HDGF-2' 
# 
loop_
_entity_poly.entity_id 
_entity_poly.type 
_entity_poly.nstd_linkage 
_entity_poly.nstd_monomer 
_entity_poly.pdbx_seq_one_letter_code 
_entity_poly.pdbx_seq_one_letter_code_can 
_entity_poly.pdbx_strand_id 
_entity_poly.pdbx_target_identifier 
1 'polypeptide(L)' no no  
;GMPHAFKPGDLVFAKMKGYPHWPARIDDIADGAVKPPPNKYPIFFFGTHETAFLGPKDLFPYDKCKDKYGKPNKRKGFNE
GLWEIQNNPHASYS
;
;GMPHAFKPGDLVFAKMKGYPHWPARIDDIADGAVKPPPNKYPIFFFGTHETAFLGPKDLFPYDKCKDKYGKPNKRKGFNE
GLWEIQNNPHASYS
;
A ? 
2 'polypeptide(L)' no yes 'EIAQDF(M3L)TDLRY'                                                                                
EIAQDFKTDLRY                                                                                      T ? 
# 
loop_
_entity_poly_seq.entity_id 
_entity_poly_seq.num 
_entity_poly_seq.mon_id 
_entity_poly_seq.hetero 
1 1  GLY n 
1 2  MET n 
1 3  PRO n 
1 4  HIS n 
1 5  ALA n 
1 6  PHE n 
1 7  LYS n 
1 8  PRO n 
1 9  GLY n 
1 10 ASP n 
1 11 LEU n 
1 12 VAL n 
1 13 PHE n 
1 14 ALA n 
1 15 LYS n 
1 16 MET n 
1 17 LYS n 
1 18 GLY n 
1 19 TYR n 
1 20 PRO n 
1 21 HIS n 
1 22 TRP n 
1 23 PRO n 
1 24 ALA n 
1 25 ARG n 
1 26 ILE n 
1 27 ASP n 
1 28 ASP n 
1 29 ILE n 
1 30 ALA n 
1 31 ASP n 
1 32 GLY n 
1 33 ALA n 
1 34 VAL n 
1 35 LYS n 
1 36 PRO n 
1 37 PRO n 
1 38 PRO n 
1 39 ASN n 
1 40 LYS n 
1 41 TYR n 
1 42 PRO n 
1 43 ILE n 
1 44 PHE n 
1 45 PHE n 
1 46 PHE n 
1 47 GLY n 
1 48 THR n 
1 49 HIS n 
1 50 GLU n 
1 51 THR n 
1 52 ALA n 
1 53 PHE n 
1 54 LEU n 
1 55 GLY n 
1 56 PRO n 
1 57 LYS n 
1 58 ASP n 
1 59 LEU n 
1 60 PHE n 
1 61 PRO n 
1 62 TYR n 
1 63 ASP n 
1 64 LYS n 
1 65 CYS n 
1 66 LYS n 
1 67 ASP n 
1 68 LYS n 
1 69 TYR n 
1 70 GLY n 
1 71 LYS n 
1 72 PRO n 
1 73 ASN n 
1 74 LYS n 
1 75 ARG n 
1 76 LYS n 
1 77 GLY n 
1 78 PHE n 
1 79 ASN n 
1 80 GLU n 
1 81 GLY n 
1 82 LEU n 
1 83 TRP n 
1 84 GLU n 
1 85 ILE n 
1 86 GLN n 
1 87 ASN n 
1 88 ASN n 
1 89 PRO n 
1 90 HIS n 
1 91 ALA n 
1 92 SER n 
1 93 TYR n 
1 94 SER n 
2 1  GLU n 
2 2  ILE n 
2 3  ALA n 
2 4  GLN n 
2 5  ASP n 
2 6  PHE n 
2 7  M3L n 
2 8  THR n 
2 9  ASP n 
2 10 LEU n 
2 11 ARG n 
2 12 TYR n 
# 
_entity_src_gen.entity_id                          1 
_entity_src_gen.pdbx_src_id                        1 
_entity_src_gen.pdbx_alt_source_flag               sample 
_entity_src_gen.pdbx_seq_type                      ? 
_entity_src_gen.pdbx_beg_seq_num                   ? 
_entity_src_gen.pdbx_end_seq_num                   ? 
_entity_src_gen.gene_src_common_name               human 
_entity_src_gen.gene_src_genus                     ? 
_entity_src_gen.pdbx_gene_src_gene                 'HDGFRP2, HDGF2' 
_entity_src_gen.gene_src_species                   ? 
_entity_src_gen.gene_src_strain                    ? 
_entity_src_gen.gene_src_tissue                    ? 
_entity_src_gen.gene_src_tissue_fraction           ? 
_entity_src_gen.gene_src_details                   ? 
_entity_src_gen.pdbx_gene_src_fragment             ? 
_entity_src_gen.pdbx_gene_src_scientific_name      'Homo sapiens' 
_entity_src_gen.pdbx_gene_src_ncbi_taxonomy_id     9606 
_entity_src_gen.pdbx_gene_src_variant              ? 
_entity_src_gen.pdbx_gene_src_cell_line            ? 
_entity_src_gen.pdbx_gene_src_atcc                 ? 
_entity_src_gen.pdbx_gene_src_organ                ? 
_entity_src_gen.pdbx_gene_src_organelle            ? 
_entity_src_gen.pdbx_gene_src_cell                 ? 
_entity_src_gen.pdbx_gene_src_cellular_location    ? 
_entity_src_gen.host_org_common_name               ? 
_entity_src_gen.pdbx_host_org_scientific_name      'Escherichia coli' 
_entity_src_gen.pdbx_host_org_ncbi_taxonomy_id     469008 
_entity_src_gen.host_org_genus                     ? 
_entity_src_gen.pdbx_host_org_gene                 ? 
_entity_src_gen.pdbx_host_org_organ                ? 
_entity_src_gen.host_org_species                   ? 
_entity_src_gen.pdbx_host_org_tissue               ? 
_entity_src_gen.pdbx_host_org_tissue_fraction      ? 
_entity_src_gen.pdbx_host_org_strain               'BL21(DE3) V2R-pRARE' 
_entity_src_gen.pdbx_host_org_variant              ? 
_entity_src_gen.pdbx_host_org_cell_line            ? 
_entity_src_gen.pdbx_host_org_atcc                 ? 
_entity_src_gen.pdbx_host_org_culture_collection   ? 
_entity_src_gen.pdbx_host_org_cell                 ? 
_entity_src_gen.pdbx_host_org_organelle            ? 
_entity_src_gen.pdbx_host_org_cellular_location    ? 
_entity_src_gen.pdbx_host_org_vector_type          ? 
_entity_src_gen.pdbx_host_org_vector               ? 
_entity_src_gen.host_org_details                   ? 
_entity_src_gen.expression_system_id               ? 
_entity_src_gen.plasmid_name                       pET28-MHL 
_entity_src_gen.plasmid_details                    ? 
_entity_src_gen.pdbx_description                   ? 
# 
_pdbx_entity_src_syn.entity_id              2 
_pdbx_entity_src_syn.pdbx_src_id            1 
_pdbx_entity_src_syn.pdbx_alt_source_flag   sample 
_pdbx_entity_src_syn.pdbx_beg_seq_num       ? 
_pdbx_entity_src_syn.pdbx_end_seq_num       ? 
_pdbx_entity_src_syn.organism_scientific    'Homo sapiens' 
_pdbx_entity_src_syn.organism_common_name   Human 
_pdbx_entity_src_syn.ncbi_taxonomy_id       9606 
_pdbx_entity_src_syn.details                'synthetic peptide. Sequence occurs naturally in human, UNP P68431 residues 74-84' 
# 
loop_
_struct_ref.id 
_struct_ref.db_name 
_struct_ref.db_code 
_struct_ref.pdbx_db_accession 
_struct_ref.entity_id 
_struct_ref.pdbx_seq_one_letter_code 
_struct_ref.pdbx_align_begin 
_struct_ref.pdbx_db_isoform 
1 UNP HDGR2_HUMAN Q7Z4V5 1 
;MPHAFKPGDLVFAKMKGYPHWPARIDDIADGAVKPPPNKYPIFFFGTHETAFLGPKDLFPYDKCKDKYGKPNKRKGFNEG
LWEIQNNPHASYS
;
1 ? 
2 PDB 3QJ6        3QJ6   2 EIAQDFKTDLRY                                                                                     ? ? 
# 
loop_
_struct_ref_seq.align_id 
_struct_ref_seq.ref_id 
_struct_ref_seq.pdbx_PDB_id_code 
_struct_ref_seq.pdbx_strand_id 
_struct_ref_seq.seq_align_beg 
_struct_ref_seq.pdbx_seq_align_beg_ins_code 
_struct_ref_seq.seq_align_end 
_struct_ref_seq.pdbx_seq_align_end_ins_code 
_struct_ref_seq.pdbx_db_accession 
_struct_ref_seq.db_align_beg 
_struct_ref_seq.pdbx_db_align_beg_ins_code 
_struct_ref_seq.db_align_end 
_struct_ref_seq.pdbx_db_align_end_ins_code 
_struct_ref_seq.pdbx_auth_seq_align_beg 
_struct_ref_seq.pdbx_auth_seq_align_end 
1 1 3QJ6 A 2 ? 94 ? Q7Z4V5 1  ? 93 ? 1  93 
2 2 3QJ6 T 1 ? 12 ? 3QJ6   73 ? 84 ? 73 84 
# 
_struct_ref_seq_dif.align_id                     1 
_struct_ref_seq_dif.pdbx_pdb_id_code             3QJ6 
_struct_ref_seq_dif.mon_id                       GLY 
_struct_ref_seq_dif.pdbx_pdb_strand_id           A 
_struct_ref_seq_dif.seq_num                      1 
_struct_ref_seq_dif.pdbx_pdb_ins_code            ? 
_struct_ref_seq_dif.pdbx_seq_db_name             UNP 
_struct_ref_seq_dif.pdbx_seq_db_accession_code   Q7Z4V5 
_struct_ref_seq_dif.db_mon_id                    ? 
_struct_ref_seq_dif.pdbx_seq_db_seq_num          ? 
_struct_ref_seq_dif.details                      'expression tag' 
_struct_ref_seq_dif.pdbx_auth_seq_num            0 
_struct_ref_seq_dif.pdbx_ordinal                 1 
# 
loop_
_chem_comp.id 
_chem_comp.type 
_chem_comp.mon_nstd_flag 
_chem_comp.name 
_chem_comp.pdbx_synonyms 
_chem_comp.formula 
_chem_comp.formula_weight 
ALA 'L-peptide linking' y ALANINE               ? 'C3 H7 N O2'     89.093  
ARG 'L-peptide linking' y ARGININE              ? 'C6 H15 N4 O2 1' 175.209 
ASN 'L-peptide linking' y ASPARAGINE            ? 'C4 H8 N2 O3'    132.118 
ASP 'L-peptide linking' y 'ASPARTIC ACID'       ? 'C4 H7 N O4'     133.103 
CYS 'L-peptide linking' y CYSTEINE              ? 'C3 H7 N O2 S'   121.158 
GLN 'L-peptide linking' y GLUTAMINE             ? 'C5 H10 N2 O3'   146.144 
GLU 'L-peptide linking' y 'GLUTAMIC ACID'       ? 'C5 H9 N O4'     147.129 
GLY 'peptide linking'   y GLYCINE               ? 'C2 H5 N O2'     75.067  
HIS 'L-peptide linking' y HISTIDINE             ? 'C6 H10 N3 O2 1' 156.162 
HOH non-polymer         . WATER                 ? 'H2 O'           18.015  
ILE 'L-peptide linking' y ISOLEUCINE            ? 'C6 H13 N O2'    131.173 
LEU 'L-peptide linking' y LEUCINE               ? 'C6 H13 N O2'    131.173 
LYS 'L-peptide linking' y LYSINE                ? 'C6 H15 N2 O2 1' 147.195 
M3L 'L-peptide linking' n N-TRIMETHYLLYSINE     ? 'C9 H21 N2 O2 1' 189.275 
MET 'L-peptide linking' y METHIONINE            ? 'C5 H11 N O2 S'  149.211 
PHE 'L-peptide linking' y PHENYLALANINE         ? 'C9 H11 N O2'    165.189 
PRO 'L-peptide linking' y PROLINE               ? 'C5 H9 N O2'     115.130 
SER 'L-peptide linking' y SERINE                ? 'C3 H7 N O3'     105.093 
SO4 non-polymer         . 'SULFATE ION'         ? 'O4 S -2'        96.063  
THR 'L-peptide linking' y THREONINE             ? 'C4 H9 N O3'     119.119 
TRP 'L-peptide linking' y TRYPTOPHAN            ? 'C11 H12 N2 O2'  204.225 
TYR 'L-peptide linking' y TYROSINE              ? 'C9 H11 N O3'    181.189 
UNX non-polymer         . 'UNKNOWN ATOM OR ION' ? ?                ?       
VAL 'L-peptide linking' y VALINE                ? 'C5 H11 N O2'    117.146 
# 
_exptl.crystals_number   1 
_exptl.entry_id          3QJ6 
_exptl.method            'X-RAY DIFFRACTION' 
# 
_exptl_crystal.id                    1 
_exptl_crystal.density_percent_sol   60.0 
_exptl_crystal.density_Matthews      3.1 
_exptl_crystal.density_meas          ? 
_exptl_crystal.description           ? 
_exptl_crystal.F_000                 ? 
_exptl_crystal.preparation           ? 
# 
_exptl_crystal_grow.crystal_id      1 
_exptl_crystal_grow.method          'VAPOR DIFFUSION' 
_exptl_crystal_grow.pH              ? 
_exptl_crystal_grow.temp            293 
_exptl_crystal_grow.pdbx_details    
;2.0M ammonium sulfate, 5% isopropanol. Protein was pre-incubated with 5 equivalents of peptide ligand, VAPOR DIFFUSION, temperature 293K
;
_exptl_crystal_grow.temp_details    ? 
_exptl_crystal_grow.pdbx_pH_range   ? 
# 
_diffrn.id                     1 
_diffrn.ambient_temp           100 
_diffrn.ambient_temp_details   ? 
_diffrn.crystal_id             1 
# 
_diffrn_detector.diffrn_id              1 
_diffrn_detector.detector               CCD 
_diffrn_detector.type                   'ADSC QUANTUM 315' 
_diffrn_detector.pdbx_collection_date   2009-04-08 
_diffrn_detector.details                ? 
# 
_diffrn_radiation.diffrn_id                        1 
_diffrn_radiation.pdbx_diffrn_protocol             'SINGLE WAVELENGTH' 
_diffrn_radiation.monochromator                    ? 
_diffrn_radiation.wavelength_id                    1 
_diffrn_radiation.pdbx_monochromatic_or_laue_m_l   M 
_diffrn_radiation.pdbx_scattering_type             x-ray 
# 
_diffrn_radiation_wavelength.id           1 
_diffrn_radiation_wavelength.wavelength   0.97944 
_diffrn_radiation_wavelength.wt           1.0 
# 
_diffrn_source.diffrn_id                   1 
_diffrn_source.source                      SYNCHROTRON 
_diffrn_source.type                        'APS BEAMLINE 24-ID-C' 
_diffrn_source.pdbx_wavelength_list        0.97944 
_diffrn_source.pdbx_wavelength             ? 
_diffrn_source.pdbx_synchrotron_site       APS 
_diffrn_source.pdbx_synchrotron_beamline   24-ID-C 
# 
_reflns.entry_id                     3QJ6 
_reflns.d_resolution_high            2.300 
_reflns.d_resolution_low             40.000 
_reflns.number_obs                   6094 
_reflns.pdbx_Rmerge_I_obs            0.085 
_reflns.pdbx_netI_over_sigmaI        11.600 
_reflns.pdbx_chi_squared             1.953 
_reflns.pdbx_redundancy              10.800 
_reflns.percent_possible_obs         100.000 
_reflns.observed_criterion_sigma_F   ? 
_reflns.observed_criterion_sigma_I   ? 
_reflns.number_all                   ? 
_reflns.pdbx_Rsym_value              ? 
_reflns.B_iso_Wilson_estimate        ? 
_reflns.R_free_details               ? 
_reflns.limit_h_max                  ? 
_reflns.limit_h_min                  ? 
_reflns.limit_k_max                  ? 
_reflns.limit_k_min                  ? 
_reflns.limit_l_max                  ? 
_reflns.limit_l_min                  ? 
_reflns.observed_criterion_F_max     ? 
_reflns.observed_criterion_F_min     ? 
_reflns.pdbx_scaling_rejects         ? 
_reflns.pdbx_ordinal                 1 
_reflns.pdbx_diffrn_id               1 
# 
loop_
_reflns_shell.d_res_high 
_reflns_shell.d_res_low 
_reflns_shell.number_measured_obs 
_reflns_shell.number_measured_all 
_reflns_shell.number_unique_obs 
_reflns_shell.Rmerge_I_obs 
_reflns_shell.meanI_over_sigI_obs 
_reflns_shell.pdbx_Rsym_value 
_reflns_shell.pdbx_chi_squared 
_reflns_shell.pdbx_redundancy 
_reflns_shell.percent_possible_obs 
_reflns_shell.number_unique_all 
_reflns_shell.percent_possible_all 
_reflns_shell.pdbx_ordinal 
_reflns_shell.pdbx_diffrn_id 
2.300 2.340  ? ? ? 0.466 ? ? 0.930 10.400 ? 313 100.000 1  1 
2.340 2.380  ? ? ? 0.442 ? ? 0.921 11.200 ? 291 100.000 2  1 
2.380 2.430  ? ? ? 0.399 ? ? 0.954 11.000 ? 292 100.000 3  1 
2.430 2.480  ? ? ? 0.363 ? ? 1.018 11.200 ? 310 100.000 4  1 
2.480 2.530  ? ? ? 0.341 ? ? 0.991 11.100 ? 299 100.000 5  1 
2.530 2.590  ? ? ? 0.278 ? ? 1.141 11.100 ? 304 100.000 6  1 
2.590 2.660  ? ? ? 0.248 ? ? 1.064 11.100 ? 299 100.000 7  1 
2.660 2.730  ? ? ? 0.212 ? ? 1.154 11.100 ? 298 100.000 8  1 
2.730 2.810  ? ? ? 0.154 ? ? 1.262 11.100 ? 303 100.000 9  1 
2.810 2.900  ? ? ? 0.158 ? ? 1.284 11.100 ? 303 100.000 10 1 
2.900 3.000  ? ? ? 0.121 ? ? 1.438 11.000 ? 308 100.000 11 1 
3.000 3.120  ? ? ? 0.108 ? ? 1.494 11.100 ? 301 100.000 12 1 
3.120 3.260  ? ? ? 0.105 ? ? 1.955 11.000 ? 307 100.000 13 1 
3.260 3.440  ? ? ? 0.083 ? ? 2.197 11.000 ? 305 100.000 14 1 
3.440 3.650  ? ? ? 0.074 ? ? 2.479 10.900 ? 294 100.000 15 1 
3.650 3.930  ? ? ? 0.071 ? ? 2.911 10.700 ? 312 100.000 16 1 
3.930 4.330  ? ? ? 0.063 ? ? 3.058 10.600 ? 309 100.000 17 1 
4.330 4.950  ? ? ? 0.053 ? ? 2.604 10.500 ? 301 100.000 18 1 
4.950 6.240  ? ? ? 0.048 ? ? 2.085 10.200 ? 319 100.000 19 1 
6.240 40.000 ? ? ? 0.053 ? ? 8.470 9.900  ? 326 99.700  20 1 
# 
_refine.entry_id                                 3QJ6 
_refine.ls_d_res_high                            2.3000 
_refine.ls_d_res_low                             37.4680 
_refine.pdbx_ls_sigma_F                          0.000 
_refine.pdbx_data_cutoff_high_absF               ? 
_refine.pdbx_data_cutoff_low_absF                ? 
_refine.ls_percent_reflns_obs                    99.8020 
_refine.ls_number_reflns_obs                     6063 
_refine.ls_number_reflns_all                     ? 
_refine.pdbx_ls_cross_valid_method               THROUGHOUT 
_refine.pdbx_R_Free_selection_details            RANDOM 
_refine.details                                  
;HYDROGENS HAVE BEEN ADDED IN THE RIDING POSITIONS U VALUES      : WITH TLS ADDED. The program COOT and the MOLPROBITY server were also used.
;
_refine.ls_R_factor_all                          ? 
_refine.ls_R_factor_obs                          0.2360 
_refine.ls_R_factor_R_work                       0.2337 
_refine.ls_wR_factor_R_work                      0.2320 
_refine.ls_R_factor_R_free                       0.2760 
_refine.ls_wR_factor_R_free                      0.2850 
_refine.ls_percent_reflns_R_free                 4.6350 
_refine.ls_number_reflns_R_free                  281 
_refine.ls_R_factor_R_free_error                 ? 
_refine.B_iso_mean                               37.0220 
_refine.solvent_model_param_bsol                 ? 
_refine.solvent_model_param_ksol                 ? 
_refine.pdbx_isotropic_thermal_model             ? 
_refine.aniso_B[1][1]                            1.7070 
_refine.aniso_B[2][2]                            1.7070 
_refine.aniso_B[3][3]                            -2.5600 
_refine.aniso_B[1][2]                            0.8530 
_refine.aniso_B[1][3]                            0.0000 
_refine.aniso_B[2][3]                            0.0000 
_refine.correlation_coeff_Fo_to_Fc               0.9210 
_refine.correlation_coeff_Fo_to_Fc_free          0.9050 
_refine.overall_SU_R_Cruickshank_DPI             ? 
_refine.overall_SU_R_free                        ? 
_refine.pdbx_overall_ESU_R_Free                  0.2370 
_refine.overall_SU_ML                            0.1930 
_refine.overall_SU_B                             17.3070 
_refine.solvent_model_details                    'MASK BULK SOLVENT' 
_refine.pdbx_solvent_vdw_probe_radii             1.4000 
_refine.pdbx_solvent_ion_probe_radii             0.8000 
_refine.pdbx_solvent_shrinkage_radii             0.8000 
_refine.ls_number_parameters                     ? 
_refine.ls_number_restraints                     ? 
_refine.pdbx_starting_model                      'pdb entry 3eae' 
_refine.pdbx_method_to_determine_struct          'MOLECULAR REPLACEMENT' 
_refine.pdbx_stereochemistry_target_values       'MAXIMUM LIKELIHOOD' 
_refine.pdbx_stereochem_target_val_spec_case     ? 
_refine.overall_FOM_work_R_set                   ? 
_refine.B_iso_max                                85.840 
_refine.B_iso_min                                17.730 
_refine.occupancy_max                            1.000 
_refine.occupancy_min                            0.500 
_refine.pdbx_ls_sigma_I                          ? 
_refine.ls_redundancy_reflns_obs                 ? 
_refine.ls_R_factor_R_free_error_details         ? 
_refine.pdbx_data_cutoff_high_rms_absF           ? 
_refine.overall_FOM_free_R_set                   ? 
_refine.pdbx_overall_phase_error                 ? 
_refine.pdbx_refine_id                           'X-RAY DIFFRACTION' 
_refine.pdbx_overall_ESU_R                       ? 
_refine.pdbx_diffrn_id                           1 
_refine.pdbx_TLS_residual_ADP_flag               ? 
_refine.pdbx_overall_SU_R_free_Cruickshank_DPI   ? 
_refine.pdbx_overall_SU_R_Blow_DPI               ? 
_refine.pdbx_overall_SU_R_free_Blow_DPI          ? 
# 
_refine_hist.pdbx_refine_id                   'X-RAY DIFFRACTION' 
_refine_hist.cycle_id                         LAST 
_refine_hist.pdbx_number_atoms_protein        764 
_refine_hist.pdbx_number_atoms_nucleic_acid   0 
_refine_hist.pdbx_number_atoms_ligand         7 
_refine_hist.number_atoms_solvent             10 
_refine_hist.number_atoms_total               781 
_refine_hist.d_res_high                       2.3000 
_refine_hist.d_res_low                        37.4680 
# 
loop_
_refine_ls_restr.type 
_refine_ls_restr.number 
_refine_ls_restr.dev_ideal 
_refine_ls_restr.dev_ideal_target 
_refine_ls_restr.weight 
_refine_ls_restr.pdbx_refine_id 
_refine_ls_restr.pdbx_restraint_function 
r_bond_refined_d       799  0.011  0.022  ? 'X-RAY DIFFRACTION' ? 
r_bond_other_d         562  0.001  0.020  ? 'X-RAY DIFFRACTION' ? 
r_angle_refined_deg    1085 1.173  1.956  ? 'X-RAY DIFFRACTION' ? 
r_angle_other_deg      1359 0.792  3.000  ? 'X-RAY DIFFRACTION' ? 
r_dihedral_angle_1_deg 92   6.758  5.000  ? 'X-RAY DIFFRACTION' ? 
r_dihedral_angle_2_deg 39   30.778 23.846 ? 'X-RAY DIFFRACTION' ? 
r_dihedral_angle_3_deg 107  13.072 15.000 ? 'X-RAY DIFFRACTION' ? 
r_dihedral_angle_4_deg 2    14.903 15.000 ? 'X-RAY DIFFRACTION' ? 
r_chiral_restr         100  0.070  0.200  ? 'X-RAY DIFFRACTION' ? 
r_gen_planes_refined   880  0.005  0.022  ? 'X-RAY DIFFRACTION' ? 
r_gen_planes_other     172  0.001  0.020  ? 'X-RAY DIFFRACTION' ? 
r_mcbond_it            477  0.419  1.500  ? 'X-RAY DIFFRACTION' ? 
r_mcbond_other         186  0.069  1.500  ? 'X-RAY DIFFRACTION' ? 
r_mcangle_it           759  0.783  2.000  ? 'X-RAY DIFFRACTION' ? 
r_scbond_it            322  1.079  3.000  ? 'X-RAY DIFFRACTION' ? 
r_scangle_it           326  1.708  4.500  ? 'X-RAY DIFFRACTION' ? 
# 
loop_
_refine_ls_shell.pdbx_total_number_of_bins_used 
_refine_ls_shell.d_res_low 
_refine_ls_shell.d_res_high 
_refine_ls_shell.number_reflns_all 
_refine_ls_shell.percent_reflns_obs 
_refine_ls_shell.number_reflns_R_work 
_refine_ls_shell.R_factor_R_work 
_refine_ls_shell.number_reflns_R_free 
_refine_ls_shell.R_factor_R_free 
_refine_ls_shell.number_reflns_obs 
_refine_ls_shell.R_factor_R_free_error 
_refine_ls_shell.percent_reflns_R_free 
_refine_ls_shell.redundancy_reflns_obs 
_refine_ls_shell.R_factor_all 
_refine_ls_shell.pdbx_refine_id 
20 2.360  2.300 448 100.000 431 0.303 17 0.403 . . . . . 'X-RAY DIFFRACTION' 
20 2.424  2.360 433 99.538  406 0.303 25 0.310 . . . . . 'X-RAY DIFFRACTION' 
20 2.494  2.424 421 99.762  400 0.275 20 0.273 . . . . . 'X-RAY DIFFRACTION' 
20 2.570  2.494 401 99.751  381 0.280 19 0.299 . . . . . 'X-RAY DIFFRACTION' 
20 2.654  2.570 401 99.751  383 0.258 17 0.366 . . . . . 'X-RAY DIFFRACTION' 
20 2.747  2.654 380 100.000 363 0.245 17 0.334 . . . . . 'X-RAY DIFFRACTION' 
20 2.850  2.747 373 99.732  351 0.215 21 0.202 . . . . . 'X-RAY DIFFRACTION' 
20 2.966  2.850 362 99.448  344 0.223 16 0.240 . . . . . 'X-RAY DIFFRACTION' 
20 3.097  2.966 331 100.000 321 0.266 10 0.283 . . . . . 'X-RAY DIFFRACTION' 
20 3.247  3.097 337 99.407  317 0.259 18 0.335 . . . . . 'X-RAY DIFFRACTION' 
20 3.421  3.247 318 100.000 301 0.232 17 0.276 . . . . . 'X-RAY DIFFRACTION' 
20 3.626  3.421 283 100.000 265 0.218 18 0.299 . . . . . 'X-RAY DIFFRACTION' 
20 3.874  3.626 286 100.000 272 0.197 14 0.201 . . . . . 'X-RAY DIFFRACTION' 
20 4.181  3.874 263 100.000 253 0.196 10 0.366 . . . . . 'X-RAY DIFFRACTION' 
20 4.574  4.181 240 100.000 230 0.184 10 0.160 . . . . . 'X-RAY DIFFRACTION' 
20 5.105  4.574 216 99.537  210 0.207 5  0.311 . . . . . 'X-RAY DIFFRACTION' 
20 5.876  5.105 197 100.000 188 0.219 9  0.224 . . . . . 'X-RAY DIFFRACTION' 
20 7.153  5.876 169 99.408  162 0.221 6  0.222 . . . . . 'X-RAY DIFFRACTION' 
20 9.936  7.153 132 100.000 126 0.247 6  0.449 . . . . . 'X-RAY DIFFRACTION' 
20 37.468 9.936 84  100.000 78  0.395 6  0.279 . . . . . 'X-RAY DIFFRACTION' 
# 
_struct.entry_id                  3QJ6 
_struct.title                     
'The crystal structure of PWWP domain of human Hepatoma-derived growth factor 2 in complex with H3K79me3 peptide' 
_struct.pdbx_model_details        ? 
_struct.pdbx_CASP_flag            ? 
_struct.pdbx_model_type_details   ? 
# 
_struct_keywords.entry_id        3QJ6 
_struct_keywords.text            
'structural genomics consortium, histone, SGC, PROTEIN BINDING PROTEIN, PROTEIN BINDING- NUCLEAR PROTEIN complex' 
_struct_keywords.pdbx_keywords   'PROTEIN BINDING/ NUCLEAR PROTEIN' 
# 
loop_
_struct_asym.id 
_struct_asym.pdbx_blank_PDB_chainid_flag 
_struct_asym.pdbx_modified 
_struct_asym.entity_id 
_struct_asym.details 
A N N 1 ? 
B N N 2 ? 
C N N 3 ? 
D N N 4 ? 
E N N 4 ? 
F N N 5 ? 
# 
_struct_biol.id        1 
_struct_biol.details   ? 
# 
loop_
_struct_conf.conf_type_id 
_struct_conf.id 
_struct_conf.pdbx_PDB_helix_id 
_struct_conf.beg_label_comp_id 
_struct_conf.beg_label_asym_id 
_struct_conf.beg_label_seq_id 
_struct_conf.pdbx_beg_PDB_ins_code 
_struct_conf.end_label_comp_id 
_struct_conf.end_label_asym_id 
_struct_conf.end_label_seq_id 
_struct_conf.pdbx_end_PDB_ins_code 
_struct_conf.beg_auth_comp_id 
_struct_conf.beg_auth_asym_id 
_struct_conf.beg_auth_seq_id 
_struct_conf.end_auth_comp_id 
_struct_conf.end_auth_asym_id 
_struct_conf.end_auth_seq_id 
_struct_conf.pdbx_PDB_helix_class 
_struct_conf.details 
_struct_conf.pdbx_PDB_helix_length 
HELX_P HELX_P1 1 GLY A 55 ? LYS A 57 ? GLY A 54 LYS A 56 5 ? 3  
HELX_P HELX_P2 2 TYR A 62 ? GLY A 70 ? TYR A 61 GLY A 69 1 ? 9  
HELX_P HELX_P3 3 GLY A 77 ? ASN A 88 ? GLY A 76 ASN A 87 1 ? 12 
# 
_struct_conf_type.id          HELX_P 
_struct_conf_type.criteria    ? 
_struct_conf_type.reference   ? 
# 
loop_
_struct_conn.id 
_struct_conn.conn_type_id 
_struct_conn.pdbx_leaving_atom_flag 
_struct_conn.pdbx_PDB_id 
_struct_conn.ptnr1_label_asym_id 
_struct_conn.ptnr1_label_comp_id 
_struct_conn.ptnr1_label_seq_id 
_struct_conn.ptnr1_label_atom_id 
_struct_conn.pdbx_ptnr1_label_alt_id 
_struct_conn.pdbx_ptnr1_PDB_ins_code 
_struct_conn.pdbx_ptnr1_standard_comp_id 
_struct_conn.ptnr1_symmetry 
_struct_conn.ptnr2_label_asym_id 
_struct_conn.ptnr2_label_comp_id 
_struct_conn.ptnr2_label_seq_id 
_struct_conn.ptnr2_label_atom_id 
_struct_conn.pdbx_ptnr2_label_alt_id 
_struct_conn.pdbx_ptnr2_PDB_ins_code 
_struct_conn.ptnr1_auth_asym_id 
_struct_conn.ptnr1_auth_comp_id 
_struct_conn.ptnr1_auth_seq_id 
_struct_conn.ptnr2_auth_asym_id 
_struct_conn.ptnr2_auth_comp_id 
_struct_conn.ptnr2_auth_seq_id 
_struct_conn.ptnr2_symmetry 
_struct_conn.pdbx_ptnr3_label_atom_id 
_struct_conn.pdbx_ptnr3_label_seq_id 
_struct_conn.pdbx_ptnr3_label_comp_id 
_struct_conn.pdbx_ptnr3_label_asym_id 
_struct_conn.pdbx_ptnr3_label_alt_id 
_struct_conn.pdbx_ptnr3_PDB_ins_code 
_struct_conn.details 
_struct_conn.pdbx_dist_value 
_struct_conn.pdbx_value_order 
_struct_conn.pdbx_role 
covale1 covale both ? B PHE 6 C ? ? ? 1_555 B M3L 7 N ? ? T PHE 78 T M3L 79 1_555 ? ? ? ? ? ? ? 1.329 ? ? 
covale2 covale both ? B M3L 7 C ? ? ? 1_555 B THR 8 N ? ? T M3L 79 T THR 80 1_555 ? ? ? ? ? ? ? 1.343 ? ? 
# 
_struct_conn_type.id          covale 
_struct_conn_type.criteria    ? 
_struct_conn_type.reference   ? 
# 
_struct_sheet.id               A 
_struct_sheet.type             ? 
_struct_sheet.number_strands   5 
_struct_sheet.details          ? 
# 
loop_
_struct_sheet_order.sheet_id 
_struct_sheet_order.range_id_1 
_struct_sheet_order.range_id_2 
_struct_sheet_order.offset 
_struct_sheet_order.sense 
A 1 2 ? anti-parallel 
A 2 3 ? anti-parallel 
A 3 4 ? anti-parallel 
A 4 5 ? anti-parallel 
# 
loop_
_struct_sheet_range.sheet_id 
_struct_sheet_range.id 
_struct_sheet_range.beg_label_comp_id 
_struct_sheet_range.beg_label_asym_id 
_struct_sheet_range.beg_label_seq_id 
_struct_sheet_range.pdbx_beg_PDB_ins_code 
_struct_sheet_range.end_label_comp_id 
_struct_sheet_range.end_label_asym_id 
_struct_sheet_range.end_label_seq_id 
_struct_sheet_range.pdbx_end_PDB_ins_code 
_struct_sheet_range.beg_auth_comp_id 
_struct_sheet_range.beg_auth_asym_id 
_struct_sheet_range.beg_auth_seq_id 
_struct_sheet_range.end_auth_comp_id 
_struct_sheet_range.end_auth_asym_id 
_struct_sheet_range.end_auth_seq_id 
A 1 THR A 51 ? LEU A 54 ? THR A 50 LEU A 53 
A 2 TYR A 41 ? PHE A 45 ? TYR A 40 PHE A 44 
A 3 TRP A 22 ? ILE A 26 ? TRP A 21 ILE A 25 
A 4 LEU A 11 ? ALA A 14 ? LEU A 10 ALA A 13 
A 5 LEU A 59 ? PRO A 61 ? LEU A 58 PRO A 60 
# 
loop_
_pdbx_struct_sheet_hbond.sheet_id 
_pdbx_struct_sheet_hbond.range_id_1 
_pdbx_struct_sheet_hbond.range_id_2 
_pdbx_struct_sheet_hbond.range_1_label_atom_id 
_pdbx_struct_sheet_hbond.range_1_label_comp_id 
_pdbx_struct_sheet_hbond.range_1_label_asym_id 
_pdbx_struct_sheet_hbond.range_1_label_seq_id 
_pdbx_struct_sheet_hbond.range_1_PDB_ins_code 
_pdbx_struct_sheet_hbond.range_1_auth_atom_id 
_pdbx_struct_sheet_hbond.range_1_auth_comp_id 
_pdbx_struct_sheet_hbond.range_1_auth_asym_id 
_pdbx_struct_sheet_hbond.range_1_auth_seq_id 
_pdbx_struct_sheet_hbond.range_2_label_atom_id 
_pdbx_struct_sheet_hbond.range_2_label_comp_id 
_pdbx_struct_sheet_hbond.range_2_label_asym_id 
_pdbx_struct_sheet_hbond.range_2_label_seq_id 
_pdbx_struct_sheet_hbond.range_2_PDB_ins_code 
_pdbx_struct_sheet_hbond.range_2_auth_atom_id 
_pdbx_struct_sheet_hbond.range_2_auth_comp_id 
_pdbx_struct_sheet_hbond.range_2_auth_asym_id 
_pdbx_struct_sheet_hbond.range_2_auth_seq_id 
A 1 2 O ALA A 52 ? O ALA A 51 N ILE A 43 ? N ILE A 42 
A 2 3 O PHE A 44 ? O PHE A 43 N ARG A 25 ? N ARG A 24 
A 3 4 O TRP A 22 ? O TRP A 21 N ALA A 14 ? N ALA A 13 
A 4 5 N PHE A 13 ? N PHE A 12 O PHE A 60 ? O PHE A 59 
# 
_struct_site.id                   AC1 
_struct_site.pdbx_evidence_code   Software 
_struct_site.pdbx_auth_asym_id    A 
_struct_site.pdbx_auth_comp_id    SO4 
_struct_site.pdbx_auth_seq_id     94 
_struct_site.pdbx_auth_ins_code   ? 
_struct_site.pdbx_num_residues    2 
_struct_site.details              'BINDING SITE FOR RESIDUE SO4 A 94' 
# 
loop_
_struct_site_gen.id 
_struct_site_gen.site_id 
_struct_site_gen.pdbx_num_res 
_struct_site_gen.label_comp_id 
_struct_site_gen.label_asym_id 
_struct_site_gen.label_seq_id 
_struct_site_gen.pdbx_auth_ins_code 
_struct_site_gen.auth_comp_id 
_struct_site_gen.auth_asym_id 
_struct_site_gen.auth_seq_id 
_struct_site_gen.label_atom_id 
_struct_site_gen.label_alt_id 
_struct_site_gen.symmetry 
_struct_site_gen.details 
1 AC1 2 LYS A 15 ? LYS A 14 . ? 1_555 ? 
2 AC1 2 GLY A 18 ? GLY A 17 . ? 1_555 ? 
# 
_atom_sites.entry_id                    3QJ6 
_atom_sites.fract_transf_matrix[1][1]   0.01141352 
_atom_sites.fract_transf_matrix[1][2]   0.00635536 
_atom_sites.fract_transf_matrix[1][3]   -0.00817295 
_atom_sites.fract_transf_matrix[2][1]   -0.00171628 
_atom_sites.fract_transf_matrix[2][2]   0.00229288 
_atom_sites.fract_transf_matrix[2][3]   -0.01514151 
_atom_sites.fract_transf_matrix[3][1]   -0.00902239 
_atom_sites.fract_transf_matrix[3][2]   0.02175488 
_atom_sites.fract_transf_matrix[3][3]   0.00431703 
_atom_sites.fract_transf_vector[1]      0.415363 
_atom_sites.fract_transf_vector[2]      0.398177 
_atom_sites.fract_transf_vector[3]      -0.043075 
# 
loop_
_atom_type.symbol 
C 
N 
O 
S 
X 
# 
loop_
_atom_site.group_PDB 
_atom_site.id 
_atom_site.type_symbol 
_atom_site.label_atom_id 
_atom_site.label_alt_id 
_atom_site.label_comp_id 
_atom_site.label_asym_id 
_atom_site.label_entity_id 
_atom_site.label_seq_id 
_atom_site.pdbx_PDB_ins_code 
_atom_site.Cartn_x 
_atom_site.Cartn_y 
_atom_site.Cartn_z 
_atom_site.occupancy 
_atom_site.B_iso_or_equiv 
_atom_site.pdbx_formal_charge 
_atom_site.auth_seq_id 
_atom_site.auth_comp_id 
_atom_site.auth_asym_id 
_atom_site.auth_atom_id 
_atom_site.pdbx_PDB_model_num 
ATOM   1   N N   . PRO A 1 3  ? 9.264   1.739   -17.882 1.00 76.41 ? 2   PRO A N   1 
ATOM   2   C CA  . PRO A 1 3  ? 8.909   1.877   -16.472 1.00 68.96 ? 2   PRO A CA  1 
ATOM   3   C C   . PRO A 1 3  ? 10.095  2.209   -15.563 1.00 67.29 ? 2   PRO A C   1 
ATOM   4   O O   . PRO A 1 3  ? 11.248  1.893   -15.881 1.00 70.84 ? 2   PRO A O   1 
ATOM   5   C CB  . PRO A 1 3  ? 8.324   0.511   -16.132 1.00 65.61 ? 2   PRO A CB  1 
ATOM   6   C CG  . PRO A 1 3  ? 7.656   0.097   -17.393 1.00 70.45 ? 2   PRO A CG  1 
ATOM   7   C CD  . PRO A 1 3  ? 8.402   0.752   -18.552 1.00 77.80 ? 2   PRO A CD  1 
ATOM   8   N N   . HIS A 1 4  ? 9.777   2.836   -14.436 1.00 62.19 ? 3   HIS A N   1 
ATOM   9   C CA  . HIS A 1 4  ? 10.755  3.471   -13.579 1.00 61.55 ? 3   HIS A CA  1 
ATOM   10  C C   . HIS A 1 4  ? 10.646  2.854   -12.208 1.00 55.26 ? 3   HIS A C   1 
ATOM   11  O O   . HIS A 1 4  ? 9.777   2.020   -11.962 1.00 51.03 ? 3   HIS A O   1 
ATOM   12  C CB  . HIS A 1 4  ? 10.479  4.980   -13.512 1.00 63.36 ? 3   HIS A CB  1 
ATOM   13  C CG  . HIS A 1 4  ? 10.056  5.578   -14.829 1.00 69.21 ? 3   HIS A CG  1 
ATOM   14  N ND1 . HIS A 1 4  ? 8.732   5.770   -15.169 1.00 68.30 ? 3   HIS A ND1 1 
ATOM   15  C CD2 . HIS A 1 4  ? 10.784  6.008   -15.890 1.00 76.79 ? 3   HIS A CD2 1 
ATOM   16  C CE1 . HIS A 1 4  ? 8.662   6.299   -16.380 1.00 75.45 ? 3   HIS A CE1 1 
ATOM   17  N NE2 . HIS A 1 4  ? 9.892   6.454   -16.840 1.00 80.55 ? 3   HIS A NE2 1 
ATOM   18  N N   . ALA A 1 5  ? 11.542  3.246   -11.316 1.00 54.82 ? 4   ALA A N   1 
ATOM   19  C CA  . ALA A 1 5  ? 11.547  2.698   -9.977  1.00 50.34 ? 4   ALA A CA  1 
ATOM   20  C C   . ALA A 1 5  ? 10.432  3.341   -9.201  1.00 46.37 ? 4   ALA A C   1 
ATOM   21  O O   . ALA A 1 5  ? 9.964   4.422   -9.547  1.00 47.71 ? 4   ALA A O   1 
ATOM   22  C CB  . ALA A 1 5  ? 12.883  2.939   -9.293  1.00 52.64 ? 4   ALA A CB  1 
ATOM   23  N N   . PHE A 1 6  ? 9.994   2.664   -8.157  1.00 42.27 ? 5   PHE A N   1 
ATOM   24  C CA  . PHE A 1 6  ? 8.988   3.208   -7.281  1.00 39.09 ? 5   PHE A CA  1 
ATOM   25  C C   . PHE A 1 6  ? 9.545   4.425   -6.566  1.00 40.78 ? 5   PHE A C   1 
ATOM   26  O O   . PHE A 1 6  ? 10.730  4.486   -6.235  1.00 43.66 ? 5   PHE A O   1 
ATOM   27  C CB  . PHE A 1 6  ? 8.538   2.165   -6.259  1.00 35.94 ? 5   PHE A CB  1 
ATOM   28  C CG  . PHE A 1 6  ? 7.613   1.119   -6.825  1.00 34.38 ? 5   PHE A CG  1 
ATOM   29  C CD1 . PHE A 1 6  ? 6.323   1.456   -7.206  1.00 33.12 ? 5   PHE A CD1 1 
ATOM   30  C CD2 . PHE A 1 6  ? 8.031   -0.201  -6.967  1.00 35.18 ? 5   PHE A CD2 1 
ATOM   31  C CE1 . PHE A 1 6  ? 5.471   0.501   -7.708  1.00 33.08 ? 5   PHE A CE1 1 
ATOM   32  C CE2 . PHE A 1 6  ? 7.183   -1.165  -7.487  1.00 35.16 ? 5   PHE A CE2 1 
ATOM   33  C CZ  . PHE A 1 6  ? 5.907   -0.824  -7.853  1.00 33.52 ? 5   PHE A CZ  1 
ATOM   34  N N   . LYS A 1 7  ? 8.679   5.397   -6.342  1.00 39.87 ? 6   LYS A N   1 
ATOM   35  C CA  . LYS A 1 7  ? 9.060   6.653   -5.706  1.00 42.10 ? 6   LYS A CA  1 
ATOM   36  C C   . LYS A 1 7  ? 7.924   7.053   -4.792  1.00 38.69 ? 6   LYS A C   1 
ATOM   37  O O   . LYS A 1 7  ? 6.775   6.687   -5.053  1.00 35.96 ? 6   LYS A O   1 
ATOM   38  C CB  . LYS A 1 7  ? 9.321   7.737   -6.761  1.00 46.64 ? 6   LYS A CB  1 
ATOM   39  C CG  . LYS A 1 7  ? 8.157   7.923   -7.756  1.00 46.66 ? 6   LYS A CG  1 
ATOM   40  C CD  . LYS A 1 7  ? 8.513   8.860   -8.920  1.00 52.43 ? 6   LYS A CD  1 
ATOM   41  C CE  . LYS A 1 7  ? 7.249   9.414   -9.578  1.00 52.57 ? 6   LYS A CE  1 
ATOM   42  N NZ  . LYS A 1 7  ? 6.209   8.360   -9.833  1.00 48.56 ? 6   LYS A NZ  1 
ATOM   43  N N   . PRO A 1 8  ? 8.225   7.804   -3.716  1.00 39.69 ? 7   PRO A N   1 
ATOM   44  C CA  . PRO A 1 8  ? 7.171   8.148   -2.754  1.00 37.35 ? 7   PRO A CA  1 
ATOM   45  C C   . PRO A 1 8  ? 5.952   8.740   -3.445  1.00 35.84 ? 7   PRO A C   1 
ATOM   46  O O   . PRO A 1 8  ? 6.087   9.495   -4.392  1.00 38.77 ? 7   PRO A O   1 
ATOM   47  C CB  . PRO A 1 8  ? 7.851   9.179   -1.841  1.00 41.06 ? 7   PRO A CB  1 
ATOM   48  C CG  . PRO A 1 8  ? 9.284   8.862   -1.931  1.00 43.88 ? 7   PRO A CG  1 
ATOM   49  C CD  . PRO A 1 8  ? 9.509   8.431   -3.351  1.00 44.18 ? 7   PRO A CD  1 
ATOM   50  N N   . GLY A 1 9  ? 4.778   8.369   -2.975  1.00 32.57 ? 8   GLY A N   1 
ATOM   51  C CA  . GLY A 1 9  ? 3.524   8.797   -3.578  1.00 31.72 ? 8   GLY A CA  1 
ATOM   52  C C   . GLY A 1 9  ? 2.930   7.834   -4.590  1.00 29.87 ? 8   GLY A C   1 
ATOM   53  O O   . GLY A 1 9  ? 1.771   7.971   -4.937  1.00 29.92 ? 8   GLY A O   1 
ATOM   54  N N   . ASP A 1 10 ? 3.706   6.876   -5.095  1.00 29.43 ? 9   ASP A N   1 
ATOM   55  C CA  . ASP A 1 10 ? 3.161   5.912   -6.066  1.00 28.37 ? 9   ASP A CA  1 
ATOM   56  C C   . ASP A 1 10 ? 2.149   4.980   -5.398  1.00 24.83 ? 9   ASP A C   1 
ATOM   57  O O   . ASP A 1 10 ? 2.355   4.519   -4.273  1.00 22.55 ? 9   ASP A O   1 
ATOM   58  C CB  . ASP A 1 10 ? 4.266   5.081   -6.705  1.00 29.67 ? 9   ASP A CB  1 
ATOM   59  C CG  . ASP A 1 10 ? 5.082   5.861   -7.700  1.00 34.59 ? 9   ASP A CG  1 
ATOM   60  O OD1 . ASP A 1 10 ? 4.601   6.906   -8.221  1.00 38.16 ? 9   ASP A OD1 1 
ATOM   61  O OD2 . ASP A 1 10 ? 6.207   5.405   -7.980  1.00 37.26 ? 9   ASP A OD2 1 
ATOM   62  N N   . LEU A 1 11 ? 1.058   4.710   -6.111  1.00 24.42 ? 10  LEU A N   1 
ATOM   63  C CA  . LEU A 1 11 ? -0.033  3.905   -5.587  1.00 22.23 ? 10  LEU A CA  1 
ATOM   64  C C   . LEU A 1 11 ? 0.118   2.492   -6.075  1.00 22.64 ? 10  LEU A C   1 
ATOM   65  O O   . LEU A 1 11 ? 0.429   2.253   -7.244  1.00 25.02 ? 10  LEU A O   1 
ATOM   66  C CB  . LEU A 1 11 ? -1.376  4.498   -6.024  1.00 23.14 ? 10  LEU A CB  1 
ATOM   67  C CG  . LEU A 1 11 ? -1.585  5.972   -5.628  1.00 22.13 ? 10  LEU A CG  1 
ATOM   68  C CD1 . LEU A 1 11 ? -2.811  6.547   -6.273  1.00 22.62 ? 10  LEU A CD1 1 
ATOM   69  C CD2 . LEU A 1 11 ? -1.657  6.109   -4.156  1.00 17.76 ? 10  LEU A CD2 1 
ATOM   70  N N   . VAL A 1 12 ? -0.095  1.538   -5.179  1.00 21.84 ? 11  VAL A N   1 
ATOM   71  C CA  . VAL A 1 12 ? 0.140   0.128   -5.493  1.00 22.25 ? 11  VAL A CA  1 
ATOM   72  C C   . VAL A 1 12 ? -0.870  -0.786  -4.799  1.00 22.61 ? 11  VAL A C   1 
ATOM   73  O O   . VAL A 1 12 ? -1.662  -0.320  -3.987  1.00 22.12 ? 11  VAL A O   1 
ATOM   74  C CB  . VAL A 1 12 ? 1.554   -0.276  -5.062  1.00 22.23 ? 11  VAL A CB  1 
ATOM   75  C CG1 . VAL A 1 12 ? 2.591   0.489   -5.856  1.00 23.28 ? 11  VAL A CG1 1 
ATOM   76  C CG2 . VAL A 1 12 ? 1.759   -0.064  -3.544  1.00 19.65 ? 11  VAL A CG2 1 
ATOM   77  N N   . PHE A 1 13 ? -0.856  -2.074  -5.150  1.00 24.51 ? 12  PHE A N   1 
ATOM   78  C CA  . PHE A 1 13 ? -1.403  -3.111  -4.298  1.00 25.98 ? 12  PHE A CA  1 
ATOM   79  C C   . PHE A 1 13 ? -0.225  -3.839  -3.731  1.00 26.11 ? 12  PHE A C   1 
ATOM   80  O O   . PHE A 1 13 ? 0.717   -4.153  -4.459  1.00 27.94 ? 12  PHE A O   1 
ATOM   81  C CB  . PHE A 1 13 ? -2.316  -4.072  -5.049  1.00 28.98 ? 12  PHE A CB  1 
ATOM   82  C CG  . PHE A 1 13 ? -3.552  -3.425  -5.544  1.00 31.86 ? 12  PHE A CG  1 
ATOM   83  C CD1 . PHE A 1 13 ? -4.650  -3.268  -4.708  1.00 33.88 ? 12  PHE A CD1 1 
ATOM   84  C CD2 . PHE A 1 13 ? -3.613  -2.915  -6.834  1.00 34.38 ? 12  PHE A CD2 1 
ATOM   85  C CE1 . PHE A 1 13 ? -5.793  -2.634  -5.155  1.00 34.12 ? 12  PHE A CE1 1 
ATOM   86  C CE2 . PHE A 1 13 ? -4.747  -2.272  -7.278  1.00 35.77 ? 12  PHE A CE2 1 
ATOM   87  C CZ  . PHE A 1 13 ? -5.841  -2.130  -6.437  1.00 35.22 ? 12  PHE A CZ  1 
ATOM   88  N N   . ALA A 1 14 ? -0.276  -4.097  -2.432  1.00 25.63 ? 13  ALA A N   1 
ATOM   89  C CA  . ALA A 1 14 ? 0.863   -4.591  -1.684  1.00 26.14 ? 13  ALA A CA  1 
ATOM   90  C C   . ALA A 1 14 ? 0.498   -5.937  -1.078  1.00 29.03 ? 13  ALA A C   1 
ATOM   91  O O   . ALA A 1 14 ? -0.549  -6.070  -0.463  1.00 30.14 ? 13  ALA A O   1 
ATOM   92  C CB  . ALA A 1 14 ? 1.209   -3.597  -0.607  1.00 24.32 ? 13  ALA A CB  1 
ATOM   93  N N   . LYS A 1 15 ? 1.348   -6.936  -1.258  1.00 31.19 ? 14  LYS A N   1 
ATOM   94  C CA  . LYS A 1 15 ? 1.048   -8.275  -0.776  1.00 34.85 ? 14  LYS A CA  1 
ATOM   95  C C   . LYS A 1 15 ? 1.832   -8.612  0.492   1.00 37.21 ? 14  LYS A C   1 
ATOM   96  O O   . LYS A 1 15 ? 3.064   -8.560  0.514   1.00 36.85 ? 14  LYS A O   1 
ATOM   97  C CB  . LYS A 1 15 ? 1.367   -9.312  -1.867  1.00 37.23 ? 14  LYS A CB  1 
ATOM   98  C CG  . LYS A 1 15 ? 0.962   -10.743 -1.533  1.00 40.05 ? 14  LYS A CG  1 
ATOM   99  C CD  . LYS A 1 15 ? -0.534  -10.864 -1.282  1.00 40.18 ? 14  LYS A CD  1 
ATOM   100 C CE  . LYS A 1 15 ? -0.935  -12.312 -1.010  1.00 46.59 ? 14  LYS A CE  1 
ATOM   101 N NZ  . LYS A 1 15 ? -0.713  -12.701 0.423   1.00 48.32 ? 14  LYS A NZ  1 
ATOM   102 N N   . MET A 1 16 ? 1.119   -8.965  1.550   1.00 40.44 ? 15  MET A N   1 
ATOM   103 C CA  . MET A 1 16 ? 1.772   -9.558  2.709   1.00 44.32 ? 15  MET A CA  1 
ATOM   104 C C   . MET A 1 16 ? 1.261   -10.952 2.961   1.00 49.58 ? 15  MET A C   1 
ATOM   105 O O   . MET A 1 16 ? 0.136   -11.299 2.569   1.00 51.01 ? 15  MET A O   1 
ATOM   106 C CB  . MET A 1 16 ? 1.591   -8.692  3.934   1.00 44.38 ? 15  MET A CB  1 
ATOM   107 C CG  . MET A 1 16 ? 2.490   -7.454  3.901   1.00 42.73 ? 15  MET A CG  1 
ATOM   108 S SD  . MET A 1 16 ? 2.522   -6.550  5.461   1.00 48.29 ? 15  MET A SD  1 
ATOM   109 C CE  . MET A 1 16 ? 3.005   -7.817  6.644   1.00 53.55 ? 15  MET A CE  1 
ATOM   110 N N   . LYS A 1 17 ? 2.117   -11.755 3.593   1.00 53.09 ? 16  LYS A N   1 
ATOM   111 C CA  . LYS A 1 17 ? 1.784   -13.105 3.975   1.00 59.18 ? 16  LYS A CA  1 
ATOM   112 C C   . LYS A 1 17 ? 0.377   -13.156 4.555   1.00 61.28 ? 16  LYS A C   1 
ATOM   113 O O   . LYS A 1 17 ? 0.055   -12.402 5.474   1.00 60.45 ? 16  LYS A O   1 
ATOM   114 C CB  . LYS A 1 17 ? 2.798   -13.632 5.002   1.00 63.20 ? 16  LYS A CB  1 
ATOM   115 C CG  . LYS A 1 17 ? 2.573   -15.089 5.405   1.00 70.25 ? 16  LYS A CG  1 
ATOM   116 C CD  . LYS A 1 17 ? 3.816   -15.746 6.036   1.00 74.45 ? 16  LYS A CD  1 
ATOM   117 C CE  . LYS A 1 17 ? 4.023   -15.344 7.495   1.00 76.75 ? 16  LYS A CE  1 
ATOM   118 N NZ  . LYS A 1 17 ? 5.015   -16.229 8.183   1.00 81.53 ? 16  LYS A NZ  1 
ATOM   119 N N   . GLY A 1 18 ? -0.458  -14.031 3.992   1.00 64.56 ? 17  GLY A N   1 
ATOM   120 C CA  . GLY A 1 18 ? -1.790  -14.319 4.540   1.00 68.20 ? 17  GLY A CA  1 
ATOM   121 C C   . GLY A 1 18 ? -2.838  -13.234 4.367   1.00 64.02 ? 17  GLY A C   1 
ATOM   122 O O   . GLY A 1 18 ? -3.847  -13.241 5.052   1.00 67.10 ? 17  GLY A O   1 
ATOM   123 N N   . TYR A 1 19 ? -2.603  -12.294 3.464   1.00 57.99 ? 18  TYR A N   1 
ATOM   124 C CA  . TYR A 1 19 ? -3.590  -11.235 3.164   1.00 54.45 ? 18  TYR A CA  1 
ATOM   125 C C   . TYR A 1 19 ? -3.723  -11.079 1.659   1.00 51.53 ? 18  TYR A C   1 
ATOM   126 O O   . TYR A 1 19 ? -2.769  -11.327 0.926   1.00 50.34 ? 18  TYR A O   1 
ATOM   127 C CB  . TYR A 1 19 ? -3.191  -9.879  3.772   1.00 49.97 ? 18  TYR A CB  1 
ATOM   128 C CG  . TYR A 1 19 ? -3.134  -9.861  5.284   1.00 53.46 ? 18  TYR A CG  1 
ATOM   129 C CD1 . TYR A 1 19 ? -4.290  -9.737  6.046   1.00 56.71 ? 18  TYR A CD1 1 
ATOM   130 C CD2 . TYR A 1 19 ? -1.917  -9.969  5.949   1.00 55.54 ? 18  TYR A CD2 1 
ATOM   131 C CE1 . TYR A 1 19 ? -4.235  -9.737  7.442   1.00 61.14 ? 18  TYR A CE1 1 
ATOM   132 C CE2 . TYR A 1 19 ? -1.849  -9.971  7.340   1.00 59.38 ? 18  TYR A CE2 1 
ATOM   133 C CZ  . TYR A 1 19 ? -3.006  -9.857  8.079   1.00 62.08 ? 18  TYR A CZ  1 
ATOM   134 O OH  . TYR A 1 19 ? -2.920  -9.852  9.449   1.00 66.10 ? 18  TYR A OH  1 
ATOM   135 N N   . PRO A 1 20 ? -4.907  -10.658 1.191   1.00 50.77 ? 19  PRO A N   1 
ATOM   136 C CA  . PRO A 1 20 ? -5.039  -10.349 -0.218  1.00 48.43 ? 19  PRO A CA  1 
ATOM   137 C C   . PRO A 1 20 ? -4.214  -9.130  -0.591  1.00 42.09 ? 19  PRO A C   1 
ATOM   138 O O   . PRO A 1 20 ? -3.786  -8.354  0.291   1.00 39.90 ? 19  PRO A O   1 
ATOM   139 C CB  . PRO A 1 20 ? -6.528  -10.046 -0.366  1.00 50.18 ? 19  PRO A CB  1 
ATOM   140 C CG  . PRO A 1 20 ? -6.944  -9.587  0.958   1.00 50.15 ? 19  PRO A CG  1 
ATOM   141 C CD  . PRO A 1 20 ? -6.150  -10.383 1.928   1.00 52.66 ? 19  PRO A CD  1 
ATOM   142 N N   . HIS A 1 21 ? -3.991  -8.952  -1.886  1.00 40.17 ? 20  HIS A N   1 
ATOM   143 C CA  . HIS A 1 21 ? -3.254  -7.780  -2.380  1.00 34.91 ? 20  HIS A CA  1 
ATOM   144 C C   . HIS A 1 21 ? -4.005  -6.519  -1.972  1.00 31.96 ? 20  HIS A C   1 
ATOM   145 O O   . HIS A 1 21 ? -5.169  -6.374  -2.274  1.00 33.09 ? 20  HIS A O   1 
ATOM   146 C CB  . HIS A 1 21 ? -3.104  -7.865  -3.886  1.00 35.29 ? 20  HIS A CB  1 
ATOM   147 C CG  . HIS A 1 21 ? -2.299  -9.036  -4.333  1.00 37.62 ? 20  HIS A CG  1 
ATOM   148 N ND1 . HIS A 1 21 ? -2.813  -10.314 -4.394  1.00 42.06 ? 20  HIS A ND1 1 
ATOM   149 C CD2 . HIS A 1 21 ? -1.009  -9.130  -4.731  1.00 36.19 ? 20  HIS A CD2 1 
ATOM   150 C CE1 . HIS A 1 21 ? -1.880  -11.141 -4.820  1.00 42.47 ? 20  HIS A CE1 1 
ATOM   151 N NE2 . HIS A 1 21 ? -0.775  -10.447 -5.031  1.00 38.75 ? 20  HIS A NE2 1 
ATOM   152 N N   . TRP A 1 22 ? -3.337  -5.608  -1.284  1.00 28.83 ? 21  TRP A N   1 
ATOM   153 C CA  . TRP A 1 22 ? -4.027  -4.573  -0.531  1.00 27.47 ? 21  TRP A CA  1 
ATOM   154 C C   . TRP A 1 22 ? -3.701  -3.185  -1.050  1.00 24.58 ? 21  TRP A C   1 
ATOM   155 O O   . TRP A 1 22 ? -2.526  -2.893  -1.277  1.00 22.91 ? 21  TRP A O   1 
ATOM   156 C CB  . TRP A 1 22 ? -3.617  -4.675  0.947   1.00 28.23 ? 21  TRP A CB  1 
ATOM   157 C CG  . TRP A 1 22 ? -4.610  -4.131  1.911   1.00 27.86 ? 21  TRP A CG  1 
ATOM   158 C CD1 . TRP A 1 22 ? -4.795  -2.819  2.259   1.00 26.32 ? 21  TRP A CD1 1 
ATOM   159 C CD2 . TRP A 1 22 ? -5.545  -4.882  2.673   1.00 31.15 ? 21  TRP A CD2 1 
ATOM   160 N NE1 . TRP A 1 22 ? -5.802  -2.712  3.185   1.00 27.27 ? 21  TRP A NE1 1 
ATOM   161 C CE2 . TRP A 1 22 ? -6.280  -3.968  3.456   1.00 30.98 ? 21  TRP A CE2 1 
ATOM   162 C CE3 . TRP A 1 22 ? -5.847  -6.243  2.768   1.00 35.81 ? 21  TRP A CE3 1 
ATOM   163 C CZ2 . TRP A 1 22 ? -7.293  -4.374  4.318   1.00 34.18 ? 21  TRP A CZ2 1 
ATOM   164 C CZ3 . TRP A 1 22 ? -6.854  -6.639  3.631   1.00 38.16 ? 21  TRP A CZ3 1 
ATOM   165 C CH2 . TRP A 1 22 ? -7.563  -5.708  4.388   1.00 37.73 ? 21  TRP A CH2 1 
ATOM   166 N N   . PRO A 1 23 ? -4.736  -2.303  -1.202  1.00 24.50 ? 22  PRO A N   1 
ATOM   167 C CA  . PRO A 1 23 ? -4.494  -0.913  -1.662  1.00 22.47 ? 22  PRO A CA  1 
ATOM   168 C C   . PRO A 1 23 ? -3.577  -0.176  -0.710  1.00 21.06 ? 22  PRO A C   1 
ATOM   169 O O   . PRO A 1 23 ? -3.764  -0.232  0.491   1.00 21.71 ? 22  PRO A O   1 
ATOM   170 C CB  . PRO A 1 23 ? -5.896  -0.288  -1.656  1.00 23.15 ? 22  PRO A CB  1 
ATOM   171 C CG  . PRO A 1 23 ? -6.698  -1.155  -0.718  1.00 24.54 ? 22  PRO A CG  1 
ATOM   172 C CD  . PRO A 1 23 ? -6.168  -2.517  -0.886  1.00 26.55 ? 22  PRO A CD  1 
ATOM   173 N N   . ALA A 1 24 ? -2.586  0.505   -1.261  1.00 20.24 ? 23  ALA A N   1 
ATOM   174 C CA  . ALA A 1 24 ? -1.502  1.077   -0.470  1.00 19.32 ? 23  ALA A CA  1 
ATOM   175 C C   . ALA A 1 24 ? -0.723  2.143   -1.289  1.00 18.94 ? 23  ALA A C   1 
ATOM   176 O O   . ALA A 1 24 ? -0.992  2.349   -2.476  1.00 19.43 ? 23  ALA A O   1 
ATOM   177 C CB  . ALA A 1 24 ? -0.565  -0.041  -0.034  1.00 19.26 ? 23  ALA A CB  1 
ATOM   178 N N   . ARG A 1 25 ? 0.252   2.796   -0.662  1.00 19.33 ? 24  ARG A N   1 
ATOM   179 C CA  . ARG A 1 25 ? 1.083   3.771   -1.358  1.00 20.30 ? 24  ARG A CA  1 
ATOM   180 C C   . ARG A 1 25 ? 2.492   3.712   -0.812  1.00 22.00 ? 24  ARG A C   1 
ATOM   181 O O   . ARG A 1 25 ? 2.708   3.325   0.362   1.00 21.52 ? 24  ARG A O   1 
ATOM   182 C CB  . ARG A 1 25 ? 0.529   5.193   -1.198  1.00 20.96 ? 24  ARG A CB  1 
ATOM   183 C CG  . ARG A 1 25 ? 0.729   5.772   0.189   1.00 22.41 ? 24  ARG A CG  1 
ATOM   184 C CD  . ARG A 1 25 ? -0.070  7.019   0.409   1.00 24.73 ? 24  ARG A CD  1 
ATOM   185 N NE  . ARG A 1 25 ? 0.254   7.639   1.695   1.00 27.52 ? 24  ARG A NE  1 
ATOM   186 C CZ  . ARG A 1 25 ? -0.454  8.605   2.261   1.00 28.95 ? 24  ARG A CZ  1 
ATOM   187 N NH1 . ARG A 1 25 ? -1.552  9.059   1.663   1.00 29.90 ? 24  ARG A NH1 1 
ATOM   188 N NH2 . ARG A 1 25 ? -0.079  9.102   3.436   1.00 29.82 ? 24  ARG A NH2 1 
ATOM   189 N N   . ILE A 1 26 ? 3.439   4.105   -1.658  1.00 23.58 ? 25  ILE A N   1 
ATOM   190 C CA  . ILE A 1 26 ? 4.815   4.223   -1.248  1.00 26.46 ? 25  ILE A CA  1 
ATOM   191 C C   . ILE A 1 26 ? 4.848   5.494   -0.432  1.00 29.44 ? 25  ILE A C   1 
ATOM   192 O O   . ILE A 1 26 ? 4.452   6.554   -0.925  1.00 30.11 ? 25  ILE A O   1 
ATOM   193 C CB  . ILE A 1 26 ? 5.788   4.354   -2.445  1.00 28.00 ? 25  ILE A CB  1 
ATOM   194 C CG1 . ILE A 1 26 ? 5.575   3.226   -3.492  1.00 26.63 ? 25  ILE A CG1 1 
ATOM   195 C CG2 . ILE A 1 26 ? 7.231   4.384   -1.948  1.00 29.34 ? 25  ILE A CG2 1 
ATOM   196 C CD1 . ILE A 1 26 ? 5.968   1.850   -3.066  1.00 24.91 ? 25  ILE A CD1 1 
ATOM   197 N N   . ASP A 1 27 ? 5.271   5.392   0.818   1.00 32.14 ? 26  ASP A N   1 
ATOM   198 C CA  . ASP A 1 27 ? 5.313   6.554   1.693   1.00 36.11 ? 26  ASP A CA  1 
ATOM   199 C C   . ASP A 1 27 ? 6.682   7.222   1.698   1.00 41.09 ? 26  ASP A C   1 
ATOM   200 O O   . ASP A 1 27 ? 7.682   6.640   1.279   1.00 41.72 ? 26  ASP A O   1 
ATOM   201 C CB  . ASP A 1 27 ? 4.916   6.169   3.128   1.00 37.08 ? 26  ASP A CB  1 
ATOM   202 C CG  . ASP A 1 27 ? 3.529   6.664   3.513   1.00 37.46 ? 26  ASP A CG  1 
ATOM   203 O OD1 . ASP A 1 27 ? 2.713   6.974   2.619   1.00 38.01 ? 26  ASP A OD1 1 
ATOM   204 O OD2 . ASP A 1 27 ? 3.248   6.744   4.722   1.00 41.65 ? 26  ASP A OD2 1 
ATOM   205 N N   . ASP A 1 28 ? 6.711   8.459   2.169   1.00 45.44 ? 27  ASP A N   1 
ATOM   206 C CA  . ASP A 1 28 ? 7.958   9.175   2.314   1.00 51.60 ? 27  ASP A CA  1 
ATOM   207 C C   . ASP A 1 28 ? 8.589   8.742   3.643   1.00 54.54 ? 27  ASP A C   1 
ATOM   208 O O   . ASP A 1 28 ? 7.885   8.541   4.634   1.00 54.45 ? 27  ASP A O   1 
ATOM   209 C CB  . ASP A 1 28 ? 7.719   10.692  2.274   1.00 55.27 ? 27  ASP A CB  1 
ATOM   210 C CG  . ASP A 1 28 ? 8.834   11.438  1.538   1.00 61.71 ? 27  ASP A CG  1 
ATOM   211 O OD1 . ASP A 1 28 ? 10.012  11.330  1.956   1.00 67.43 ? 27  ASP A OD1 1 
ATOM   212 O OD2 . ASP A 1 28 ? 8.534   12.133  0.534   1.00 65.37 ? 27  ASP A OD2 1 
ATOM   213 N N   . ILE A 1 29 ? 9.911   8.605   3.657   1.00 58.34 ? 28  ILE A N   1 
ATOM   214 C CA  . ILE A 1 29 ? 10.623  8.073   4.818   1.00 61.66 ? 28  ILE A CA  1 
ATOM   215 C C   . ILE A 1 29 ? 10.908  9.133   5.886   1.00 67.71 ? 28  ILE A C   1 
ATOM   216 O O   . ILE A 1 29 ? 11.719  8.903   6.778   1.00 72.27 ? 28  ILE A O   1 
ATOM   217 C CB  . ILE A 1 29 ? 11.963  7.424   4.392   1.00 63.54 ? 28  ILE A CB  1 
ATOM   218 N N   . ALA A 1 30 ? 10.217  10.272  5.808   1.00 68.69 ? 29  ALA A N   1 
ATOM   219 C CA  . ALA A 1 30 ? 10.520  11.436  6.629   1.00 75.32 ? 29  ALA A CA  1 
ATOM   220 C C   . ALA A 1 30 ? 10.361  11.156  8.123   1.00 78.16 ? 29  ALA A C   1 
ATOM   221 O O   . ALA A 1 30 ? 11.351  11.046  8.848   1.00 83.12 ? 29  ALA A O   1 
ATOM   222 C CB  . ALA A 1 30 ? 9.636   12.610  6.213   1.00 75.57 ? 29  ALA A CB  1 
ATOM   223 N N   . ALA A 1 33 ? 11.081  8.282   12.040  1.00 74.78 ? 32  ALA A N   1 
ATOM   224 C CA  . ALA A 1 33 ? 10.676  7.238   11.094  1.00 67.22 ? 32  ALA A CA  1 
ATOM   225 C C   . ALA A 1 33 ? 11.755  6.165   10.977  1.00 68.04 ? 32  ALA A C   1 
ATOM   226 O O   . ALA A 1 33 ? 12.952  6.473   10.896  1.00 72.37 ? 32  ALA A O   1 
ATOM   227 C CB  . ALA A 1 33 ? 10.384  7.838   9.732   1.00 62.53 ? 32  ALA A CB  1 
ATOM   228 N N   . VAL A 1 34 ? 11.334  4.905   10.995  1.00 64.63 ? 33  VAL A N   1 
ATOM   229 C CA  . VAL A 1 34 ? 12.261  3.791   10.836  1.00 65.34 ? 33  VAL A CA  1 
ATOM   230 C C   . VAL A 1 34 ? 12.478  3.560   9.337   1.00 60.36 ? 33  VAL A C   1 
ATOM   231 O O   . VAL A 1 34 ? 11.522  3.521   8.566   1.00 54.48 ? 33  VAL A O   1 
ATOM   232 C CB  . VAL A 1 34 ? 11.730  2.507   11.497  1.00 65.14 ? 33  VAL A CB  1 
ATOM   233 C CG1 . VAL A 1 34 ? 12.716  1.351   11.291  1.00 65.34 ? 33  VAL A CG1 1 
ATOM   234 C CG2 . VAL A 1 34 ? 11.466  2.748   12.975  1.00 70.13 ? 33  VAL A CG2 1 
ATOM   235 N N   . LYS A 1 35 ? 13.748  3.407   8.956   1.00 63.39 ? 34  LYS A N   1 
ATOM   236 C CA  . LYS A 1 35 ? 14.184  3.414   7.559   1.00 60.54 ? 34  LYS A CA  1 
ATOM   237 C C   . LYS A 1 35 ? 14.305  1.996   7.010   1.00 57.88 ? 34  LYS A C   1 
ATOM   238 O O   . LYS A 1 35 ? 14.923  1.136   7.653   1.00 61.33 ? 34  LYS A O   1 
ATOM   239 C CB  . LYS A 1 35 ? 15.549  4.112   7.450   1.00 66.31 ? 34  LYS A CB  1 
ATOM   240 N N   . PRO A 1 36 ? 13.760  1.750   5.803   1.00 52.90 ? 35  PRO A N   1 
ATOM   241 C CA  . PRO A 1 36 ? 13.702  0.378   5.311   1.00 50.73 ? 35  PRO A CA  1 
ATOM   242 C C   . PRO A 1 36 ? 15.065  -0.234  5.040   1.00 54.44 ? 35  PRO A C   1 
ATOM   243 O O   . PRO A 1 36 ? 16.047  0.492   4.852   1.00 58.07 ? 35  PRO A O   1 
ATOM   244 C CB  . PRO A 1 36 ? 12.914  0.490   3.988   1.00 45.71 ? 35  PRO A CB  1 
ATOM   245 C CG  . PRO A 1 36 ? 12.371  1.849   3.945   1.00 44.91 ? 35  PRO A CG  1 
ATOM   246 C CD  . PRO A 1 36 ? 13.204  2.706   4.825   1.00 49.91 ? 35  PRO A CD  1 
ATOM   247 N N   . PRO A 1 37 ? 15.126  -1.572  4.998   1.00 54.51 ? 36  PRO A N   1 
ATOM   248 C CA  . PRO A 1 37 ? 16.363  -2.201  4.571   1.00 57.73 ? 36  PRO A CA  1 
ATOM   249 C C   . PRO A 1 37 ? 16.589  -1.969  3.067   1.00 55.84 ? 36  PRO A C   1 
ATOM   250 O O   . PRO A 1 37 ? 15.680  -1.487  2.382   1.00 51.23 ? 36  PRO A O   1 
ATOM   251 C CB  . PRO A 1 37 ? 16.132  -3.692  4.871   1.00 57.90 ? 36  PRO A CB  1 
ATOM   252 C CG  . PRO A 1 37 ? 14.710  -3.822  5.350   1.00 54.71 ? 36  PRO A CG  1 
ATOM   253 C CD  . PRO A 1 37 ? 14.017  -2.538  5.106   1.00 51.38 ? 36  PRO A CD  1 
ATOM   254 N N   . PRO A 1 38 ? 17.795  -2.300  2.556   1.00 59.66 ? 37  PRO A N   1 
ATOM   255 C CA  . PRO A 1 38 ? 18.109  -2.135  1.128   1.00 59.18 ? 37  PRO A CA  1 
ATOM   256 C C   . PRO A 1 38 ? 17.032  -2.678  0.164   1.00 54.47 ? 37  PRO A C   1 
ATOM   257 O O   . PRO A 1 38 ? 16.475  -3.756  0.385   1.00 52.94 ? 37  PRO A O   1 
ATOM   258 C CB  . PRO A 1 38 ? 19.423  -2.908  0.971   1.00 63.82 ? 37  PRO A CB  1 
ATOM   259 C CG  . PRO A 1 38 ? 20.081  -2.774  2.292   1.00 68.15 ? 37  PRO A CG  1 
ATOM   260 C CD  . PRO A 1 38 ? 18.968  -2.771  3.318   1.00 65.38 ? 37  PRO A CD  1 
ATOM   261 N N   . ASN A 1 39 ? 16.747  -1.891  -0.872  1.00 53.25 ? 38  ASN A N   1 
ATOM   262 C CA  . ASN A 1 39 ? 15.774  -2.205  -1.928  1.00 49.87 ? 38  ASN A CA  1 
ATOM   263 C C   . ASN A 1 39 ? 14.387  -2.617  -1.441  1.00 45.83 ? 38  ASN A C   1 
ATOM   264 O O   . ASN A 1 39 ? 13.680  -3.371  -2.121  1.00 43.81 ? 38  ASN A O   1 
ATOM   265 C CB  . ASN A 1 39 ? 16.327  -3.257  -2.905  1.00 51.73 ? 38  ASN A CB  1 
ATOM   266 C CG  . ASN A 1 39 ? 15.562  -3.281  -4.235  1.00 50.38 ? 38  ASN A CG  1 
ATOM   267 O OD1 . ASN A 1 39 ? 14.748  -2.385  -4.525  1.00 47.41 ? 38  ASN A OD1 1 
ATOM   268 N ND2 . ASN A 1 39 ? 15.811  -4.314  -5.042  1.00 52.34 ? 38  ASN A ND2 1 
ATOM   269 N N   . LYS A 1 40 ? 14.000  -2.118  -0.269  1.00 45.03 ? 39  LYS A N   1 
ATOM   270 C CA  . LYS A 1 40 ? 12.626  -2.234  0.181   1.00 41.61 ? 39  LYS A CA  1 
ATOM   271 C C   . LYS A 1 40 ? 12.073  -0.838  0.400   1.00 40.23 ? 39  LYS A C   1 
ATOM   272 O O   . LYS A 1 40 ? 12.829  0.131   0.583   1.00 42.39 ? 39  LYS A O   1 
ATOM   273 C CB  . LYS A 1 40 ? 12.529  -3.082  1.442   1.00 43.00 ? 39  LYS A CB  1 
ATOM   274 C CG  . LYS A 1 40 ? 12.578  -4.589  1.172   1.00 44.69 ? 39  LYS A CG  1 
ATOM   275 C CD  . LYS A 1 40 ? 12.599  -5.423  2.456   1.00 47.88 ? 39  LYS A CD  1 
ATOM   276 C CE  . LYS A 1 40 ? 12.612  -6.914  2.150   1.00 50.45 ? 39  LYS A CE  1 
ATOM   277 N NZ  . LYS A 1 40 ? 13.254  -7.729  3.228   1.00 56.13 ? 39  LYS A NZ  1 
ATOM   278 N N   . TYR A 1 41 ? 10.751  -0.739  0.358   1.00 36.94 ? 40  TYR A N   1 
ATOM   279 C CA  . TYR A 1 41 ? 10.074  0.535   0.446   1.00 35.87 ? 40  TYR A CA  1 
ATOM   280 C C   . TYR A 1 41 ? 9.143   0.571   1.649   1.00 34.67 ? 40  TYR A C   1 
ATOM   281 O O   . TYR A 1 41 ? 8.642   -0.470  2.082   1.00 34.30 ? 40  TYR A O   1 
ATOM   282 C CB  . TYR A 1 41 ? 9.300   0.779   -0.846  1.00 33.82 ? 40  TYR A CB  1 
ATOM   283 C CG  . TYR A 1 41 ? 10.210  1.011   -2.028  1.00 36.95 ? 40  TYR A CG  1 
ATOM   284 C CD1 . TYR A 1 41 ? 10.659  2.293   -2.326  1.00 40.67 ? 40  TYR A CD1 1 
ATOM   285 C CD2 . TYR A 1 41 ? 10.642  -0.047  -2.837  1.00 38.21 ? 40  TYR A CD2 1 
ATOM   286 C CE1 . TYR A 1 41 ? 11.497  2.532   -3.402  1.00 44.37 ? 40  TYR A CE1 1 
ATOM   287 C CE2 . TYR A 1 41 ? 11.487  0.179   -3.928  1.00 41.36 ? 40  TYR A CE2 1 
ATOM   288 C CZ  . TYR A 1 41 ? 11.915  1.481   -4.199  1.00 44.66 ? 40  TYR A CZ  1 
ATOM   289 O OH  . TYR A 1 41 ? 12.749  1.772   -5.253  1.00 46.99 ? 40  TYR A OH  1 
ATOM   290 N N   . PRO A 1 42 ? 8.909   1.770   2.200   1.00 34.81 ? 41  PRO A N   1 
ATOM   291 C CA  . PRO A 1 42 ? 7.932   1.922   3.258   1.00 33.96 ? 41  PRO A CA  1 
ATOM   292 C C   . PRO A 1 42 ? 6.555   2.016   2.648   1.00 29.90 ? 41  PRO A C   1 
ATOM   293 O O   . PRO A 1 42 ? 6.349   2.798   1.728   1.00 29.10 ? 41  PRO A O   1 
ATOM   294 C CB  . PRO A 1 42 ? 8.322   3.244   3.896   1.00 36.84 ? 41  PRO A CB  1 
ATOM   295 C CG  . PRO A 1 42 ? 8.831   4.046   2.748   1.00 37.43 ? 41  PRO A CG  1 
ATOM   296 C CD  . PRO A 1 42 ? 9.504   3.065   1.817   1.00 36.69 ? 41  PRO A CD  1 
ATOM   297 N N   . ILE A 1 43 ? 5.616   1.229   3.162   1.00 28.43 ? 42  ILE A N   1 
ATOM   298 C CA  . ILE A 1 43 ? 4.280   1.087   2.538   1.00 25.03 ? 42  ILE A CA  1 
ATOM   299 C C   . ILE A 1 43 ? 3.199   1.459   3.548   1.00 24.81 ? 42  ILE A C   1 
ATOM   300 O O   . ILE A 1 43 ? 3.170   0.936   4.667   1.00 26.09 ? 42  ILE A O   1 
ATOM   301 C CB  . ILE A 1 43 ? 4.021   -0.368  2.076   1.00 24.33 ? 42  ILE A CB  1 
ATOM   302 C CG1 . ILE A 1 43 ? 5.205   -0.922  1.262   1.00 24.78 ? 42  ILE A CG1 1 
ATOM   303 C CG2 . ILE A 1 43 ? 2.727   -0.450  1.286   1.00 22.86 ? 42  ILE A CG2 1 
ATOM   304 C CD1 . ILE A 1 43 ? 5.441   -0.233  -0.101  1.00 21.87 ? 42  ILE A CD1 1 
ATOM   305 N N   . PHE A 1 44 ? 2.346   2.392   3.160   1.00 23.11 ? 43  PHE A N   1 
ATOM   306 C CA  . PHE A 1 44 ? 1.198   2.746   3.947   1.00 23.70 ? 43  PHE A CA  1 
ATOM   307 C C   . PHE A 1 44 ? -0.001  2.014   3.350   1.00 22.33 ? 43  PHE A C   1 
ATOM   308 O O   . PHE A 1 44 ? -0.281  2.156   2.146   1.00 19.87 ? 43  PHE A O   1 
ATOM   309 C CB  . PHE A 1 44 ? 0.973   4.248   3.911   1.00 24.38 ? 43  PHE A CB  1 
ATOM   310 C CG  . PHE A 1 44 ? -0.217  4.701   4.708   1.00 25.43 ? 43  PHE A CG  1 
ATOM   311 C CD1 . PHE A 1 44 ? -0.129  4.847   6.074   1.00 27.46 ? 43  PHE A CD1 1 
ATOM   312 C CD2 . PHE A 1 44 ? -1.424  4.970   4.086   1.00 24.65 ? 43  PHE A CD2 1 
ATOM   313 C CE1 . PHE A 1 44 ? -1.209  5.250   6.803   1.00 29.32 ? 43  PHE A CE1 1 
ATOM   314 C CE2 . PHE A 1 44 ? -2.509  5.380   4.818   1.00 25.04 ? 43  PHE A CE2 1 
ATOM   315 C CZ  . PHE A 1 44 ? -2.400  5.515   6.176   1.00 27.82 ? 43  PHE A CZ  1 
ATOM   316 N N   . PHE A 1 45 ? -0.678  1.209   4.182   1.00 23.56 ? 44  PHE A N   1 
ATOM   317 C CA  . PHE A 1 45 ? -1.844  0.448   3.742   1.00 23.40 ? 44  PHE A CA  1 
ATOM   318 C C   . PHE A 1 45 ? -3.071  1.252   3.979   1.00 24.01 ? 44  PHE A C   1 
ATOM   319 O O   . PHE A 1 45 ? -3.349  1.663   5.107   1.00 26.67 ? 44  PHE A O   1 
ATOM   320 C CB  . PHE A 1 45 ? -1.969  -0.861  4.494   1.00 25.71 ? 44  PHE A CB  1 
ATOM   321 C CG  . PHE A 1 45 ? -0.929  -1.860  4.110   1.00 26.19 ? 44  PHE A CG  1 
ATOM   322 C CD1 . PHE A 1 45 ? -1.100  -2.651  2.993   1.00 24.87 ? 44  PHE A CD1 1 
ATOM   323 C CD2 . PHE A 1 45 ? 0.244   -1.985  4.856   1.00 27.19 ? 44  PHE A CD2 1 
ATOM   324 C CE1 . PHE A 1 45 ? -0.137  -3.551  2.628   1.00 26.41 ? 44  PHE A CE1 1 
ATOM   325 C CE2 . PHE A 1 45 ? 1.197   -2.871  4.496   1.00 27.93 ? 44  PHE A CE2 1 
ATOM   326 C CZ  . PHE A 1 45 ? 1.012   -3.662  3.371   1.00 27.56 ? 44  PHE A CZ  1 
ATOM   327 N N   . PHE A 1 46 ? -3.829  1.480   2.928   1.00 22.63 ? 45  PHE A N   1 
ATOM   328 C CA  . PHE A 1 46 ? -5.097  2.163   3.092   1.00 23.73 ? 45  PHE A CA  1 
ATOM   329 C C   . PHE A 1 46 ? -6.070  1.295   3.887   1.00 26.09 ? 45  PHE A C   1 
ATOM   330 O O   . PHE A 1 46 ? -5.974  0.077   3.902   1.00 26.65 ? 45  PHE A O   1 
ATOM   331 C CB  . PHE A 1 46 ? -5.670  2.515   1.731   1.00 22.67 ? 45  PHE A CB  1 
ATOM   332 C CG  . PHE A 1 46 ? -4.863  3.535   0.999   1.00 21.47 ? 45  PHE A CG  1 
ATOM   333 C CD1 . PHE A 1 46 ? -4.745  4.814   1.489   1.00 21.94 ? 45  PHE A CD1 1 
ATOM   334 C CD2 . PHE A 1 46 ? -4.230  3.221   -0.182  1.00 22.98 ? 45  PHE A CD2 1 
ATOM   335 C CE1 . PHE A 1 46 ? -4.008  5.758   0.806   1.00 22.09 ? 45  PHE A CE1 1 
ATOM   336 C CE2 . PHE A 1 46 ? -3.483  4.170   -0.863  1.00 21.37 ? 45  PHE A CE2 1 
ATOM   337 C CZ  . PHE A 1 46 ? -3.382  5.429   -0.369  1.00 21.09 ? 45  PHE A CZ  1 
ATOM   338 N N   . GLY A 1 47 ? -6.993  1.942   4.568   1.00 28.25 ? 46  GLY A N   1 
ATOM   339 C CA  . GLY A 1 47 ? -8.000  1.229   5.354   1.00 31.86 ? 46  GLY A CA  1 
ATOM   340 C C   . GLY A 1 47 ? -7.552  1.040   6.785   1.00 34.65 ? 46  GLY A C   1 
ATOM   341 O O   . GLY A 1 47 ? -8.109  1.644   7.696   1.00 37.12 ? 46  GLY A O   1 
ATOM   342 N N   . THR A 1 48 ? -6.539  0.204   6.988   1.00 35.06 ? 47  THR A N   1 
ATOM   343 C CA  . THR A 1 48 ? -6.015  -0.023  8.332   1.00 38.74 ? 47  THR A CA  1 
ATOM   344 C C   . THR A 1 48 ? -4.961  1.000   8.720   1.00 37.94 ? 47  THR A C   1 
ATOM   345 O O   . THR A 1 48 ? -4.624  1.116   9.887   1.00 41.43 ? 47  THR A O   1 
ATOM   346 C CB  . THR A 1 48 ? -5.424  -1.427  8.474   1.00 40.67 ? 47  THR A CB  1 
ATOM   347 O OG1 . THR A 1 48 ? -4.367  -1.600  7.528   1.00 37.27 ? 47  THR A OG1 1 
ATOM   348 C CG2 . THR A 1 48 ? -6.514  -2.502  8.253   1.00 43.39 ? 47  THR A CG2 1 
ATOM   349 N N   . HIS A 1 49 ? -4.435  1.723   7.735   1.00 34.60 ? 48  HIS A N   1 
ATOM   350 C CA  . HIS A 1 49 ? -3.426  2.777   7.959   1.00 34.82 ? 48  HIS A CA  1 
ATOM   351 C C   . HIS A 1 49 ? -2.142  2.267   8.629   1.00 36.80 ? 48  HIS A C   1 
ATOM   352 O O   . HIS A 1 49 ? -1.440  3.007   9.340   1.00 39.22 ? 48  HIS A O   1 
ATOM   353 C CB  . HIS A 1 49 ? -4.034  3.940   8.753   1.00 37.46 ? 48  HIS A CB  1 
ATOM   354 C CG  . HIS A 1 49 ? -5.329  4.426   8.191   1.00 37.13 ? 48  HIS A CG  1 
ATOM   355 N ND1 . HIS A 1 49 ? -6.407  4.760   8.982   1.00 42.18 ? 48  HIS A ND1 1 
ATOM   356 C CD2 . HIS A 1 49 ? -5.731  4.598   6.909   1.00 33.70 ? 48  HIS A CD2 1 
ATOM   357 C CE1 . HIS A 1 49 ? -7.411  5.144   8.210   1.00 41.14 ? 48  HIS A CE1 1 
ATOM   358 N NE2 . HIS A 1 49 ? -7.025  5.052   6.948   1.00 36.57 ? 48  HIS A NE2 1 
ATOM   359 N N   . GLU A 1 50 ? -1.829  1.004   8.373   1.00 36.36 ? 49  GLU A N   1 
ATOM   360 C CA  . GLU A 1 50 ? -0.641  0.392   8.919   1.00 38.40 ? 49  GLU A CA  1 
ATOM   361 C C   . GLU A 1 50 ? 0.503   0.600   7.957   1.00 35.22 ? 49  GLU A C   1 
ATOM   362 O O   . GLU A 1 50 ? 0.288   0.975   6.800   1.00 31.64 ? 49  GLU A O   1 
ATOM   363 C CB  . GLU A 1 50 ? -0.869  -1.102  9.140   1.00 40.69 ? 49  GLU A CB  1 
ATOM   364 C CG  . GLU A 1 50 ? -1.805  -1.430  10.310  1.00 46.21 ? 49  GLU A CG  1 
ATOM   365 C CD  . GLU A 1 50 ? -2.306  -2.858  10.260  1.00 49.78 ? 49  GLU A CD  1 
ATOM   366 O OE1 . GLU A 1 50 ? -2.920  -3.228  9.223   1.00 47.83 ? 49  GLU A OE1 1 
ATOM   367 O OE2 . GLU A 1 50 ? -2.083  -3.606  11.246  1.00 55.22 ? 49  GLU A OE2 1 
ATOM   368 N N   . THR A 1 51 ? 1.712   0.331   8.436   1.00 36.87 ? 50  THR A N   1 
ATOM   369 C CA  . THR A 1 51 ? 2.917   0.462   7.643   1.00 35.33 ? 50  THR A CA  1 
ATOM   370 C C   . THR A 1 51 ? 3.657   -0.864  7.604   1.00 36.54 ? 50  THR A C   1 
ATOM   371 O O   . THR A 1 51 ? 3.553   -1.662  8.533   1.00 40.30 ? 50  THR A O   1 
ATOM   372 C CB  . THR A 1 51 ? 3.835   1.544   8.251   1.00 38.03 ? 50  THR A CB  1 
ATOM   373 O OG1 . THR A 1 51 ? 3.251   2.841   8.038   1.00 37.60 ? 50  THR A OG1 1 
ATOM   374 C CG2 . THR A 1 51 ? 5.237   1.504   7.646   1.00 37.94 ? 50  THR A CG2 1 
ATOM   375 N N   . ALA A 1 52 ? 4.406   -1.101  6.533   1.00 34.44 ? 51  ALA A N   1 
ATOM   376 C CA  . ALA A 1 52 ? 5.390   -2.199  6.506   1.00 36.06 ? 51  ALA A CA  1 
ATOM   377 C C   . ALA A 1 52 ? 6.418   -1.938  5.431   1.00 34.37 ? 51  ALA A C   1 
ATOM   378 O O   . ALA A 1 52 ? 6.256   -1.012  4.623   1.00 32.70 ? 51  ALA A O   1 
ATOM   379 C CB  . ALA A 1 52 ? 4.713   -3.538  6.263   1.00 36.00 ? 51  ALA A CB  1 
ATOM   380 N N   . PHE A 1 53 ? 7.451   -2.773  5.399   1.00 35.62 ? 52  PHE A N   1 
ATOM   381 C CA  . PHE A 1 53 ? 8.522   -2.627  4.432   1.00 34.92 ? 52  PHE A CA  1 
ATOM   382 C C   . PHE A 1 53 ? 8.547   -3.803  3.493   1.00 34.07 ? 52  PHE A C   1 
ATOM   383 O O   . PHE A 1 53 ? 8.768   -4.932  3.921   1.00 36.61 ? 52  PHE A O   1 
ATOM   384 C CB  . PHE A 1 53 ? 9.867   -2.501  5.143   1.00 38.82 ? 52  PHE A CB  1 
ATOM   385 C CG  . PHE A 1 53 ? 9.882   -1.435  6.168   1.00 40.42 ? 52  PHE A CG  1 
ATOM   386 C CD1 . PHE A 1 53 ? 10.011  -0.109  5.795   1.00 38.99 ? 52  PHE A CD1 1 
ATOM   387 C CD2 . PHE A 1 53 ? 9.735   -1.745  7.510   1.00 44.40 ? 52  PHE A CD2 1 
ATOM   388 C CE1 . PHE A 1 53 ? 10.008  0.898   6.737   1.00 41.14 ? 52  PHE A CE1 1 
ATOM   389 C CE2 . PHE A 1 53 ? 9.731   -0.740  8.461   1.00 47.41 ? 52  PHE A CE2 1 
ATOM   390 C CZ  . PHE A 1 53 ? 9.862   0.589   8.067   1.00 45.49 ? 52  PHE A CZ  1 
ATOM   391 N N   . LEU A 1 54 ? 8.341   -3.528  2.209   1.00 31.34 ? 53  LEU A N   1 
ATOM   392 C CA  . LEU A 1 54 ? 8.231   -4.566  1.196   1.00 30.81 ? 53  LEU A CA  1 
ATOM   393 C C   . LEU A 1 54 ? 9.109   -4.234  0.006   1.00 30.57 ? 53  LEU A C   1 
ATOM   394 O O   . LEU A 1 54 ? 9.270   -3.065  -0.357  1.00 29.50 ? 53  LEU A O   1 
ATOM   395 C CB  . LEU A 1 54 ? 6.782   -4.677  0.705   1.00 28.67 ? 53  LEU A CB  1 
ATOM   396 C CG  . LEU A 1 54 ? 5.707   -4.935  1.770   1.00 28.85 ? 53  LEU A CG  1 
ATOM   397 C CD1 . LEU A 1 54 ? 4.325   -4.808  1.139   1.00 26.67 ? 53  LEU A CD1 1 
ATOM   398 C CD2 . LEU A 1 54 ? 5.887   -6.286  2.424   1.00 30.88 ? 53  LEU A CD2 1 
ATOM   399 N N   . GLY A 1 55 ? 9.669   -5.273  -0.607  1.00 31.88 ? 54  GLY A N   1 
ATOM   400 C CA  . GLY A 1 55 ? 10.402  -5.112  -1.835  1.00 32.17 ? 54  GLY A CA  1 
ATOM   401 C C   . GLY A 1 55 ? 9.437   -5.108  -3.006  1.00 30.31 ? 54  GLY A C   1 
ATOM   402 O O   . GLY A 1 55 ? 8.316   -5.572  -2.877  1.00 29.22 ? 54  GLY A O   1 
ATOM   403 N N   . PRO A 1 56 ? 9.881   -4.602  -4.160  1.00 30.82 ? 55  PRO A N   1 
ATOM   404 C CA  . PRO A 1 56 ? 9.114   -4.545  -5.398  1.00 30.43 ? 55  PRO A CA  1 
ATOM   405 C C   . PRO A 1 56 ? 8.411   -5.848  -5.800  1.00 31.82 ? 55  PRO A C   1 
ATOM   406 O O   . PRO A 1 56 ? 7.330   -5.797  -6.367  1.00 31.26 ? 55  PRO A O   1 
ATOM   407 C CB  . PRO A 1 56 ? 10.175  -4.193  -6.436  1.00 33.21 ? 55  PRO A CB  1 
ATOM   408 C CG  . PRO A 1 56 ? 11.193  -3.436  -5.676  1.00 34.01 ? 55  PRO A CG  1 
ATOM   409 C CD  . PRO A 1 56 ? 11.259  -4.105  -4.351  1.00 33.20 ? 55  PRO A CD  1 
ATOM   410 N N   . LYS A 1 57 ? 9.000   -7.001  -5.506  1.00 34.72 ? 56  LYS A N   1 
ATOM   411 C CA  . LYS A 1 57 ? 8.348   -8.287  -5.799  1.00 37.31 ? 56  LYS A CA  1 
ATOM   412 C C   . LYS A 1 57 ? 6.953   -8.438  -5.170  1.00 35.93 ? 56  LYS A C   1 
ATOM   413 O O   . LYS A 1 57 ? 6.167   -9.262  -5.602  1.00 37.17 ? 56  LYS A O   1 
ATOM   414 C CB  . LYS A 1 57 ? 9.236   -9.445  -5.354  1.00 40.97 ? 56  LYS A CB  1 
ATOM   415 C CG  . LYS A 1 57 ? 9.367   -9.584  -3.836  1.00 42.51 ? 56  LYS A CG  1 
ATOM   416 C CD  . LYS A 1 57 ? 10.239  -10.779 -3.457  1.00 48.18 ? 56  LYS A CD  1 
ATOM   417 C CE  . LYS A 1 57 ? 9.861   -11.324 -2.077  1.00 50.56 ? 56  LYS A CE  1 
ATOM   418 N NZ  . LYS A 1 57 ? 8.536   -12.030 -2.100  1.00 52.44 ? 56  LYS A NZ  1 
ATOM   419 N N   . ASP A 1 58 ? 6.650   -7.634  -4.153  1.00 34.24 ? 57  ASP A N   1 
ATOM   420 C CA  . ASP A 1 58 ? 5.319   -7.630  -3.545  1.00 33.51 ? 57  ASP A CA  1 
ATOM   421 C C   . ASP A 1 58 ? 4.533   -6.398  -3.881  1.00 31.02 ? 57  ASP A C   1 
ATOM   422 O O   . ASP A 1 58 ? 3.497   -6.159  -3.275  1.00 30.34 ? 57  ASP A O   1 
ATOM   423 C CB  . ASP A 1 58 ? 5.443   -7.753  -2.036  1.00 33.45 ? 57  ASP A CB  1 
ATOM   424 C CG  . ASP A 1 58 ? 5.948   -9.096  -1.622  1.00 38.36 ? 57  ASP A CG  1 
ATOM   425 O OD1 . ASP A 1 58 ? 5.422   -10.105 -2.158  1.00 43.34 ? 57  ASP A OD1 1 
ATOM   426 O OD2 . ASP A 1 58 ? 6.875   -9.153  -0.782  1.00 39.92 ? 57  ASP A OD2 1 
ATOM   427 N N   . LEU A 1 59 ? 5.008   -5.619  -4.853  1.00 30.90 ? 58  LEU A N   1 
ATOM   428 C CA  . LEU A 1 59 ? 4.407   -4.307  -5.155  1.00 28.69 ? 58  LEU A CA  1 
ATOM   429 C C   . LEU A 1 59 ? 3.907   -4.255  -6.592  1.00 30.56 ? 58  LEU A C   1 
ATOM   430 O O   . LEU A 1 59 ? 4.676   -4.427  -7.534  1.00 32.36 ? 58  LEU A O   1 
ATOM   431 C CB  . LEU A 1 59 ? 5.409   -3.165  -4.892  1.00 27.60 ? 58  LEU A CB  1 
ATOM   432 C CG  . LEU A 1 59 ? 5.956   -3.074  -3.461  1.00 26.03 ? 58  LEU A CG  1 
ATOM   433 C CD1 . LEU A 1 59 ? 6.928   -1.913  -3.354  1.00 25.23 ? 58  LEU A CD1 1 
ATOM   434 C CD2 . LEU A 1 59 ? 4.846   -2.948  -2.433  1.00 21.50 ? 58  LEU A CD2 1 
ATOM   435 N N   . PHE A 1 60 ? 2.608   -3.990  -6.729  1.00 30.84 ? 59  PHE A N   1 
ATOM   436 C CA  . PHE A 1 60 ? 1.894   -4.077  -7.989  1.00 33.51 ? 59  PHE A CA  1 
ATOM   437 C C   . PHE A 1 60 ? 1.294   -2.709  -8.347  1.00 33.22 ? 59  PHE A C   1 
ATOM   438 O O   . PHE A 1 60 ? 0.427   -2.234  -7.637  1.00 31.08 ? 59  PHE A O   1 
ATOM   439 C CB  . PHE A 1 60 ? 0.761   -5.100  -7.831  1.00 35.03 ? 59  PHE A CB  1 
ATOM   440 C CG  . PHE A 1 60 ? 1.234   -6.522  -7.637  1.00 37.05 ? 59  PHE A CG  1 
ATOM   441 C CD1 . PHE A 1 60 ? 1.235   -7.417  -8.696  1.00 40.84 ? 59  PHE A CD1 1 
ATOM   442 C CD2 . PHE A 1 60 ? 1.656   -6.964  -6.389  1.00 36.67 ? 59  PHE A CD2 1 
ATOM   443 C CE1 . PHE A 1 60 ? 1.678   -8.739  -8.525  1.00 45.78 ? 59  PHE A CE1 1 
ATOM   444 C CE2 . PHE A 1 60 ? 2.091   -8.285  -6.196  1.00 39.56 ? 59  PHE A CE2 1 
ATOM   445 C CZ  . PHE A 1 60 ? 2.108   -9.171  -7.264  1.00 44.41 ? 59  PHE A CZ  1 
ATOM   446 N N   . PRO A 1 61 ? 1.746   -2.075  -9.449  1.00 36.21 ? 60  PRO A N   1 
ATOM   447 C CA  . PRO A 1 61 ? 1.231   -0.747  -9.806  1.00 36.91 ? 60  PRO A CA  1 
ATOM   448 C C   . PRO A 1 61 ? -0.288  -0.688  -9.813  1.00 38.10 ? 60  PRO A C   1 
ATOM   449 O O   . PRO A 1 61 ? -0.923  -1.607  -10.345 1.00 41.21 ? 60  PRO A O   1 
ATOM   450 C CB  . PRO A 1 61 ? 1.769   -0.531  -11.220 1.00 40.49 ? 60  PRO A CB  1 
ATOM   451 C CG  . PRO A 1 61 ? 3.022   -1.278  -11.246 1.00 40.97 ? 60  PRO A CG  1 
ATOM   452 C CD  . PRO A 1 61 ? 2.787   -2.510  -10.395 1.00 39.42 ? 60  PRO A CD  1 
ATOM   453 N N   . TYR A 1 62 ? -0.852  0.384   -9.246  1.00 36.99 ? 61  TYR A N   1 
ATOM   454 C CA  . TYR A 1 62 ? -2.297  0.511   -9.050  1.00 37.62 ? 61  TYR A CA  1 
ATOM   455 C C   . TYR A 1 62 ? -3.133  0.390   -10.336 1.00 41.57 ? 61  TYR A C   1 
ATOM   456 O O   . TYR A 1 62 ? -4.032  -0.446  -10.418 1.00 43.05 ? 61  TYR A O   1 
ATOM   457 C CB  . TYR A 1 62 ? -2.610  1.847   -8.349  1.00 36.12 ? 61  TYR A CB  1 
ATOM   458 C CG  . TYR A 1 62 ? -4.088  2.140   -8.185  1.00 38.11 ? 61  TYR A CG  1 
ATOM   459 C CD1 . TYR A 1 62 ? -4.910  1.287   -7.459  1.00 39.56 ? 61  TYR A CD1 1 
ATOM   460 C CD2 . TYR A 1 62 ? -4.661  3.279   -8.745  1.00 42.45 ? 61  TYR A CD2 1 
ATOM   461 C CE1 . TYR A 1 62 ? -6.281  1.551   -7.295  1.00 41.33 ? 61  TYR A CE1 1 
ATOM   462 C CE2 . TYR A 1 62 ? -6.037  3.559   -8.588  1.00 44.38 ? 61  TYR A CE2 1 
ATOM   463 C CZ  . TYR A 1 62 ? -6.836  2.687   -7.861  1.00 43.56 ? 61  TYR A CZ  1 
ATOM   464 O OH  . TYR A 1 62 ? -8.185  2.954   -7.705  1.00 45.71 ? 61  TYR A OH  1 
ATOM   465 N N   . ASP A 1 63 ? -2.849  1.215   -11.333 1.00 44.06 ? 62  ASP A N   1 
ATOM   466 C CA  . ASP A 1 63 ? -3.752  1.314   -12.481 1.00 48.98 ? 62  ASP A CA  1 
ATOM   467 C C   . ASP A 1 63 ? -3.666  0.111   -13.432 1.00 52.63 ? 62  ASP A C   1 
ATOM   468 O O   . ASP A 1 63 ? -4.668  -0.279  -14.033 1.00 56.56 ? 62  ASP A O   1 
ATOM   469 C CB  . ASP A 1 63 ? -3.546  2.640   -13.224 1.00 51.71 ? 62  ASP A CB  1 
ATOM   470 C CG  . ASP A 1 63 ? -3.930  3.850   -12.366 1.00 50.67 ? 62  ASP A CG  1 
ATOM   471 O OD1 . ASP A 1 63 ? -5.025  4.436   -12.593 1.00 53.25 ? 62  ASP A OD1 1 
ATOM   472 O OD2 . ASP A 1 63 ? -3.143  4.188   -11.442 1.00 50.30 ? 62  ASP A OD2 1 
ATOM   473 N N   . LYS A 1 64 ? -2.480  -0.474  -13.564 1.00 52.29 ? 63  LYS A N   1 
ATOM   474 C CA  . LYS A 1 64 ? -2.333  -1.760  -14.245 1.00 55.62 ? 63  LYS A CA  1 
ATOM   475 C C   . LYS A 1 64 ? -3.157  -2.824  -13.527 1.00 54.59 ? 63  LYS A C   1 
ATOM   476 O O   . LYS A 1 64 ? -3.926  -3.531  -14.155 1.00 58.62 ? 63  LYS A O   1 
ATOM   477 C CB  . LYS A 1 64 ? -0.859  -2.201  -14.276 1.00 55.41 ? 63  LYS A CB  1 
ATOM   478 C CG  . LYS A 1 64 ? -0.585  -3.499  -15.062 1.00 60.01 ? 63  LYS A CG  1 
ATOM   479 C CD  . LYS A 1 64 ? 0.808   -4.058  -14.770 1.00 59.06 ? 63  LYS A CD  1 
ATOM   480 C CE  . LYS A 1 64 ? 1.244   -5.105  -15.791 1.00 64.12 ? 63  LYS A CE  1 
ATOM   481 N NZ  . LYS A 1 64 ? 0.520   -6.382  -15.631 1.00 66.37 ? 63  LYS A NZ  1 
ATOM   482 N N   . CYS A 1 65 ? -3.017  -2.912  -12.205 1.00 49.76 ? 64  CYS A N   1 
ATOM   483 C CA  . CYS A 1 65 ? -3.523  -4.072  -11.459 1.00 49.86 ? 64  CYS A CA  1 
ATOM   484 C C   . CYS A 1 65 ? -4.928  -3.982  -10.809 1.00 49.73 ? 64  CYS A C   1 
ATOM   485 O O   . CYS A 1 65 ? -5.444  -4.998  -10.325 1.00 50.92 ? 64  CYS A O   1 
ATOM   486 C CB  . CYS A 1 65 ? -2.476  -4.464  -10.423 1.00 46.45 ? 64  CYS A CB  1 
ATOM   487 S SG  . CYS A 1 65 ? -0.905  -4.881  -11.239 1.00 48.14 ? 64  CYS A SG  1 
ATOM   488 N N   . LYS A 1 66 ? -5.547  -2.800  -10.811 1.00 48.85 ? 65  LYS A N   1 
ATOM   489 C CA  . LYS A 1 66 ? -6.785  -2.586  -10.036 1.00 48.59 ? 65  LYS A CA  1 
ATOM   490 C C   . LYS A 1 66 ? -7.962  -3.421  -10.516 1.00 53.55 ? 65  LYS A C   1 
ATOM   491 O O   . LYS A 1 66 ? -8.750  -3.900  -9.704  1.00 53.77 ? 65  LYS A O   1 
ATOM   492 C CB  . LYS A 1 66 ? -7.176  -1.096  -9.971  1.00 47.22 ? 65  LYS A CB  1 
ATOM   493 C CG  . LYS A 1 66 ? -7.423  -0.394  -11.300 1.00 51.21 ? 65  LYS A CG  1 
ATOM   494 C CD  . LYS A 1 66 ? -7.615  1.094   -11.046 1.00 51.02 ? 65  LYS A CD  1 
ATOM   495 C CE  . LYS A 1 66 ? -7.644  1.925   -12.326 1.00 56.41 ? 65  LYS A CE  1 
ATOM   496 N NZ  . LYS A 1 66 ? -7.526  3.397   -12.001 1.00 56.18 ? 65  LYS A NZ  1 
ATOM   497 N N   . ASP A 1 67 ? -8.075  -3.609  -11.824 1.00 58.06 ? 66  ASP A N   1 
ATOM   498 C CA  . ASP A 1 67 ? -9.061  -4.529  -12.353 1.00 64.03 ? 66  ASP A CA  1 
ATOM   499 C C   . ASP A 1 67 ? -8.921  -5.932  -11.732 1.00 64.75 ? 66  ASP A C   1 
ATOM   500 O O   . ASP A 1 67 ? -9.920  -6.608  -11.509 1.00 68.53 ? 66  ASP A O   1 
ATOM   501 C CB  . ASP A 1 67 ? -8.971  -4.603  -13.889 1.00 69.97 ? 66  ASP A CB  1 
ATOM   502 C CG  . ASP A 1 67 ? -9.594  -3.377  -14.585 1.00 72.27 ? 66  ASP A CG  1 
ATOM   503 O OD1 . ASP A 1 67 ? -9.914  -2.362  -13.905 1.00 68.57 ? 66  ASP A OD1 1 
ATOM   504 O OD2 . ASP A 1 67 ? -9.759  -3.446  -15.826 1.00 78.30 ? 66  ASP A OD2 1 
ATOM   505 N N   . LYS A 1 68 ? -7.693  -6.359  -11.445 1.00 61.67 ? 67  LYS A N   1 
ATOM   506 C CA  . LYS A 1 68 ? -7.459  -7.681  -10.855 1.00 62.77 ? 67  LYS A CA  1 
ATOM   507 C C   . LYS A 1 68 ? -7.706  -7.686  -9.342  1.00 58.70 ? 67  LYS A C   1 
ATOM   508 O O   . LYS A 1 68 ? -8.440  -8.539  -8.828  1.00 61.87 ? 67  LYS A O   1 
ATOM   509 C CB  . LYS A 1 68 ? -6.031  -8.170  -11.153 1.00 62.26 ? 67  LYS A CB  1 
ATOM   510 C CG  . LYS A 1 68 ? -5.783  -9.628  -10.737 1.00 65.75 ? 67  LYS A CG  1 
ATOM   511 C CD  . LYS A 1 68 ? -4.497  -10.204 -11.341 1.00 67.69 ? 67  LYS A CD  1 
ATOM   512 C CE  . LYS A 1 68 ? -4.330  -11.708 -11.012 1.00 72.12 ? 67  LYS A CE  1 
ATOM   513 N NZ  . LYS A 1 68 ? -3.543  -12.469 -12.040 1.00 76.51 ? 67  LYS A NZ  1 
ATOM   514 N N   . TYR A 1 69 ? -7.091  -6.740  -8.636  1.00 52.09 ? 68  TYR A N   1 
ATOM   515 C CA  . TYR A 1 69 ? -7.113  -6.734  -7.167  1.00 48.63 ? 68  TYR A CA  1 
ATOM   516 C C   . TYR A 1 69 ? -8.030  -5.677  -6.528  1.00 45.94 ? 68  TYR A C   1 
ATOM   517 O O   . TYR A 1 69 ? -8.216  -5.681  -5.323  1.00 44.25 ? 68  TYR A O   1 
ATOM   518 C CB  . TYR A 1 69 ? -5.697  -6.533  -6.621  1.00 44.65 ? 68  TYR A CB  1 
ATOM   519 C CG  . TYR A 1 69 ? -4.673  -7.536  -7.098  1.00 45.52 ? 68  TYR A CG  1 
ATOM   520 C CD1 . TYR A 1 69 ? -4.906  -8.915  -7.001  1.00 49.89 ? 68  TYR A CD1 1 
ATOM   521 C CD2 . TYR A 1 69 ? -3.454  -7.108  -7.614  1.00 42.89 ? 68  TYR A CD2 1 
ATOM   522 C CE1 . TYR A 1 69 ? -3.935  -9.851  -7.435  1.00 52.15 ? 68  TYR A CE1 1 
ATOM   523 C CE2 . TYR A 1 69 ? -2.484  -8.021  -8.051  1.00 45.92 ? 68  TYR A CE2 1 
ATOM   524 C CZ  . TYR A 1 69 ? -2.723  -9.391  -7.958  1.00 49.90 ? 68  TYR A CZ  1 
ATOM   525 O OH  . TYR A 1 69 ? -1.752  -10.268 -8.389  1.00 51.58 ? 68  TYR A OH  1 
ATOM   526 N N   . GLY A 1 70 ? -8.602  -4.786  -7.321  1.00 45.84 ? 69  GLY A N   1 
ATOM   527 C CA  . GLY A 1 70 ? -9.411  -3.700  -6.775  1.00 44.14 ? 69  GLY A CA  1 
ATOM   528 C C   . GLY A 1 70 ? -10.869 -4.021  -6.470  1.00 47.80 ? 69  GLY A C   1 
ATOM   529 O O   . GLY A 1 70 ? -11.647 -3.125  -6.148  1.00 47.28 ? 69  GLY A O   1 
ATOM   530 N N   . LYS A 1 71 ? -11.252 -5.287  -6.564  1.00 52.32 ? 70  LYS A N   1 
ATOM   531 C CA  . LYS A 1 71 ? -12.627 -5.672  -6.286  1.00 56.79 ? 70  LYS A CA  1 
ATOM   532 C C   . LYS A 1 71 ? -12.833 -5.747  -4.771  1.00 55.74 ? 70  LYS A C   1 
ATOM   533 O O   . LYS A 1 71 ? -11.938 -6.151  -4.043  1.00 54.07 ? 70  LYS A O   1 
ATOM   534 C CB  . LYS A 1 71 ? -12.940 -7.000  -6.970  1.00 63.02 ? 70  LYS A CB  1 
ATOM   535 C CG  . LYS A 1 71 ? -12.857 -6.909  -8.499  1.00 65.20 ? 70  LYS A CG  1 
ATOM   536 C CD  . LYS A 1 71 ? -12.815 -8.266  -9.163  1.00 71.18 ? 70  LYS A CD  1 
ATOM   537 C CE  . LYS A 1 71 ? -12.802 -8.129  -10.684 1.00 75.22 ? 70  LYS A CE  1 
ATOM   538 N NZ  . LYS A 1 71 ? -12.855 -9.450  -11.397 1.00 82.90 ? 70  LYS A NZ  1 
ATOM   539 N N   . PRO A 1 72 ? -13.985 -5.297  -4.280  1.00 57.57 ? 71  PRO A N   1 
ATOM   540 C CA  . PRO A 1 72 ? -14.274 -5.401  -2.853  1.00 57.80 ? 71  PRO A CA  1 
ATOM   541 C C   . PRO A 1 72 ? -14.074 -6.798  -2.256  1.00 61.54 ? 71  PRO A C   1 
ATOM   542 O O   . PRO A 1 72 ? -14.310 -7.799  -2.925  1.00 66.13 ? 71  PRO A O   1 
ATOM   543 C CB  . PRO A 1 72 ? -15.745 -5.013  -2.780  1.00 61.64 ? 71  PRO A CB  1 
ATOM   544 C CG  . PRO A 1 72 ? -15.925 -4.039  -3.889  1.00 60.38 ? 71  PRO A CG  1 
ATOM   545 C CD  . PRO A 1 72 ? -14.913 -4.379  -4.959  1.00 58.81 ? 71  PRO A CD  1 
ATOM   546 N N   . ASN A 1 73 ? -13.617 -6.837  -1.009  1.00 60.34 ? 72  ASN A N   1 
ATOM   547 C CA  . ASN A 1 73 ? -13.507 -8.071  -0.232  1.00 64.74 ? 72  ASN A CA  1 
ATOM   548 C C   . ASN A 1 73 ? -14.423 -7.956  0.963   1.00 67.86 ? 72  ASN A C   1 
ATOM   549 O O   . ASN A 1 73 ? -14.994 -6.897  1.204   1.00 65.98 ? 72  ASN A O   1 
ATOM   550 C CB  . ASN A 1 73 ? -12.083 -8.257  0.301   1.00 61.38 ? 72  ASN A CB  1 
ATOM   551 C CG  . ASN A 1 73 ? -11.048 -8.411  -0.794  1.00 59.22 ? 72  ASN A CG  1 
ATOM   552 O OD1 . ASN A 1 73 ? -11.372 -8.566  -1.967  1.00 62.51 ? 72  ASN A OD1 1 
ATOM   553 N ND2 . ASN A 1 73 ? -9.785  -8.387  -0.405  1.00 57.05 ? 72  ASN A ND2 1 
ATOM   554 N N   . LYS A 1 74 ? -14.533 -9.037  1.729   1.00 73.09 ? 73  LYS A N   1 
ATOM   555 C CA  . LYS A 1 74 ? -15.253 -9.021  3.006   1.00 77.03 ? 73  LYS A CA  1 
ATOM   556 C C   . LYS A 1 74 ? -14.274 -8.880  4.181   1.00 74.60 ? 73  LYS A C   1 
ATOM   557 O O   . LYS A 1 74 ? -14.662 -9.045  5.345   1.00 78.82 ? 73  LYS A O   1 
ATOM   558 C CB  . LYS A 1 74 ? -16.094 -10.299 3.164   1.00 85.84 ? 73  LYS A CB  1 
ATOM   559 N N   . ARG A 1 75 ? -13.012 -8.571  3.867   1.00 68.67 ? 74  ARG A N   1 
ATOM   560 C CA  . ARG A 1 75 ? -11.945 -8.489  4.862   1.00 66.82 ? 74  ARG A CA  1 
ATOM   561 C C   . ARG A 1 75 ? -11.919 -7.120  5.533   1.00 62.65 ? 74  ARG A C   1 
ATOM   562 O O   . ARG A 1 75 ? -11.880 -6.081  4.852   1.00 57.82 ? 74  ARG A O   1 
ATOM   563 C CB  . ARG A 1 75 ? -10.594 -8.761  4.210   1.00 63.21 ? 74  ARG A CB  1 
ATOM   564 C CG  . ARG A 1 75 ? -10.490 -10.115 3.542   1.00 68.89 ? 74  ARG A CG  1 
ATOM   565 C CD  . ARG A 1 75 ? -10.333 -11.231 4.574   1.00 77.31 ? 74  ARG A CD  1 
ATOM   566 N NE  . ARG A 1 75 ? -8.967  -11.278 5.109   1.00 77.03 ? 74  ARG A NE  1 
ATOM   567 C CZ  . ARG A 1 75 ? -8.048  -12.207 4.823   1.00 79.65 ? 74  ARG A CZ  1 
ATOM   568 N NH1 . ARG A 1 75 ? -8.317  -13.229 3.998   1.00 83.65 ? 74  ARG A NH1 1 
ATOM   569 N NH2 . ARG A 1 75 ? -6.841  -12.122 5.379   1.00 78.08 ? 74  ARG A NH2 1 
ATOM   570 N N   . LYS A 1 76 ? -11.938 -7.126  6.869   1.00 65.14 ? 75  LYS A N   1 
ATOM   571 C CA  . LYS A 1 76 ? -11.937 -5.898  7.659   1.00 62.67 ? 75  LYS A CA  1 
ATOM   572 C C   . LYS A 1 76 ? -10.933 -4.896  7.107   1.00 55.37 ? 75  LYS A C   1 
ATOM   573 O O   . LYS A 1 76 ? -9.756  -5.212  6.919   1.00 53.06 ? 75  LYS A O   1 
ATOM   574 C CB  . LYS A 1 76 ? -11.620 -6.190  9.124   1.00 67.04 ? 75  LYS A CB  1 
ATOM   575 N N   . GLY A 1 77 ? -11.421 -3.694  6.815   1.00 52.10 ? 76  GLY A N   1 
ATOM   576 C CA  . GLY A 1 77 ? -10.569 -2.602  6.376   1.00 46.21 ? 76  GLY A CA  1 
ATOM   577 C C   . GLY A 1 77 ? -10.328 -2.515  4.878   1.00 42.05 ? 76  GLY A C   1 
ATOM   578 O O   . GLY A 1 77 ? -9.832  -1.493  4.404   1.00 38.49 ? 76  GLY A O   1 
ATOM   579 N N   . PHE A 1 78 ? -10.678 -3.557  4.116   1.00 43.14 ? 77  PHE A N   1 
ATOM   580 C CA  . PHE A 1 78 ? -10.332 -3.585  2.682   1.00 39.94 ? 77  PHE A CA  1 
ATOM   581 C C   . PHE A 1 78 ? -11.144 -2.600  1.870   1.00 38.32 ? 77  PHE A C   1 
ATOM   582 O O   . PHE A 1 78 ? -10.590 -1.831  1.088   1.00 35.04 ? 77  PHE A O   1 
ATOM   583 C CB  . PHE A 1 78 ? -10.475 -4.986  2.085   1.00 43.00 ? 77  PHE A CB  1 
ATOM   584 C CG  . PHE A 1 78 ? -9.908  -5.114  0.682   1.00 41.12 ? 77  PHE A CG  1 
ATOM   585 C CD1 . PHE A 1 78 ? -8.617  -5.576  0.477   1.00 39.26 ? 77  PHE A CD1 1 
ATOM   586 C CD2 . PHE A 1 78 ? -10.666 -4.781  -0.432  1.00 42.31 ? 77  PHE A CD2 1 
ATOM   587 C CE1 . PHE A 1 78 ? -8.087  -5.704  -0.817  1.00 37.72 ? 77  PHE A CE1 1 
ATOM   588 C CE2 . PHE A 1 78 ? -10.133 -4.915  -1.728  1.00 41.26 ? 77  PHE A CE2 1 
ATOM   589 C CZ  . PHE A 1 78 ? -8.848  -5.385  -1.907  1.00 37.78 ? 77  PHE A CZ  1 
ATOM   590 N N   . ASN A 1 79 ? -12.450 -2.630  2.043   1.00 41.65 ? 78  ASN A N   1 
ATOM   591 C CA  . ASN A 1 79 ? -13.329 -1.758  1.285   1.00 41.84 ? 78  ASN A CA  1 
ATOM   592 C C   . ASN A 1 79 ? -13.093 -0.283  1.614   1.00 38.59 ? 78  ASN A C   1 
ATOM   593 O O   . ASN A 1 79 ? -13.061 0.573   0.718   1.00 36.53 ? 78  ASN A O   1 
ATOM   594 C CB  . ASN A 1 79 ? -14.768 -2.173  1.534   1.00 47.23 ? 78  ASN A CB  1 
ATOM   595 C CG  . ASN A 1 79 ? -14.976 -3.625  1.246   1.00 52.38 ? 78  ASN A CG  1 
ATOM   596 O OD1 . ASN A 1 79 ? -14.491 -4.123  0.237   1.00 53.72 ? 78  ASN A OD1 1 
ATOM   597 N ND2 . ASN A 1 79 ? -15.652 -4.334  2.144   1.00 58.81 ? 78  ASN A ND2 1 
ATOM   598 N N   . GLU A 1 80 ? -12.895 -0.004  2.902   1.00 38.85 ? 79  GLU A N   1 
ATOM   599 C CA  . GLU A 1 80 ? -12.446 1.308   3.363   1.00 36.45 ? 79  GLU A CA  1 
ATOM   600 C C   . GLU A 1 80 ? -11.209 1.736   2.602   1.00 31.98 ? 79  GLU A C   1 
ATOM   601 O O   . GLU A 1 80 ? -11.133 2.870   2.138   1.00 30.92 ? 79  GLU A O   1 
ATOM   602 C CB  . GLU A 1 80 ? -12.157 1.288   4.867   1.00 38.29 ? 79  GLU A CB  1 
ATOM   603 C CG  . GLU A 1 80 ? -13.439 1.205   5.764   1.00 44.16 ? 79  GLU A CG  1 
ATOM   604 C CD  . GLU A 1 80 ? -14.045 -0.209  5.908   1.00 50.11 ? 79  GLU A CD  1 
ATOM   605 O OE1 . GLU A 1 80 ? -13.503 -1.195  5.336   1.00 49.74 ? 79  GLU A OE1 1 
ATOM   606 O OE2 . GLU A 1 80 ? -15.087 -0.324  6.606   1.00 56.09 ? 79  GLU A OE2 1 
ATOM   607 N N   . GLY A 1 81 ? -10.253 0.821   2.462   1.00 30.48 ? 80  GLY A N   1 
ATOM   608 C CA  . GLY A 1 81 ? -9.012  1.074   1.716   1.00 27.09 ? 80  GLY A CA  1 
ATOM   609 C C   . GLY A 1 81 ? -9.211  1.353   0.230   1.00 25.79 ? 80  GLY A C   1 
ATOM   610 O O   . GLY A 1 81 ? -8.472  2.134   -0.366  1.00 23.75 ? 80  GLY A O   1 
ATOM   611 N N   . LEU A 1 82 ? -10.198 0.703   -0.374  1.00 27.70 ? 81  LEU A N   1 
ATOM   612 C CA  . LEU A 1 82 ? -10.552 0.988   -1.764  1.00 28.01 ? 81  LEU A CA  1 
ATOM   613 C C   . LEU A 1 82 ? -11.098 2.405   -1.836  1.00 27.59 ? 81  LEU A C   1 
ATOM   614 O O   . LEU A 1 82 ? -10.785 3.143   -2.760  1.00 27.41 ? 81  LEU A O   1 
ATOM   615 C CB  . LEU A 1 82 ? -11.588 -0.019  -2.316  1.00 31.49 ? 81  LEU A CB  1 
ATOM   616 C CG  . LEU A 1 82 ? -11.095 -1.458  -2.564  1.00 33.35 ? 81  LEU A CG  1 
ATOM   617 C CD1 . LEU A 1 82 ? -12.195 -2.351  -3.159  1.00 37.11 ? 81  LEU A CD1 1 
ATOM   618 C CD2 . LEU A 1 82 ? -9.838  -1.486  -3.471  1.00 30.61 ? 81  LEU A CD2 1 
ATOM   619 N N   . TRP A 1 83 ? -11.904 2.797   -0.858  1.00 28.53 ? 82  TRP A N   1 
ATOM   620 C CA  . TRP A 1 83 ? -12.431 4.152   -0.852  1.00 28.56 ? 82  TRP A CA  1 
ATOM   621 C C   . TRP A 1 83 ? -11.268 5.154   -0.790  1.00 25.62 ? 82  TRP A C   1 
ATOM   622 O O   . TRP A 1 83 ? -11.207 6.106   -1.570  1.00 26.01 ? 82  TRP A O   1 
ATOM   623 C CB  . TRP A 1 83 ? -13.435 4.366   0.303   1.00 30.87 ? 82  TRP A CB  1 
ATOM   624 C CG  . TRP A 1 83 ? -14.109 5.728   0.219   1.00 32.32 ? 82  TRP A CG  1 
ATOM   625 C CD1 . TRP A 1 83 ? -15.277 6.038   -0.423  1.00 35.94 ? 82  TRP A CD1 1 
ATOM   626 C CD2 . TRP A 1 83 ? -13.604 6.962   0.747   1.00 31.60 ? 82  TRP A CD2 1 
ATOM   627 N NE1 . TRP A 1 83 ? -15.530 7.383   -0.309  1.00 37.27 ? 82  TRP A NE1 1 
ATOM   628 C CE2 . TRP A 1 83 ? -14.521 7.969   0.404   1.00 34.10 ? 82  TRP A CE2 1 
ATOM   629 C CE3 . TRP A 1 83 ? -12.463 7.305   1.488   1.00 29.20 ? 82  TRP A CE3 1 
ATOM   630 C CZ2 . TRP A 1 83 ? -14.340 9.292   0.777   1.00 35.87 ? 82  TRP A CZ2 1 
ATOM   631 C CZ3 . TRP A 1 83 ? -12.281 8.610   1.854   1.00 30.20 ? 82  TRP A CZ3 1 
ATOM   632 C CH2 . TRP A 1 83 ? -13.205 9.594   1.498   1.00 33.75 ? 82  TRP A CH2 1 
ATOM   633 N N   . GLU A 1 84 ? -10.338 4.915   0.120   1.00 23.65 ? 83  GLU A N   1 
ATOM   634 C CA  . GLU A 1 84 ? -9.236  5.833   0.353   1.00 21.85 ? 83  GLU A CA  1 
ATOM   635 C C   . GLU A 1 84 ? -8.357  5.983   -0.888  1.00 21.00 ? 83  GLU A C   1 
ATOM   636 O O   . GLU A 1 84 ? -8.083  7.086   -1.345  1.00 21.76 ? 83  GLU A O   1 
ATOM   637 C CB  . GLU A 1 84 ? -8.428  5.361   1.556   1.00 21.09 ? 83  GLU A CB  1 
ATOM   638 C CG  . GLU A 1 84 ? -9.171  5.544   2.848   1.00 23.41 ? 83  GLU A CG  1 
ATOM   639 C CD  . GLU A 1 84 ? -8.394  5.109   4.078   1.00 26.04 ? 83  GLU A CD  1 
ATOM   640 O OE1 . GLU A 1 84 ? -7.285  4.550   3.936   1.00 24.64 ? 83  GLU A OE1 1 
ATOM   641 O OE2 . GLU A 1 84 ? -8.911  5.311   5.205   1.00 29.35 ? 83  GLU A OE2 1 
ATOM   642 N N   . ILE A 1 85 ? -7.952  4.875   -1.474  1.00 20.66 ? 84  ILE A N   1 
ATOM   643 C CA  . ILE A 1 85 ? -7.072  4.956   -2.633  1.00 20.43 ? 84  ILE A CA  1 
ATOM   644 C C   . ILE A 1 85 ? -7.770  5.589   -3.831  1.00 22.31 ? 84  ILE A C   1 
ATOM   645 O O   . ILE A 1 85 ? -7.127  6.181   -4.689  1.00 23.03 ? 84  ILE A O   1 
ATOM   646 C CB  . ILE A 1 85 ? -6.507  3.571   -2.986  1.00 19.98 ? 84  ILE A CB  1 
ATOM   647 C CG1 . ILE A 1 85 ? -5.262  3.731   -3.864  1.00 19.67 ? 84  ILE A CG1 1 
ATOM   648 C CG2 . ILE A 1 85 ? -7.610  2.679   -3.604  1.00 21.90 ? 84  ILE A CG2 1 
ATOM   649 C CD1 . ILE A 1 85 ? -4.400  2.440   -4.020  1.00 17.73 ? 84  ILE A CD1 1 
ATOM   650 N N   . GLN A 1 86 ? -9.095  5.499   -3.873  1.00 24.40 ? 85  GLN A N   1 
ATOM   651 C CA  . GLN A 1 86 ? -9.865  6.026   -5.008  1.00 27.08 ? 85  GLN A CA  1 
ATOM   652 C C   . GLN A 1 86 ? -10.249 7.503   -4.873  1.00 27.94 ? 85  GLN A C   1 
ATOM   653 O O   . GLN A 1 86 ? -10.450 8.191   -5.897  1.00 30.15 ? 85  GLN A O   1 
ATOM   654 C CB  . GLN A 1 86 ? -11.144 5.201   -5.190  1.00 29.59 ? 85  GLN A CB  1 
ATOM   655 C CG  . GLN A 1 86 ? -10.852 3.818   -5.722  1.00 32.34 ? 85  GLN A CG  1 
ATOM   656 C CD  . GLN A 1 86 ? -12.057 2.903   -5.718  1.00 36.27 ? 85  GLN A CD  1 
ATOM   657 O OE1 . GLN A 1 86 ? -13.205 3.362   -5.782  1.00 39.82 ? 85  GLN A OE1 1 
ATOM   658 N NE2 . GLN A 1 86 ? -11.803 1.594   -5.653  1.00 35.38 ? 85  GLN A NE2 1 
ATOM   659 N N   . ASN A 1 87 ? -10.393 7.977   -3.632  1.00 26.50 ? 86  ASN A N   1 
ATOM   660 C CA  . ASN A 1 87 ? -10.898 9.332   -3.370  1.00 28.12 ? 86  ASN A CA  1 
ATOM   661 C C   . ASN A 1 87 ? -9.844  10.306  -2.802  1.00 27.35 ? 86  ASN A C   1 
ATOM   662 O O   . ASN A 1 87 ? -9.945  11.498  -3.010  1.00 29.57 ? 86  ASN A O   1 
ATOM   663 C CB  . ASN A 1 87 ? -12.094 9.259   -2.424  1.00 28.99 ? 86  ASN A CB  1 
ATOM   664 C CG  . ASN A 1 87 ? -13.308 8.610   -3.071  1.00 31.68 ? 86  ASN A CG  1 
ATOM   665 O OD1 . ASN A 1 87 ? -14.019 9.248   -3.850  1.00 35.61 ? 86  ASN A OD1 1 
ATOM   666 N ND2 . ASN A 1 87 ? -13.549 7.341   -2.754  1.00 28.92 ? 86  ASN A ND2 1 
ATOM   667 N N   . ASN A 1 88 ? -8.864  9.815   -2.055  1.00 25.04 ? 87  ASN A N   1 
ATOM   668 C CA  . ASN A 1 88 ? -7.833  10.725  -1.534  1.00 25.70 ? 87  ASN A CA  1 
ATOM   669 C C   . ASN A 1 88 ? -6.602  9.942   -1.145  1.00 23.01 ? 87  ASN A C   1 
ATOM   670 O O   . ASN A 1 88 ? -6.245  9.865   0.024   1.00 22.00 ? 87  ASN A O   1 
ATOM   671 C CB  . ASN A 1 88 ? -8.359  11.615  -0.377  1.00 27.68 ? 87  ASN A CB  1 
ATOM   672 C CG  . ASN A 1 88 ? -7.695  13.000  -0.341  1.00 30.80 ? 87  ASN A CG  1 
ATOM   673 O OD1 . ASN A 1 88 ? -6.590  13.186  -0.837  1.00 34.14 ? 87  ASN A OD1 1 
ATOM   674 N ND2 . ASN A 1 88 ? -8.377  13.965  0.251   1.00 34.38 ? 87  ASN A ND2 1 
ATOM   675 N N   . PRO A 1 89 ? -5.943  9.359   -2.157  1.00 22.18 ? 88  PRO A N   1 
ATOM   676 C CA  . PRO A 1 89 ? -4.755  8.560   -1.972  1.00 20.78 ? 88  PRO A CA  1 
ATOM   677 C C   . PRO A 1 89 ? -3.551  9.305   -1.359  1.00 22.04 ? 88  PRO A C   1 
ATOM   678 O O   . PRO A 1 89 ? -2.671  8.649   -0.795  1.00 21.02 ? 88  PRO A O   1 
ATOM   679 C CB  . PRO A 1 89 ? -4.430  8.113   -3.400  1.00 21.66 ? 88  PRO A CB  1 
ATOM   680 C CG  . PRO A 1 89 ? -5.117  9.105   -4.306  1.00 22.37 ? 88  PRO A CG  1 
ATOM   681 C CD  . PRO A 1 89 ? -6.331  9.447   -3.585  1.00 23.47 ? 88  PRO A CD  1 
ATOM   682 N N   . HIS A 1 90 ? -3.506  10.640  -1.480  1.00 24.82 ? 89  HIS A N   1 
ATOM   683 C CA  . HIS A 1 90 ? -2.359  11.453  -0.983  1.00 27.25 ? 89  HIS A CA  1 
ATOM   684 C C   . HIS A 1 90 ? -2.658  12.342  0.259   1.00 29.59 ? 89  HIS A C   1 
ATOM   685 O O   . HIS A 1 90 ? -1.847  13.194  0.637   1.00 31.88 ? 89  HIS A O   1 
ATOM   686 C CB  . HIS A 1 90 ? -1.801  12.304  -2.129  1.00 29.73 ? 89  HIS A CB  1 
ATOM   687 C CG  . HIS A 1 90 ? -1.596  11.535  -3.395  1.00 29.11 ? 89  HIS A CG  1 
ATOM   688 N ND1 . HIS A 1 90 ? -0.629  10.557  -3.526  1.00 28.47 ? 89  HIS A ND1 1 
ATOM   689 C CD2 . HIS A 1 90 ? -2.241  11.590  -4.586  1.00 29.25 ? 89  HIS A CD2 1 
ATOM   690 C CE1 . HIS A 1 90 ? -0.679  10.055  -4.748  1.00 27.87 ? 89  HIS A CE1 1 
ATOM   691 N NE2 . HIS A 1 90 ? -1.651  10.662  -5.409  1.00 29.10 ? 89  HIS A NE2 1 
ATOM   692 N N   . ALA A 1 91 ? -3.805  12.111  0.898   1.00 29.72 ? 90  ALA A N   1 
ATOM   693 C CA  . ALA A 1 91 ? -4.160  12.795  2.138   1.00 32.87 ? 90  ALA A CA  1 
ATOM   694 C C   . ALA A 1 91 ? -3.335  12.295  3.318   1.00 34.09 ? 90  ALA A C   1 
ATOM   695 O O   . ALA A 1 91 ? -2.644  11.277  3.234   1.00 31.60 ? 90  ALA A O   1 
ATOM   696 C CB  . ALA A 1 91 ? -5.643  12.610  2.432   1.00 32.42 ? 90  ALA A CB  1 
ATOM   697 N N   . SER A 1 92 ? -3.400  13.033  4.417   1.00 39.03 ? 91  SER A N   1 
ATOM   698 C CA  . SER A 1 92 ? -2.824  12.575  5.681   1.00 41.90 ? 91  SER A CA  1 
ATOM   699 C C   . SER A 1 92 ? -3.861  11.702  6.333   1.00 41.52 ? 91  SER A C   1 
ATOM   700 O O   . SER A 1 92 ? -4.991  12.131  6.502   1.00 42.89 ? 91  SER A O   1 
ATOM   701 C CB  . SER A 1 92 ? -2.512  13.750  6.610   1.00 47.29 ? 91  SER A CB  1 
ATOM   702 O OG  . SER A 1 92 ? -1.504  14.583  6.066   1.00 50.57 ? 91  SER A OG  1 
ATOM   703 N N   . TYR A 1 93 ? -3.501  10.476  6.685   1.00 41.11 ? 92  TYR A N   1 
ATOM   704 C CA  . TYR A 1 93 ? -4.410  9.638   7.472   1.00 42.12 ? 92  TYR A CA  1 
ATOM   705 C C   . TYR A 1 93 ? -3.934  9.526   8.920   1.00 47.08 ? 92  TYR A C   1 
ATOM   706 O O   . TYR A 1 93 ? -4.414  8.669   9.669   1.00 48.96 ? 92  TYR A O   1 
ATOM   707 C CB  . TYR A 1 93 ? -4.579  8.280   6.797   1.00 38.53 ? 92  TYR A CB  1 
ATOM   708 C CG  . TYR A 1 93 ? -5.357  8.402   5.496   1.00 34.89 ? 92  TYR A CG  1 
ATOM   709 C CD1 . TYR A 1 93 ? -6.749  8.348   5.486   1.00 35.53 ? 92  TYR A CD1 1 
ATOM   710 C CD2 . TYR A 1 93 ? -4.702  8.619   4.290   1.00 31.48 ? 92  TYR A CD2 1 
ATOM   711 C CE1 . TYR A 1 93 ? -7.476  8.482   4.292   1.00 34.76 ? 92  TYR A CE1 1 
ATOM   712 C CE2 . TYR A 1 93 ? -5.411  8.738   3.089   1.00 30.71 ? 92  TYR A CE2 1 
ATOM   713 C CZ  . TYR A 1 93 ? -6.792  8.682   3.095   1.00 32.34 ? 92  TYR A CZ  1 
ATOM   714 O OH  . TYR A 1 93 ? -7.491  8.823   1.914   1.00 31.70 ? 92  TYR A OH  1 
ATOM   715 N N   . SER A 1 94 ? -3.023  10.429  9.314   1.00 50.64 ? 93  SER A N   1 
ATOM   716 C CA  . SER A 1 94 ? -2.428  10.412  10.648  1.00 55.84 ? 93  SER A CA  1 
ATOM   717 C C   . SER A 1 94 ? -3.507  10.492  11.714  1.00 59.60 ? 93  SER A C   1 
ATOM   718 O O   . SER A 1 94 ? -3.827  11.576  12.194  1.00 64.07 ? 93  SER A O   1 
ATOM   719 C CB  . SER A 1 94 ? -1.433  11.573  10.816  1.00 59.56 ? 93  SER A CB  1 
ATOM   720 N N   . GLN B 2 4  ? 4.150   5.872   12.647  1.00 47.24 ? 76  GLN T N   1 
ATOM   721 C CA  . GLN B 2 4  ? 4.180   4.531   11.985  1.00 47.06 ? 76  GLN T CA  1 
ATOM   722 C C   . GLN B 2 4  ? 3.566   3.483   12.879  1.00 47.21 ? 76  GLN T C   1 
ATOM   723 O O   . GLN B 2 4  ? 4.000   3.293   13.998  1.00 47.44 ? 76  GLN T O   1 
ATOM   724 C CB  . GLN B 2 4  ? 5.601   4.119   11.671  1.00 46.79 ? 76  GLN T CB  1 
ATOM   725 C CG  . GLN B 2 4  ? 6.315   5.036   10.714  1.00 46.35 ? 76  GLN T CG  1 
ATOM   726 C CD  . GLN B 2 4  ? 7.795   4.745   10.667  1.00 46.07 ? 76  GLN T CD  1 
ATOM   727 O OE1 . GLN B 2 4  ? 8.434   4.625   11.704  1.00 45.43 ? 76  GLN T OE1 1 
ATOM   728 N NE2 . GLN B 2 4  ? 8.350   4.612   9.458   1.00 45.76 ? 76  GLN T NE2 1 
ATOM   729 N N   . ASP B 2 5  ? 2.552   2.807   12.371  1.00 47.53 ? 77  ASP T N   1 
ATOM   730 C CA  . ASP B 2 5  ? 1.903   1.721   13.075  1.00 47.92 ? 77  ASP T CA  1 
ATOM   731 C C   . ASP B 2 5  ? 2.203   0.467   12.263  1.00 47.72 ? 77  ASP T C   1 
ATOM   732 O O   . ASP B 2 5  ? 1.565   0.209   11.229  1.00 47.46 ? 77  ASP T O   1 
ATOM   733 C CB  . ASP B 2 5  ? 0.394   1.991   13.148  1.00 48.44 ? 77  ASP T CB  1 
ATOM   734 C CG  . ASP B 2 5  ? -0.323  1.130   14.178  1.00 49.49 ? 77  ASP T CG  1 
ATOM   735 O OD1 . ASP B 2 5  ? -0.085  -0.105  14.227  1.00 51.03 ? 77  ASP T OD1 1 
ATOM   736 O OD2 . ASP B 2 5  ? -1.151  1.708   14.923  1.00 51.35 ? 77  ASP T OD2 1 
ATOM   737 N N   . PHE B 2 6  ? 3.173   -0.312  12.740  1.00 47.43 ? 78  PHE T N   1 
ATOM   738 C CA  . PHE B 2 6  ? 3.734   -1.415  11.962  1.00 47.24 ? 78  PHE T CA  1 
ATOM   739 C C   . PHE B 2 6  ? 2.787   -2.602  11.867  1.00 47.15 ? 78  PHE T C   1 
ATOM   740 O O   . PHE B 2 6  ? 2.206   -3.019  12.859  1.00 47.20 ? 78  PHE T O   1 
ATOM   741 C CB  . PHE B 2 6  ? 5.083   -1.829  12.538  1.00 47.22 ? 78  PHE T CB  1 
ATOM   742 C CG  . PHE B 2 6  ? 6.084   -0.706  12.576  1.00 46.69 ? 78  PHE T CG  1 
ATOM   743 C CD1 . PHE B 2 6  ? 6.725   -0.293  11.417  1.00 46.26 ? 78  PHE T CD1 1 
ATOM   744 C CD2 . PHE B 2 6  ? 6.365   -0.048  13.763  1.00 46.67 ? 78  PHE T CD2 1 
ATOM   745 C CE1 . PHE B 2 6  ? 7.643   0.756   11.444  1.00 46.12 ? 78  PHE T CE1 1 
ATOM   746 C CE2 . PHE B 2 6  ? 7.285   1.002   13.797  1.00 46.78 ? 78  PHE T CE2 1 
ATOM   747 C CZ  . PHE B 2 6  ? 7.922   1.401   12.635  1.00 46.71 ? 78  PHE T CZ  1 
HETATM 748 N N   . M3L B 2 7  ? 2.621   -3.122  10.655  1.00 46.99 ? 79  M3L T N   1 
HETATM 749 C CA  . M3L B 2 7  ? 1.725   -4.238  10.405  1.00 46.90 ? 79  M3L T CA  1 
HETATM 750 C CB  . M3L B 2 7  ? 1.325   -4.242  8.932   1.00 46.45 ? 79  M3L T CB  1 
HETATM 751 C CG  . M3L B 2 7  ? 0.223   -5.245  8.637   1.00 45.11 ? 79  M3L T CG  1 
HETATM 752 C CD  . M3L B 2 7  ? -0.554  -4.908  7.367   1.00 43.17 ? 79  M3L T CD  1 
HETATM 753 C CE  . M3L B 2 7  ? -1.790  -5.805  7.314   1.00 41.78 ? 79  M3L T CE  1 
HETATM 754 N NZ  . M3L B 2 7  ? -2.676  -5.612  6.153   1.00 40.88 ? 79  M3L T NZ  1 
HETATM 755 C C   . M3L B 2 7  ? 2.444   -5.504  10.741  1.00 47.74 ? 79  M3L T C   1 
HETATM 756 O O   . M3L B 2 7  ? 3.588   -5.676  10.322  1.00 47.82 ? 79  M3L T O   1 
HETATM 757 C CM1 . M3L B 2 7  ? -3.076  -4.199  6.020   1.00 40.70 ? 79  M3L T CM1 1 
HETATM 758 C CM2 . M3L B 2 7  ? -3.872  -6.437  6.353   1.00 41.11 ? 79  M3L T CM2 1 
HETATM 759 C CM3 . M3L B 2 7  ? -2.044  -6.088  4.926   1.00 40.29 ? 79  M3L T CM3 1 
ATOM   760 N N   . THR B 2 8  ? 1.794   -6.399  11.502  1.00 48.56 ? 80  THR T N   1 
ATOM   761 C CA  . THR B 2 8  ? 2.413   -7.681  11.922  1.00 48.96 ? 80  THR T CA  1 
ATOM   762 C C   . THR B 2 8  ? 2.279   -8.752  10.837  1.00 49.20 ? 80  THR T C   1 
ATOM   763 O O   . THR B 2 8  ? 3.280   -9.217  10.278  1.00 49.85 ? 80  THR T O   1 
ATOM   764 C CB  . THR B 2 8  ? 1.797   -8.217  13.246  1.00 48.87 ? 80  THR T CB  1 
HETATM 765 S S   . SO4 C 3 .  ? -1.896  -16.051 0.974   0.50 48.57 ? 94  SO4 A S   1 
HETATM 766 O O1  . SO4 C 3 .  ? -0.747  -15.200 1.277   0.50 47.65 ? 94  SO4 A O1  1 
HETATM 767 O O2  . SO4 C 3 .  ? -1.665  -17.368 1.572   0.50 47.58 ? 94  SO4 A O2  1 
HETATM 768 O O3  . SO4 C 3 .  ? -3.126  -15.486 1.530   0.50 47.84 ? 94  SO4 A O3  1 
HETATM 769 O O4  . SO4 C 3 .  ? -2.040  -16.153 -0.478  0.50 47.46 ? 94  SO4 A O4  1 
HETATM 770 X UNK . UNX D 4 .  ? 1.154   12.939  7.405   1.00 30.00 ? 95  UNX A UNK 1 
HETATM 771 X UNK . UNX E 4 .  ? -0.015  -10.356 -11.101 1.00 30.00 ? 96  UNX A UNK 1 
HETATM 772 O O   . HOH F 5 .  ? -6.908  6.830   -7.481  1.00 30.17 ? 97  HOH A O   1 
HETATM 773 O O   . HOH F 5 .  ? 6.687   -4.205  -9.200  1.00 27.50 ? 98  HOH A O   1 
HETATM 774 O O   . HOH F 5 .  ? 3.188   8.899   0.000   1.00 34.12 ? 99  HOH A O   1 
HETATM 775 O O   . HOH F 5 .  ? -1.377  -7.664  1.457   1.00 29.45 ? 100 HOH A O   1 
HETATM 776 O O   . HOH F 5 .  ? 2.049   2.937   -9.246  1.00 32.39 ? 101 HOH A O   1 
HETATM 777 O O   . HOH F 5 .  ? 8.906   -7.807  0.301   1.00 29.95 ? 102 HOH A O   1 
HETATM 778 O O   . HOH F 5 .  ? 1.113   8.887   -7.594  1.00 34.25 ? 103 HOH A O   1 
HETATM 779 O O   . HOH F 5 .  ? 1.139   10.465  -1.204  1.00 32.78 ? 104 HOH A O   1 
HETATM 780 O O   . HOH F 5 .  ? 0.609   5.924   -8.648  1.00 28.77 ? 105 HOH A O   1 
HETATM 781 O O   . HOH F 5 .  ? -4.839  15.854  3.868   1.00 43.35 ? 106 HOH A O   1 
# 
loop_
_atom_site_anisotrop.id 
_atom_site_anisotrop.type_symbol 
_atom_site_anisotrop.pdbx_label_atom_id 
_atom_site_anisotrop.pdbx_label_alt_id 
_atom_site_anisotrop.pdbx_label_comp_id 
_atom_site_anisotrop.pdbx_label_asym_id 
_atom_site_anisotrop.pdbx_label_seq_id 
_atom_site_anisotrop.pdbx_PDB_ins_code 
_atom_site_anisotrop.U[1][1] 
_atom_site_anisotrop.U[2][2] 
_atom_site_anisotrop.U[3][3] 
_atom_site_anisotrop.U[1][2] 
_atom_site_anisotrop.U[1][3] 
_atom_site_anisotrop.U[2][3] 
_atom_site_anisotrop.pdbx_auth_seq_id 
_atom_site_anisotrop.pdbx_auth_comp_id 
_atom_site_anisotrop.pdbx_auth_asym_id 
_atom_site_anisotrop.pdbx_auth_atom_id 
1   N N   . PRO A 3  ? 0.9529 1.4134 0.5369 0.3127  0.3230  0.1972  2   PRO A N   
2   C CA  . PRO A 3  ? 0.8490 1.2494 0.5216 0.2560  0.2817  0.1782  2   PRO A CA  
3   C C   . PRO A 3  ? 0.7856 1.1877 0.5831 0.2168  0.3056  0.2018  2   PRO A C   
4   O O   . PRO A 3  ? 0.8047 1.2541 0.6325 0.2310  0.3456  0.2114  2   PRO A O   
5   C CB  . PRO A 3  ? 0.8250 1.2002 0.4677 0.2607  0.2309  0.0939  2   PRO A CB  
6   C CG  . PRO A 3  ? 0.9150 1.3204 0.4413 0.3126  0.2225  0.0674  2   PRO A CG  
7   C CD  . PRO A 3  ? 1.0040 1.4715 0.4802 0.3539  0.2836  0.1296  2   PRO A CD  
8   N N   . HIS A 4  ? 0.7123 1.0681 0.5823 0.1709  0.2780  0.2057  3   HIS A N   
9   C CA  . HIS A 4  ? 0.6617 1.0212 0.6557 0.1323  0.2930  0.2291  3   HIS A CA  
10  C C   . HIS A 4  ? 0.5795 0.9044 0.6156 0.1059  0.2428  0.1755  3   HIS A C   
11  O O   . HIS A 4  ? 0.5566 0.8498 0.5323 0.1146  0.2051  0.1314  3   HIS A O   
12  C CB  . HIS A 4  ? 0.6766 1.0121 0.7186 0.1069  0.3078  0.2851  3   HIS A CB  
13  C CG  . HIS A 4  ? 0.7714 1.1218 0.7363 0.1416  0.3456  0.3413  3   HIS A CG  
14  N ND1 . HIS A 4  ? 0.7997 1.1202 0.6753 0.1597  0.3172  0.3394  3   HIS A ND1 
15  C CD2 . HIS A 4  ? 0.8531 1.2507 0.8139 0.1668  0.4107  0.4041  3   HIS A CD2 
16  C CE1 . HIS A 4  ? 0.9019 1.2502 0.7144 0.1979  0.3587  0.3981  3   HIS A CE1 
17  N NE2 . HIS A 4  ? 0.9362 1.3295 0.7948 0.2036  0.4193  0.4413  3   HIS A NE2 
18  N N   . ALA A 5  ? 0.5346 0.8697 0.6784 0.0761  0.2430  0.1795  4   ALA A N   
19  C CA  . ALA A 5  ? 0.4747 0.7860 0.6520 0.0595  0.1970  0.1343  4   ALA A CA  
20  C C   . ALA A 5  ? 0.4466 0.7020 0.6131 0.0363  0.1611  0.1270  4   ALA A C   
21  O O   . ALA A 5  ? 0.4676 0.7065 0.6384 0.0252  0.1730  0.1598  4   ALA A O   
22  C CB  . ALA A 5  ? 0.4507 0.8033 0.7458 0.0413  0.2022  0.1350  4   ALA A CB  
23  N N   . PHE A 6  ? 0.4097 0.6352 0.5611 0.0333  0.1208  0.0876  5   PHE A N   
24  C CA  . PHE A 6  ? 0.3876 0.5662 0.5313 0.0149  0.0891  0.0773  5   PHE A CA  
25  C C   . PHE A 6  ? 0.3771 0.5599 0.6122 -0.0134 0.0846  0.0863  5   PHE A C   
26  O O   . PHE A 6  ? 0.3751 0.5964 0.6875 -0.0209 0.0882  0.0823  5   PHE A O   
27  C CB  . PHE A 6  ? 0.3666 0.5192 0.4795 0.0220  0.0558  0.0402  5   PHE A CB  
28  C CG  . PHE A 6  ? 0.3793 0.5095 0.4172 0.0410  0.0534  0.0248  5   PHE A CG  
29  C CD1 . PHE A 6  ? 0.3868 0.4908 0.3809 0.0384  0.0462  0.0267  5   PHE A CD1 
30  C CD2 . PHE A 6  ? 0.3926 0.5290 0.4149 0.0622  0.0559  0.0041  5   PHE A CD2 
31  C CE1 . PHE A 6  ? 0.4080 0.4978 0.3511 0.0530  0.0385  0.0038  5   PHE A CE1 
32  C CE2 . PHE A 6  ? 0.4175 0.5303 0.3879 0.0767  0.0510  -0.0188 5   PHE A CE2 
33  C CZ  . PHE A 6  ? 0.4157 0.5078 0.3499 0.0704  0.0407  -0.0216 5   PHE A CZ  
34  N N   . LYS A 7  ? 0.3787 0.5234 0.6128 -0.0280 0.0748  0.0939  6   LYS A N   
35  C CA  . LYS A 7  ? 0.3787 0.5162 0.7044 -0.0554 0.0684  0.0955  6   LYS A CA  
36  C C   . LYS A 7  ? 0.3613 0.4509 0.6578 -0.0600 0.0352  0.0713  6   LYS A C   
37  O O   . LYS A 7  ? 0.3615 0.4256 0.5791 -0.0460 0.0313  0.0735  6   LYS A O   
38  C CB  . LYS A 7  ? 0.4195 0.5595 0.7932 -0.0655 0.1109  0.1474  6   LYS A CB  
39  C CG  . LYS A 7  ? 0.4579 0.5704 0.7443 -0.0463 0.1268  0.1810  6   LYS A CG  
40  C CD  . LYS A 7  ? 0.5172 0.6382 0.8363 -0.0449 0.1776  0.2461  6   LYS A CD  
41  C CE  . LYS A 7  ? 0.5546 0.6398 0.8030 -0.0263 0.1807  0.2773  6   LYS A CE  
42  N NZ  . LYS A 7  ? 0.5421 0.6299 0.6729 0.0022  0.1539  0.2484  6   LYS A NZ  
43  N N   . PRO A 8  ? 0.3537 0.4362 0.7179 -0.0776 0.0100  0.0436  7   PRO A N   
44  C CA  . PRO A 8  ? 0.3488 0.3908 0.6793 -0.0756 -0.0199 0.0155  7   PRO A CA  
45  C C   . PRO A 8  ? 0.3560 0.3578 0.6479 -0.0726 -0.0051 0.0437  7   PRO A C   
46  O O   . PRO A 8  ? 0.3840 0.3795 0.7097 -0.0799 0.0230  0.0830  7   PRO A O   
47  C CB  . PRO A 8  ? 0.3626 0.4069 0.7906 -0.0956 -0.0427 -0.0168 7   PRO A CB  
48  C CG  . PRO A 8  ? 0.3564 0.4548 0.8560 -0.1034 -0.0391 -0.0201 7   PRO A CG  
49  C CD  . PRO A 8  ? 0.3608 0.4755 0.8423 -0.0990 0.0070  0.0319  7   PRO A CD  
50  N N   . GLY A 9  ? 0.3449 0.3237 0.5688 -0.0590 -0.0216 0.0277  8   GLY A N   
51  C CA  . GLY A 9  ? 0.3562 0.3064 0.5426 -0.0511 -0.0136 0.0493  8   GLY A CA  
52  C C   . GLY A 9  ? 0.3516 0.3162 0.4670 -0.0337 -0.0025 0.0672  8   GLY A C   
53  O O   . GLY A 9  ? 0.3686 0.3195 0.4488 -0.0231 -0.0055 0.0745  8   GLY A O   
54  N N   . ASP A 10 ? 0.3409 0.3365 0.4406 -0.0284 0.0082  0.0698  9   ASP A N   
55  C CA  . ASP A 10 ? 0.3446 0.3541 0.3792 -0.0096 0.0141  0.0740  9   ASP A CA  
56  C C   . ASP A 10 ? 0.3162 0.3119 0.3151 -0.0046 -0.0069 0.0429  9   ASP A C   
57  O O   . ASP A 10 ? 0.2866 0.2747 0.2955 -0.0089 -0.0176 0.0220  9   ASP A O   
58  C CB  . ASP A 10 ? 0.3512 0.3951 0.3810 -0.0015 0.0315  0.0772  9   ASP A CB  
59  C CG  . ASP A 10 ? 0.3971 0.4638 0.4531 -0.0003 0.0638  0.1181  9   ASP A CG  
60  O OD1 . ASP A 10 ? 0.4462 0.4990 0.5047 0.0008  0.0748  0.1510  9   ASP A OD1 
61  O OD2 . ASP A 10 ? 0.4131 0.5127 0.4897 0.0026  0.0820  0.1215  9   ASP A OD2 
62  N N   . LEU A 11 ? 0.3233 0.3198 0.2845 0.0067  -0.0115 0.0419  10  LEU A N   
63  C CA  . LEU A 11 ? 0.3038 0.2895 0.2514 0.0077  -0.0265 0.0161  10  LEU A CA  
64  C C   . LEU A 11 ? 0.3120 0.3091 0.2390 0.0155  -0.0264 -0.0041 10  LEU A C   
65  O O   . LEU A 11 ? 0.3431 0.3629 0.2446 0.0289  -0.0215 -0.0029 10  LEU A O   
66  C CB  . LEU A 11 ? 0.3180 0.3036 0.2575 0.0142  -0.0365 0.0204  10  LEU A CB  
67  C CG  . LEU A 11 ? 0.3031 0.2700 0.2676 0.0108  -0.0353 0.0406  10  LEU A CG  
68  C CD1 . LEU A 11 ? 0.3104 0.2831 0.2658 0.0250  -0.0446 0.0505  10  LEU A CD1 
69  C CD2 . LEU A 11 ? 0.2471 0.1923 0.2352 0.0003  -0.0397 0.0232  10  LEU A CD2 
70  N N   . VAL A 12 ? 0.3040 0.2841 0.2415 0.0110  -0.0297 -0.0224 11  VAL A N   
71  C CA  . VAL A 12 ? 0.3112 0.2899 0.2440 0.0176  -0.0276 -0.0432 11  VAL A CA  
72  C C   . VAL A 12 ? 0.3167 0.2712 0.2711 0.0111  -0.0304 -0.0590 11  VAL A C   
73  O O   . VAL A 12 ? 0.3094 0.2542 0.2766 0.0036  -0.0307 -0.0506 11  VAL A O   
74  C CB  . VAL A 12 ? 0.3087 0.2886 0.2474 0.0224  -0.0173 -0.0376 11  VAL A CB  
75  C CG1 . VAL A 12 ? 0.3131 0.3231 0.2483 0.0267  -0.0074 -0.0211 11  VAL A CG1 
76  C CG2 . VAL A 12 ? 0.2762 0.2405 0.2299 0.0179  -0.0192 -0.0281 11  VAL A CG2 
77  N N   . PHE A 13 ? 0.3406 0.2850 0.3055 0.0149  -0.0292 -0.0815 12  PHE A N   
78  C CA  . PHE A 13 ? 0.3582 0.2701 0.3585 0.0085  -0.0205 -0.0858 12  PHE A CA  
79  C C   . PHE A 13 ? 0.3674 0.2610 0.3636 0.0202  -0.0078 -0.0749 12  PHE A C   
80  O O   . PHE A 13 ? 0.3912 0.2961 0.3744 0.0321  -0.0084 -0.0861 12  PHE A O   
81  C CB  . PHE A 13 ? 0.3858 0.2925 0.4227 0.0025  -0.0292 -0.1223 12  PHE A CB  
82  C CG  . PHE A 13 ? 0.4092 0.3425 0.4588 -0.0056 -0.0467 -0.1353 12  PHE A CG  
83  C CD1 . PHE A 13 ? 0.4229 0.3497 0.5145 -0.0197 -0.0398 -0.1242 12  PHE A CD1 
84  C CD2 . PHE A 13 ? 0.4398 0.4107 0.4557 0.0065  -0.0684 -0.1547 12  PHE A CD2 
85  C CE1 . PHE A 13 ? 0.4090 0.3674 0.5197 -0.0239 -0.0574 -0.1364 12  PHE A CE1 
86  C CE2 . PHE A 13 ? 0.4443 0.4451 0.4696 0.0058  -0.0881 -0.1636 12  PHE A CE2 
87  C CZ  . PHE A 13 ? 0.4216 0.4168 0.4995 -0.0105 -0.0844 -0.1564 12  PHE A CZ  
88  N N   . ALA A 14 ? 0.3664 0.2368 0.3705 0.0225  0.0050  -0.0512 13  ALA A N   
89  C CA  . ALA A 14 ? 0.3799 0.2404 0.3727 0.0410  0.0130  -0.0335 13  ALA A CA  
90  C C   . ALA A 14 ? 0.4215 0.2377 0.4435 0.0474  0.0327  -0.0224 13  ALA A C   
91  O O   . ALA A 14 ? 0.4350 0.2331 0.4769 0.0386  0.0464  -0.0084 13  ALA A O   
92  C CB  . ALA A 14 ? 0.3601 0.2377 0.3261 0.0473  0.0083  -0.0125 13  ALA A CB  
93  N N   . LYS A 15 ? 0.4518 0.2496 0.4837 0.0640  0.0383  -0.0253 14  LYS A N   
94  C CA  . LYS A 15 ? 0.5027 0.2479 0.5734 0.0713  0.0607  -0.0112 14  LYS A CA  
95  C C   . LYS A 15 ? 0.5451 0.2783 0.5902 0.1028  0.0736  0.0332  14  LYS A C   
96  O O   . LYS A 15 ? 0.5410 0.2964 0.5625 0.1253  0.0622  0.0341  14  LYS A O   
97  C CB  . LYS A 15 ? 0.5283 0.2512 0.6351 0.0739  0.0587  -0.0489 14  LYS A CB  
98  C CG  . LYS A 15 ? 0.5651 0.2216 0.7348 0.0765  0.0828  -0.0409 14  LYS A CG  
99  C CD  . LYS A 15 ? 0.5555 0.1908 0.7802 0.0473  0.0959  -0.0376 14  LYS A CD  
100 C CE  . LYS A 15 ? 0.6322 0.1960 0.9418 0.0450  0.1251  -0.0283 14  LYS A CE  
101 N NZ  . LYS A 15 ? 0.6695 0.1990 0.9672 0.0692  0.1618  0.0460  14  LYS A NZ  
102 N N   . MET A 16 ? 0.5938 0.2978 0.6448 0.1081  0.0985  0.0720  15  MET A N   
103 C CA  . MET A 16 ? 0.6577 0.3437 0.6821 0.1472  0.1145  0.1194  15  MET A CA  
104 C C   . MET A 16 ? 0.7285 0.3462 0.8089 0.1523  0.1522  0.1495  15  MET A C   
105 O O   . MET A 16 ? 0.7350 0.3239 0.8790 0.1206  0.1691  0.1384  15  MET A O   
106 C CB  . MET A 16 ? 0.6685 0.3855 0.6322 0.1639  0.1149  0.1497  15  MET A CB  
107 C CG  . MET A 16 ? 0.6424 0.4209 0.5599 0.1688  0.0757  0.1227  15  MET A CG  
108 S SD  . MET A 16 ? 0.7255 0.5414 0.5678 0.2008  0.0674  0.1454  15  MET A SD  
109 C CE  . MET A 16 ? 0.8120 0.6021 0.6205 0.2581  0.0914  0.2052  15  MET A CE  
110 N N   . LYS A 17 ? 0.7859 0.3790 0.8523 0.1931  0.1641  0.1866  16  LYS A N   
111 C CA  . LYS A 17 ? 0.8695 0.3888 0.9902 0.2058  0.2054  0.2284  16  LYS A CA  
112 C C   . LYS A 17 ? 0.8928 0.3882 1.0469 0.1846  0.2440  0.2627  16  LYS A C   
113 O O   . LYS A 17 ? 0.8910 0.4217 0.9838 0.1972  0.2509  0.2942  16  LYS A O   
114 C CB  . LYS A 17 ? 0.9396 0.4503 1.0111 0.2658  0.2146  0.2853  16  LYS A CB  
115 C CG  . LYS A 17 ? 1.0380 0.4624 1.1685 0.2863  0.2625  0.3398  16  LYS A CG  
116 C CD  . LYS A 17 ? 1.1074 0.5219 1.1994 0.3510  0.2620  0.3836  16  LYS A CD  
117 C CE  . LYS A 17 ? 1.1572 0.6093 1.1496 0.4032  0.2683  0.4500  16  LYS A CE  
118 N NZ  . LYS A 17 ? 1.2337 0.6638 1.2000 0.4727  0.2764  0.5067  16  LYS A NZ  
119 N N   . GLY A 18 ? 0.9183 0.3579 1.1766 0.1525  0.2682  0.2506  17  GLY A N   
120 C CA  . GLY A 18 ? 0.9526 0.3638 1.2747 0.1309  0.3146  0.2892  17  GLY A CA  
121 C C   . GLY A 18 ? 0.8814 0.3475 1.2035 0.0952  0.3034  0.2613  17  GLY A C   
122 O O   . GLY A 18 ? 0.9108 0.3730 1.2655 0.0867  0.3439  0.3020  17  GLY A O   
123 N N   . TYR A 19 ? 0.7992 0.3173 1.0869 0.0780  0.2526  0.1969  18  TYR A N   
124 C CA  . TYR A 19 ? 0.7358 0.3046 1.0281 0.0469  0.2375  0.1670  18  TYR A CA  
125 C C   . TYR A 19 ? 0.6795 0.2658 1.0125 0.0152  0.1954  0.0900  18  TYR A C   
126 O O   . TYR A 19 ? 0.6727 0.2543 0.9856 0.0251  0.1699  0.0578  18  TYR A O   
127 C CB  . TYR A 19 ? 0.6964 0.3228 0.8793 0.0686  0.2176  0.1763  18  TYR A CB  
128 C CG  . TYR A 19 ? 0.7610 0.3865 0.8837 0.1075  0.2526  0.2436  18  TYR A CG  
129 C CD1 . TYR A 19 ? 0.7940 0.4240 0.9366 0.1040  0.2936  0.2800  18  TYR A CD1 
130 C CD2 . TYR A 19 ? 0.8128 0.4403 0.8568 0.1528  0.2442  0.2699  18  TYR A CD2 
131 C CE1 . TYR A 19 ? 0.8720 0.5062 0.9446 0.1487  0.3293  0.3439  18  TYR A CE1 
132 C CE2 . TYR A 19 ? 0.8824 0.5161 0.8574 0.1981  0.2721  0.3298  18  TYR A CE2 
133 C CZ  . TYR A 19 ? 0.9133 0.5492 0.8963 0.1976  0.3161  0.3675  18  TYR A CZ  
134 O OH  . TYR A 19 ? 0.9879 0.6357 0.8877 0.2507  0.3459  0.4275  18  TYR A OH  
135 N N   . PRO A 20 ? 0.6428 0.2560 1.0301 -0.0177 0.1879  0.0603  19  PRO A N   
136 C CA  . PRO A 20 ? 0.5975 0.2412 1.0011 -0.0378 0.1424  -0.0114 19  PRO A CA  
137 C C   . PRO A 20 ? 0.5358 0.2285 0.8347 -0.0218 0.1076  -0.0248 19  PRO A C   
138 O O   . PRO A 20 ? 0.5260 0.2356 0.7544 -0.0031 0.1143  0.0130  19  PRO A O   
139 C CB  . PRO A 20 ? 0.5850 0.2565 1.0650 -0.0688 0.1437  -0.0276 19  PRO A CB  
140 C CG  . PRO A 20 ? 0.5902 0.2681 1.0473 -0.0590 0.1826  0.0351  19  PRO A CG  
141 C CD  . PRO A 20 ? 0.6478 0.2746 1.0783 -0.0319 0.2199  0.0917  19  PRO A CD  
142 N N   . HIS A 21 ? 0.5060 0.2227 0.7973 -0.0270 0.0714  -0.0790 20  HIS A N   
143 C CA  . HIS A 21 ? 0.4524 0.2151 0.6588 -0.0145 0.0444  -0.0876 20  HIS A CA  
144 C C   . HIS A 21 ? 0.4100 0.2088 0.5953 -0.0222 0.0407  -0.0710 20  HIS A C   
145 O O   . HIS A 21 ? 0.4030 0.2180 0.6360 -0.0399 0.0348  -0.0886 20  HIS A O   
146 C CB  . HIS A 21 ? 0.4507 0.2361 0.6542 -0.0151 0.0135  -0.1439 20  HIS A CB  
147 C CG  . HIS A 21 ? 0.4857 0.2382 0.7053 -0.0021 0.0163  -0.1677 20  HIS A CG  
148 N ND1 . HIS A 21 ? 0.5291 0.2352 0.8334 -0.0129 0.0253  -0.1919 20  HIS A ND1 
149 C CD2 . HIS A 21 ? 0.4817 0.2399 0.6530 0.0217  0.0133  -0.1722 20  HIS A CD2 
150 C CE1 . HIS A 21 ? 0.5440 0.2242 0.8454 0.0063  0.0258  -0.2129 20  HIS A CE1 
151 N NE2 . HIS A 21 ? 0.5128 0.2278 0.7317 0.0288  0.0193  -0.2007 20  HIS A NE2 
152 N N   . TRP A 22 ? 0.3870 0.1999 0.5084 -0.0074 0.0421  -0.0419 21  TRP A N   
153 C CA  . TRP A 22 ? 0.3683 0.2010 0.4745 -0.0091 0.0471  -0.0220 21  TRP A CA  
154 C C   . TRP A 22 ? 0.3349 0.2025 0.3961 -0.0070 0.0215  -0.0327 21  TRP A C   
155 O O   . TRP A 22 ? 0.3245 0.1984 0.3477 0.0031  0.0113  -0.0327 21  TRP A O   
156 C CB  . TRP A 22 ? 0.3943 0.2104 0.4676 0.0112  0.0721  0.0199  21  TRP A CB  
157 C CG  . TRP A 22 ? 0.3860 0.2123 0.4603 0.0132  0.0918  0.0416  21  TRP A CG  
158 C CD1 . TRP A 22 ? 0.3695 0.2237 0.4065 0.0193  0.0805  0.0383  21  TRP A CD1 
159 C CD2 . TRP A 22 ? 0.4185 0.2270 0.5378 0.0120  0.1312  0.0710  21  TRP A CD2 
160 N NE1 . TRP A 22 ? 0.3761 0.2351 0.4246 0.0251  0.1091  0.0598  21  TRP A NE1 
161 C CE2 . TRP A 22 ? 0.4147 0.2486 0.5139 0.0203  0.1433  0.0839  21  TRP A CE2 
162 C CE3 . TRP A 22 ? 0.4688 0.2398 0.6520 0.0047  0.1616  0.0891  21  TRP A CE3 
163 C CZ2 . TRP A 22 ? 0.4439 0.2750 0.5797 0.0233  0.1881  0.1177  21  TRP A CZ2 
164 C CZ3 . TRP A 22 ? 0.4861 0.2490 0.7149 0.0037  0.2070  0.1266  21  TRP A CZ3 
165 C CH2 . TRP A 22 ? 0.4782 0.2749 0.6804 0.0138  0.2214  0.1420  21  TRP A CH2 
166 N N   . PRO A 23 ? 0.3222 0.2124 0.3962 -0.0153 0.0140  -0.0383 22  PRO A N   
167 C CA  . PRO A 23 ? 0.3001 0.2145 0.3389 -0.0114 -0.0059 -0.0411 22  PRO A CA  
168 C C   . PRO A 23 ? 0.2972 0.2067 0.2959 0.0003  -0.0027 -0.0237 22  PRO A C   
169 O O   . PRO A 23 ? 0.3112 0.2117 0.3019 0.0090  0.0122  -0.0097 22  PRO A O   
170 C CB  . PRO A 23 ? 0.2924 0.2251 0.3621 -0.0169 -0.0082 -0.0448 22  PRO A CB  
171 C CG  . PRO A 23 ? 0.2996 0.2198 0.4129 -0.0223 0.0188  -0.0344 22  PRO A CG  
172 C CD  . PRO A 23 ? 0.3277 0.2225 0.4585 -0.0268 0.0274  -0.0379 22  PRO A CD  
173 N N   . ALA A 24 ? 0.2906 0.2102 0.2679 0.0022  -0.0164 -0.0259 23  ALA A N   
174 C CA  . ALA A 24 ? 0.2857 0.2059 0.2423 0.0105  -0.0198 -0.0194 23  ALA A CA  
175 C C   . ALA A 24 ? 0.2749 0.2098 0.2346 0.0050  -0.0314 -0.0202 23  ALA A C   
176 O O   . ALA A 24 ? 0.2772 0.2212 0.2396 0.0007  -0.0333 -0.0189 23  ALA A O   
177 C CB  . ALA A 24 ? 0.2903 0.2034 0.2379 0.0213  -0.0134 -0.0145 23  ALA A CB  
178 N N   . ARG A 25 ? 0.2771 0.2172 0.2400 0.0072  -0.0384 -0.0213 24  ARG A N   
179 C CA  . ARG A 25 ? 0.2775 0.2297 0.2638 -0.0016 -0.0424 -0.0170 24  ARG A CA  
180 C C   . ARG A 25 ? 0.2874 0.2566 0.2916 0.0007  -0.0494 -0.0238 24  ARG A C   
181 O O   . ARG A 25 ? 0.2854 0.2561 0.2758 0.0133  -0.0590 -0.0351 24  ARG A O   
182 C CB  . ARG A 25 ? 0.2838 0.2238 0.2885 -0.0074 -0.0481 -0.0172 24  ARG A CB  
183 C CG  . ARG A 25 ? 0.3017 0.2361 0.3134 -0.0024 -0.0616 -0.0384 24  ARG A CG  
184 C CD  . ARG A 25 ? 0.3321 0.2471 0.3602 -0.0033 -0.0658 -0.0451 24  ARG A CD  
185 N NE  . ARG A 25 ? 0.3660 0.2786 0.4009 0.0047  -0.0826 -0.0765 24  ARG A NE  
186 C CZ  . ARG A 25 ? 0.3878 0.2822 0.4300 0.0118  -0.0883 -0.0948 24  ARG A CZ  
187 N NH1 . ARG A 25 ? 0.4034 0.2812 0.4513 0.0116  -0.0771 -0.0789 24  ARG A NH1 
188 N NH2 . ARG A 25 ? 0.3978 0.2949 0.4402 0.0238  -0.1078 -0.1332 24  ARG A NH2 
189 N N   . ILE A 26 ? 0.2907 0.2784 0.3269 -0.0081 -0.0435 -0.0147 25  ILE A N   
190 C CA  . ILE A 26 ? 0.3048 0.3192 0.3812 -0.0094 -0.0512 -0.0230 25  ILE A CA  
191 C C   . ILE A 26 ? 0.3324 0.3403 0.4460 -0.0189 -0.0690 -0.0404 25  ILE A C   
192 O O   . ILE A 26 ? 0.3377 0.3283 0.4778 -0.0324 -0.0622 -0.0306 25  ILE A O   
193 C CB  . ILE A 26 ? 0.3030 0.3442 0.4165 -0.0171 -0.0316 -0.0041 25  ILE A CB  
194 C CG1 . ILE A 26 ? 0.2995 0.3443 0.3681 -0.0040 -0.0135 0.0065  25  ILE A CG1 
195 C CG2 . ILE A 26 ? 0.2878 0.3666 0.4601 -0.0189 -0.0406 -0.0159 25  ILE A CG2 
196 C CD1 . ILE A 26 ? 0.2822 0.3320 0.3320 0.0131  -0.0175 -0.0068 25  ILE A CD1 
197 N N   . ASP A 27 ? 0.3623 0.3832 0.4755 -0.0073 -0.0930 -0.0676 26  ASP A N   
198 C CA  . ASP A 27 ? 0.4026 0.4199 0.5494 -0.0117 -0.1166 -0.0987 26  ASP A CA  
199 C C   . ASP A 27 ? 0.4248 0.4743 0.6619 -0.0278 -0.1314 -0.1172 26  ASP A C   
200 O O   . ASP A 27 ? 0.4115 0.4960 0.6776 -0.0290 -0.1256 -0.1070 26  ASP A O   
201 C CB  . ASP A 27 ? 0.4337 0.4536 0.5213 0.0171  -0.1377 -0.1244 26  ASP A CB  
202 C CG  . ASP A 27 ? 0.4627 0.4488 0.5118 0.0234  -0.1319 -0.1282 26  ASP A CG  
203 O OD1 . ASP A 27 ? 0.4760 0.4363 0.5317 0.0089  -0.1115 -0.1057 26  ASP A OD1 
204 O OD2 . ASP A 27 ? 0.5272 0.5183 0.5368 0.0478  -0.1478 -0.1541 26  ASP A OD2 
205 N N   . ASP A 28 ? 0.4651 0.5035 0.7579 -0.0403 -0.1498 -0.1472 27  ASP A N   
206 C CA  . ASP A 28 ? 0.4968 0.5662 0.8974 -0.0595 -0.1684 -0.1745 27  ASP A CA  
207 C C   . ASP A 28 ? 0.5243 0.6382 0.9096 -0.0339 -0.2136 -0.2246 27  ASP A C   
208 O O   . ASP A 28 ? 0.5533 0.6579 0.8575 -0.0049 -0.2324 -0.2475 27  ASP A O   
209 C CB  . ASP A 28 ? 0.5291 0.5612 1.0094 -0.0838 -0.1711 -0.1912 27  ASP A CB  
210 C CG  . ASP A 28 ? 0.5599 0.6075 1.1771 -0.1193 -0.1567 -0.1795 27  ASP A CG  
211 O OD1 . ASP A 28 ? 0.5904 0.6906 1.2810 -0.1256 -0.1803 -0.2112 27  ASP A OD1 
212 O OD2 . ASP A 28 ? 0.6057 0.6163 1.2614 -0.1388 -0.1196 -0.1351 27  ASP A OD2 
213 N N   . ILE A 29 ? 0.5285 0.6968 0.9913 -0.0404 -0.2294 -0.2397 28  ILE A N   
214 C CA  . ILE A 29 ? 0.5578 0.7809 1.0038 -0.0089 -0.2755 -0.2830 28  ILE A CA  
215 C C   . ILE A 29 ? 0.6098 0.8508 1.1120 -0.0084 -0.3279 -0.3570 28  ILE A C   
216 O O   . ILE A 29 ? 0.6433 0.9446 1.1577 0.0161  -0.3747 -0.4026 28  ILE A O   
217 C CB  . ILE A 29 ? 0.5384 0.8237 1.0520 -0.0110 -0.2747 -0.2719 28  ILE A CB  
218 N N   . ALA A 30 ? 0.6286 0.8185 1.1624 -0.0301 -0.3229 -0.3727 29  ALA A N   
219 C CA  . ALA A 30 ? 0.6832 0.8806 1.2978 -0.0373 -0.3699 -0.4499 29  ALA A CA  
220 C C   . ALA A 30 ? 0.7399 0.9709 1.2588 0.0150  -0.4225 -0.5108 29  ALA A C   
221 O O   . ALA A 30 ? 0.7678 1.0667 1.3235 0.0319  -0.4734 -0.5635 29  ALA A O   
222 C CB  . ALA A 30 ? 0.6990 0.8213 1.3510 -0.0637 -0.3469 -0.4464 29  ALA A CB  
223 N N   . ALA A 33 ? 0.7574 1.1780 0.9057 0.2282  -0.5472 -0.5788 32  ALA A N   
224 C CA  . ALA A 33 ? 0.6883 1.0675 0.7982 0.2148  -0.4821 -0.4842 32  ALA A CA  
225 C C   . ALA A 33 ? 0.6755 1.1105 0.7990 0.2342  -0.4916 -0.4575 32  ALA A C   
226 O O   . ALA A 33 ? 0.6728 1.1683 0.9087 0.2203  -0.5303 -0.4977 32  ALA A O   
227 C CB  . ALA A 33 ? 0.6159 0.9375 0.8224 0.1475  -0.4375 -0.4544 32  ALA A CB  
228 N N   . VAL A 34 ? 0.6734 1.0892 0.6927 0.2674  -0.4558 -0.3910 33  VAL A N   
229 C CA  . VAL A 34 ? 0.6662 1.1228 0.6933 0.2906  -0.4577 -0.3580 33  VAL A CA  
230 C C   . VAL A 34 ? 0.5837 1.0103 0.6991 0.2364  -0.4106 -0.3154 33  VAL A C   
231 O O   . VAL A 34 ? 0.5393 0.8979 0.6324 0.2070  -0.3605 -0.2759 33  VAL A O   
232 C CB  . VAL A 34 ? 0.7160 1.1563 0.6025 0.3516  -0.4354 -0.3016 33  VAL A CB  
233 C CG1 . VAL A 34 ? 0.7010 1.1766 0.6046 0.3782  -0.4364 -0.2666 33  VAL A CG1 
234 C CG2 . VAL A 34 ? 0.8030 1.2771 0.5845 0.4136  -0.4751 -0.3371 33  VAL A CG2 
235 N N   . LYS A 35 ? 0.5695 1.0552 0.7836 0.2287  -0.4288 -0.3264 34  LYS A N   
236 C CA  . LYS A 35 ? 0.5028 0.9798 0.8176 0.1797  -0.3890 -0.2984 34  LYS A CA  
237 C C   . LYS A 35 ? 0.4881 0.9522 0.7588 0.2023  -0.3518 -0.2401 34  LYS A C   
238 O O   . LYS A 35 ? 0.5278 1.0338 0.7684 0.2517  -0.3754 -0.2362 34  LYS A O   
239 C CB  . LYS A 35 ? 0.4982 1.0549 0.9661 0.1571  -0.4255 -0.3459 34  LYS A CB  
240 N N   . PRO A 36 ? 0.4437 0.8521 0.7142 0.1699  -0.2960 -0.1977 35  PRO A N   
241 C CA  . PRO A 36 ? 0.4405 0.8241 0.6627 0.1930  -0.2612 -0.1508 35  PRO A CA  
242 C C   . PRO A 36 ? 0.4424 0.8903 0.7358 0.2112  -0.2690 -0.1509 35  PRO A C   
243 O O   . PRO A 36 ? 0.4302 0.9426 0.8334 0.1906  -0.2884 -0.1809 35  PRO A O   
244 C CB  . PRO A 36 ? 0.3962 0.7209 0.6195 0.1515  -0.2095 -0.1227 35  PRO A CB  
245 C CG  . PRO A 36 ? 0.3825 0.6913 0.6323 0.1141  -0.2149 -0.1439 35  PRO A CG  
246 C CD  . PRO A 36 ? 0.4041 0.7723 0.7197 0.1161  -0.2651 -0.1930 35  PRO A CD  
247 N N   . PRO A 37 ? 0.4659 0.8961 0.7089 0.2495  -0.2511 -0.1170 36  PRO A N   
248 C CA  . PRO A 37 ? 0.4644 0.9508 0.7781 0.2680  -0.2503 -0.1143 36  PRO A CA  
249 C C   . PRO A 37 ? 0.4176 0.9021 0.8019 0.2253  -0.2052 -0.1058 36  PRO A C   
250 O O   . PRO A 37 ? 0.3853 0.8162 0.7448 0.1884  -0.1755 -0.0960 36  PRO A O   
251 C CB  . PRO A 37 ? 0.5074 0.9517 0.7405 0.3195  -0.2354 -0.0762 36  PRO A CB  
252 C CG  . PRO A 37 ? 0.5287 0.8929 0.6569 0.3201  -0.2208 -0.0548 36  PRO A CG  
253 C CD  . PRO A 37 ? 0.4876 0.8382 0.6263 0.2692  -0.2205 -0.0777 36  PRO A CD  
254 N N   . PRO A 38 ? 0.4161 0.9650 0.8859 0.2355  -0.1990 -0.1079 37  PRO A N   
255 C CA  . PRO A 38 ? 0.3865 0.9447 0.9172 0.2050  -0.1502 -0.0957 37  PRO A CA  
256 C C   . PRO A 38 ? 0.3834 0.8574 0.8285 0.1970  -0.1031 -0.0690 37  PRO A C   
257 O O   . PRO A 38 ? 0.4082 0.8278 0.7752 0.2270  -0.0985 -0.0561 37  PRO A O   
258 C CB  . PRO A 38 ? 0.3977 1.0279 0.9991 0.2403  -0.1497 -0.0967 37  PRO A CB  
259 C CG  . PRO A 38 ? 0.4208 1.1133 1.0553 0.2679  -0.2115 -0.1235 37  PRO A CG  
260 C CD  . PRO A 38 ? 0.4462 1.0735 0.9642 0.2801  -0.2385 -0.1228 37  PRO A CD  
261 N N   . ASN A 39 ? 0.3634 0.8294 0.8304 0.1574  -0.0699 -0.0615 38  ASN A N   
262 C CA  . ASN A 39 ? 0.3653 0.7684 0.7607 0.1485  -0.0304 -0.0437 38  ASN A CA  
263 C C   . ASN A 39 ? 0.3746 0.6962 0.6704 0.1520  -0.0404 -0.0406 38  ASN A C   
264 O O   . ASN A 39 ? 0.3841 0.6564 0.6238 0.1587  -0.0169 -0.0341 38  ASN A O   
265 C CB  . ASN A 39 ? 0.3841 0.8007 0.7804 0.1762  0.0042  -0.0377 38  ASN A CB  
266 C CG  . ASN A 39 ? 0.3976 0.7766 0.7398 0.1650  0.0440  -0.0283 38  ASN A CG  
267 O OD1 . ASN A 39 ? 0.3766 0.7300 0.6946 0.1343  0.0486  -0.0198 38  ASN A OD1 
268 N ND2 . ASN A 39 ? 0.4300 0.8074 0.7511 0.1948  0.0699  -0.0333 38  ASN A ND2 
269 N N   . LYS A 40 ? 0.3731 0.6850 0.6526 0.1485  -0.0748 -0.0490 39  LYS A N   
270 C CA  . LYS A 40 ? 0.3800 0.6230 0.5780 0.1455  -0.0776 -0.0427 39  LYS A CA  
271 C C   . LYS A 40 ? 0.3605 0.5996 0.5684 0.1116  -0.0896 -0.0524 39  LYS A C   
272 O O   . LYS A 40 ? 0.3481 0.6350 0.6274 0.0957  -0.1064 -0.0682 39  LYS A O   
273 C CB  . LYS A 40 ? 0.4185 0.6458 0.5695 0.1843  -0.0997 -0.0377 39  LYS A CB  
274 C CG  . LYS A 40 ? 0.4591 0.6533 0.5856 0.2163  -0.0787 -0.0204 39  LYS A CG  
275 C CD  . LYS A 40 ? 0.5183 0.6978 0.6031 0.2614  -0.0956 -0.0029 39  LYS A CD  
276 C CE  . LYS A 40 ? 0.5698 0.7031 0.6440 0.2915  -0.0704 0.0171  39  LYS A CE  
277 N NZ  . LYS A 40 ? 0.6427 0.7869 0.7029 0.3471  -0.0869 0.0390  39  LYS A NZ  
278 N N   . TYR A 41 ? 0.3577 0.5399 0.5057 0.1003  -0.0804 -0.0447 40  TYR A N   
279 C CA  . TYR A 41 ? 0.3470 0.5156 0.5003 0.0716  -0.0870 -0.0517 40  TYR A CA  
280 C C   . TYR A 41 ? 0.3615 0.4991 0.4566 0.0840  -0.1057 -0.0581 40  TYR A C   
281 O O   . TYR A 41 ? 0.3844 0.4940 0.4245 0.1078  -0.0992 -0.0445 40  TYR A O   
282 C CB  . TYR A 41 ? 0.3353 0.4745 0.4749 0.0498  -0.0561 -0.0355 40  TYR A CB  
283 C CG  . TYR A 41 ? 0.3451 0.5216 0.5372 0.0402  -0.0323 -0.0251 40  TYR A CG  
284 C CD1 . TYR A 41 ? 0.3617 0.5622 0.6213 0.0146  -0.0276 -0.0205 40  TYR A CD1 
285 C CD2 . TYR A 41 ? 0.3613 0.5490 0.5413 0.0591  -0.0106 -0.0189 40  TYR A CD2 
286 C CE1 . TYR A 41 ? 0.3786 0.6167 0.6904 0.0075  0.0037  -0.0013 40  TYR A CE1 
287 C CE2 . TYR A 41 ? 0.3730 0.6025 0.5957 0.0560  0.0179  -0.0067 40  TYR A CE2 
288 C CZ  . TYR A 41 ? 0.3839 0.6406 0.6722 0.0299  0.0274  0.0063  40  TYR A CZ  
289 O OH  . TYR A 41 ? 0.3827 0.6835 0.7192 0.0273  0.0643  0.0280  40  TYR A OH  
290 N N   . PRO A 42 ? 0.3567 0.4979 0.4677 0.0697  -0.1256 -0.0780 41  PRO A N   
291 C CA  . PRO A 42 ? 0.3749 0.4896 0.4257 0.0836  -0.1375 -0.0854 41  PRO A CA  
292 C C   . PRO A 42 ? 0.3505 0.4161 0.3694 0.0665  -0.1106 -0.0675 41  PRO A C   
293 O O   . PRO A 42 ? 0.3317 0.3893 0.3845 0.0394  -0.1001 -0.0650 41  PRO A O   
294 C CB  . PRO A 42 ? 0.3878 0.5284 0.4834 0.0740  -0.1701 -0.1232 41  PRO A CB  
295 C CG  . PRO A 42 ? 0.3642 0.5129 0.5448 0.0365  -0.1569 -0.1204 41  PRO A CG  
296 C CD  . PRO A 42 ? 0.3448 0.5113 0.5380 0.0397  -0.1329 -0.0940 41  PRO A CD  
297 N N   . ILE A 43 ? 0.3616 0.3975 0.3209 0.0845  -0.0984 -0.0523 42  ILE A N   
298 C CA  . ILE A 43 ? 0.3375 0.3345 0.2789 0.0693  -0.0735 -0.0369 42  ILE A CA  
299 C C   . ILE A 43 ? 0.3528 0.3337 0.2562 0.0797  -0.0730 -0.0391 42  ILE A C   
300 O O   . ILE A 43 ? 0.3821 0.3656 0.2434 0.1094  -0.0737 -0.0325 42  ILE A O   
301 C CB  . ILE A 43 ? 0.3408 0.3151 0.2685 0.0770  -0.0509 -0.0164 42  ILE A CB  
302 C CG1 . ILE A 43 ? 0.3302 0.3244 0.2866 0.0789  -0.0501 -0.0174 42  ILE A CG1 
303 C CG2 . ILE A 43 ? 0.3312 0.2775 0.2599 0.0578  -0.0332 -0.0117 42  ILE A CG2 
304 C CD1 . ILE A 43 ? 0.2774 0.2866 0.2666 0.0546  -0.0445 -0.0231 42  ILE A CD1 
305 N N   . PHE A 44 ? 0.3312 0.2991 0.2475 0.0606  -0.0700 -0.0458 43  PHE A N   
306 C CA  . PHE A 44 ? 0.3528 0.3075 0.2400 0.0705  -0.0633 -0.0477 43  PHE A CA  
307 C C   . PHE A 44 ? 0.3425 0.2750 0.2308 0.0608  -0.0359 -0.0255 43  PHE A C   
308 O O   . PHE A 44 ? 0.3033 0.2311 0.2206 0.0393  -0.0336 -0.0243 43  PHE A O   
309 C CB  . PHE A 44 ? 0.3536 0.3070 0.2657 0.0585  -0.0780 -0.0716 43  PHE A CB  
310 C CG  . PHE A 44 ? 0.3794 0.3228 0.2639 0.0727  -0.0700 -0.0782 43  PHE A CG  
311 C CD1 . PHE A 44 ? 0.4152 0.3722 0.2560 0.1039  -0.0795 -0.0969 43  PHE A CD1 
312 C CD2 . PHE A 44 ? 0.3693 0.2969 0.2701 0.0602  -0.0534 -0.0673 43  PHE A CD2 
313 C CE1 . PHE A 44 ? 0.4498 0.4024 0.2616 0.1219  -0.0669 -0.1030 43  PHE A CE1 
314 C CE2 . PHE A 44 ? 0.3810 0.3057 0.2646 0.0756  -0.0427 -0.0732 43  PHE A CE2 
315 C CZ  . PHE A 44 ? 0.4275 0.3636 0.2656 0.1063  -0.0465 -0.0903 43  PHE A CZ  
316 N N   . PHE A 45 ? 0.3704 0.2935 0.2309 0.0789  -0.0151 -0.0075 44  PHE A N   
317 C CA  . PHE A 45 ? 0.3670 0.2724 0.2497 0.0671  0.0114  0.0100  44  PHE A CA  
318 C C   . PHE A 45 ? 0.3711 0.2802 0.2609 0.0643  0.0193  0.0052  44  PHE A C   
319 O O   . PHE A 45 ? 0.4135 0.3298 0.2701 0.0869  0.0262  0.0055  44  PHE A O   
320 C CB  . PHE A 45 ? 0.4061 0.2962 0.2744 0.0858  0.0387  0.0400  44  PHE A CB  
321 C CG  . PHE A 45 ? 0.4137 0.2935 0.2875 0.0896  0.0352  0.0471  44  PHE A CG  
322 C CD1 . PHE A 45 ? 0.3884 0.2501 0.3065 0.0686  0.0413  0.0431  44  PHE A CD1 
323 C CD2 . PHE A 45 ? 0.4345 0.3277 0.2707 0.1181  0.0219  0.0517  44  PHE A CD2 
324 C CE1 . PHE A 45 ? 0.4091 0.2605 0.3335 0.0761  0.0393  0.0451  44  PHE A CE1 
325 C CE2 . PHE A 45 ? 0.4424 0.3294 0.2891 0.1253  0.0191  0.0579  44  PHE A CE2 
326 C CZ  . PHE A 45 ? 0.4310 0.2941 0.3219 0.1042  0.0301  0.0553  44  PHE A CZ  
327 N N   . PHE A 46 ? 0.3402 0.2493 0.2702 0.0422  0.0176  -0.0010 45  PHE A N   
328 C CA  . PHE A 46 ? 0.3456 0.2624 0.2934 0.0419  0.0261  -0.0042 45  PHE A CA  
329 C C   . PHE A 46 ? 0.3717 0.2886 0.3308 0.0500  0.0618  0.0174  45  PHE A C   
330 O O   . PHE A 46 ? 0.3785 0.2824 0.3515 0.0466  0.0794  0.0354  45  PHE A O   
331 C CB  . PHE A 46 ? 0.3161 0.2404 0.3045 0.0222  0.0123  -0.0138 45  PHE A CB  
332 C CG  . PHE A 46 ? 0.3041 0.2277 0.2836 0.0180  -0.0120 -0.0233 45  PHE A CG  
333 C CD1 . PHE A 46 ? 0.3139 0.2331 0.2865 0.0262  -0.0208 -0.0321 45  PHE A CD1 
334 C CD2 . PHE A 46 ? 0.3209 0.2476 0.3043 0.0075  -0.0226 -0.0231 45  PHE A CD2 
335 C CE1 . PHE A 46 ? 0.3145 0.2278 0.2967 0.0193  -0.0370 -0.0347 45  PHE A CE1 
336 C CE2 . PHE A 46 ? 0.3011 0.2286 0.2821 0.0047  -0.0354 -0.0217 45  PHE A CE2 
337 C CZ  . PHE A 46 ? 0.2985 0.2174 0.2852 0.0083  -0.0412 -0.0247 45  PHE A CZ  
338 N N   . GLY A 47 ? 0.3948 0.3249 0.3537 0.0627  0.0764  0.0175  46  GLY A N   
339 C CA  . GLY A 47 ? 0.4316 0.3689 0.4097 0.0718  0.1195  0.0441  46  GLY A CA  
340 C C   . GLY A 47 ? 0.4908 0.4275 0.3981 0.1086  0.1414  0.0643  46  GLY A C   
341 O O   . GLY A 47 ? 0.5259 0.4804 0.4038 0.1346  0.1588  0.0644  46  GLY A O   
342 N N   . THR A 48 ? 0.5123 0.4322 0.3876 0.1167  0.1397  0.0805  47  THR A N   
343 C CA  . THR A 48 ? 0.5833 0.5084 0.3803 0.1603  0.1548  0.1019  47  THR A CA  
344 C C   . THR A 48 ? 0.5889 0.5288 0.3236 0.1810  0.1105  0.0635  47  THR A C   
345 O O   . THR A 48 ? 0.6519 0.6086 0.3134 0.2238  0.1125  0.0661  47  THR A O   
346 C CB  . THR A 48 ? 0.6169 0.5183 0.4101 0.1675  0.1740  0.1417  47  THR A CB  
347 O OG1 . THR A 48 ? 0.5726 0.4611 0.3824 0.1471  0.1363  0.1195  47  THR A OG1 
348 C CG2 . THR A 48 ? 0.6320 0.5138 0.5028 0.1470  0.2236  0.1799  47  THR A CG2 
349 N N   . HIS A 49 ? 0.5369 0.4730 0.3047 0.1524  0.0709  0.0280  48  HIS A N   
350 C CA  . HIS A 49 ? 0.5448 0.4929 0.2852 0.1619  0.0280  -0.0131 48  HIS A CA  
351 C C   . HIS A 49 ? 0.5819 0.5426 0.2737 0.1890  0.0096  -0.0121 48  HIS A C   
352 O O   . HIS A 49 ? 0.6169 0.5997 0.2735 0.2123  -0.0224 -0.0474 48  HIS A O   
353 C CB  . HIS A 49 ? 0.5825 0.5438 0.2969 0.1842  0.0249  -0.0425 48  HIS A CB  
354 C CG  . HIS A 49 ? 0.5640 0.5189 0.3277 0.1654  0.0435  -0.0410 48  HIS A CG  
355 N ND1 . HIS A 49 ? 0.6294 0.5982 0.3750 0.1907  0.0714  -0.0401 48  HIS A ND1 
356 C CD2 . HIS A 49 ? 0.5029 0.4454 0.3322 0.1289  0.0383  -0.0392 48  HIS A CD2 
357 C CE1 . HIS A 49 ? 0.5964 0.5622 0.4042 0.1682  0.0801  -0.0395 48  HIS A CE1 
358 N NE2 . HIS A 49 ? 0.5279 0.4783 0.3832 0.1321  0.0580  -0.0389 48  HIS A NE2 
359 N N   . GLU A 50 ? 0.5785 0.5266 0.2762 0.1872  0.0265  0.0241  49  GLU A N   
360 C CA  . GLU A 50 ? 0.6134 0.5741 0.2716 0.2164  0.0107  0.0318  49  GLU A CA  
361 C C   . GLU A 50 ? 0.5557 0.5216 0.2606 0.1898  -0.0243 0.0064  49  GLU A C   
362 O O   . GLU A 50 ? 0.4961 0.4490 0.2568 0.1503  -0.0265 -0.0048 49  GLU A O   
363 C CB  . GLU A 50 ? 0.6531 0.5909 0.3021 0.2317  0.0514  0.0883  49  GLU A CB  
364 C CG  . GLU A 50 ? 0.7401 0.6793 0.3363 0.2690  0.0950  0.1274  49  GLU A CG  
365 C CD  . GLU A 50 ? 0.7879 0.6908 0.4127 0.2681  0.1465  0.1886  49  GLU A CD  
366 O OE1 . GLU A 50 ? 0.7447 0.6199 0.4525 0.2224  0.1609  0.1888  49  GLU A OE1 
367 O OE2 . GLU A 50 ? 0.8762 0.7780 0.4436 0.3150  0.1715  0.2353  49  GLU A OE2 
368 N N   . THR A 51 ? 0.5761 0.5667 0.2580 0.2158  -0.0498 0.0004  50  THR A N   
369 C CA  . THR A 51 ? 0.5348 0.5407 0.2667 0.1959  -0.0790 -0.0209 50  THR A CA  
370 C C   . THR A 51 ? 0.5526 0.5562 0.2795 0.2158  -0.0708 0.0104  50  THR A C   
371 O O   . THR A 51 ? 0.6193 0.6199 0.2919 0.2566  -0.0561 0.0422  50  THR A O   
372 C CB  . THR A 51 ? 0.5538 0.6035 0.2875 0.2080  -0.1264 -0.0701 50  THR A CB  
373 O OG1 . THR A 51 ? 0.5421 0.5833 0.3030 0.1825  -0.1340 -0.1025 50  THR A OG1 
374 C CG2 . THR A 51 ? 0.5235 0.6017 0.3162 0.1950  -0.1530 -0.0857 50  THR A CG2 
375 N N   . ALA A 52 ? 0.5070 0.5121 0.2892 0.1917  -0.0769 0.0044  51  ALA A N   
376 C CA  . ALA A 52 ? 0.5237 0.5357 0.3105 0.2154  -0.0778 0.0230  51  ALA A CA  
377 C C   . ALA A 52 ? 0.4725 0.5090 0.3242 0.1905  -0.0938 -0.0001 51  ALA A C   
378 O O   . ALA A 52 ? 0.4376 0.4771 0.3276 0.1535  -0.0966 -0.0209 51  ALA A O   
379 C CB  . ALA A 52 ? 0.5417 0.5020 0.3239 0.2195  -0.0368 0.0649  51  ALA A CB  
380 N N   . PHE A 53 ? 0.4781 0.5320 0.3432 0.2139  -0.0992 0.0089  52  PHE A N   
381 C CA  . PHE A 53 ? 0.4369 0.5232 0.3666 0.1970  -0.1083 -0.0092 52  PHE A CA  
382 C C   . PHE A 53 ? 0.4320 0.4858 0.3768 0.1968  -0.0787 0.0097  52  PHE A C   
383 O O   . PHE A 53 ? 0.4758 0.5122 0.4029 0.2310  -0.0704 0.0329  52  PHE A O   
384 C CB  . PHE A 53 ? 0.4582 0.6083 0.4082 0.2269  -0.1454 -0.0259 52  PHE A CB  
385 C CG  . PHE A 53 ? 0.4720 0.6567 0.4066 0.2338  -0.1817 -0.0558 52  PHE A CG  
386 C CD1 . PHE A 53 ? 0.4282 0.6335 0.4198 0.1952  -0.1976 -0.0915 52  PHE A CD1 
387 C CD2 . PHE A 53 ? 0.5438 0.7377 0.4054 0.2821  -0.1984 -0.0483 52  PHE A CD2 
388 C CE1 . PHE A 53 ? 0.4482 0.6805 0.4341 0.2015  -0.2340 -0.1296 52  PHE A CE1 
389 C CE2 . PHE A 53 ? 0.5772 0.8067 0.4174 0.2938  -0.2358 -0.0865 52  PHE A CE2 
390 C CZ  . PHE A 53 ? 0.5248 0.7716 0.4320 0.2513  -0.2556 -0.1324 52  PHE A CZ  
391 N N   . LEU A 54 ? 0.3895 0.4352 0.3660 0.1629  -0.0634 -0.0011 53  LEU A N   
392 C CA  . LEU A 54 ? 0.3895 0.4043 0.3767 0.1621  -0.0380 0.0039  53  LEU A CA  
393 C C   . LEU A 54 ? 0.3591 0.4131 0.3893 0.1495  -0.0341 -0.0124 53  LEU A C   
394 O O   . LEU A 54 ? 0.3277 0.4131 0.3801 0.1254  -0.0401 -0.0213 53  LEU A O   
395 C CB  . LEU A 54 ? 0.3848 0.3498 0.3544 0.1383  -0.0193 0.0053  53  LEU A CB  
396 C CG  . LEU A 54 ? 0.4105 0.3380 0.3474 0.1451  -0.0118 0.0259  53  LEU A CG  
397 C CD1 . LEU A 54 ? 0.3917 0.2881 0.3333 0.1153  0.0023  0.0196  53  LEU A CD1 
398 C CD2 . LEU A 54 ? 0.4497 0.3443 0.3792 0.1787  0.0026  0.0530  53  LEU A CD2 
399 N N   . GLY A 55 ? 0.3721 0.4223 0.4168 0.1685  -0.0198 -0.0138 54  GLY A N   
400 C CA  . GLY A 55 ? 0.3531 0.4400 0.4293 0.1628  -0.0065 -0.0268 54  GLY A CA  
401 C C   . GLY A 55 ? 0.3474 0.4051 0.3989 0.1435  0.0109  -0.0374 54  GLY A C   
402 O O   . GLY A 55 ? 0.3594 0.3661 0.3846 0.1378  0.0121  -0.0394 54  GLY A O   
403 N N   . PRO A 56 ? 0.3376 0.4331 0.4004 0.1366  0.0255  -0.0434 55  PRO A N   
404 C CA  . PRO A 56 ? 0.3473 0.4313 0.3776 0.1283  0.0389  -0.0552 55  PRO A CA  
405 C C   . PRO A 56 ? 0.3883 0.4246 0.3958 0.1422  0.0413  -0.0809 55  PRO A C   
406 O O   . PRO A 56 ? 0.3971 0.4122 0.3783 0.1305  0.0376  -0.0955 55  PRO A O   
407 C CB  . PRO A 56 ? 0.3570 0.4993 0.4052 0.1379  0.0615  -0.0520 55  PRO A CB  
408 C CG  . PRO A 56 ? 0.3336 0.5190 0.4395 0.1299  0.0562  -0.0338 55  PRO A CG  
409 C CD  . PRO A 56 ? 0.3290 0.4901 0.4420 0.1419  0.0320  -0.0373 55  PRO A CD  
410 N N   . LYS A 57 ? 0.4245 0.4436 0.4507 0.1677  0.0452  -0.0887 56  LYS A N   
411 C CA  . LYS A 57 ? 0.4770 0.4399 0.5008 0.1788  0.0478  -0.1161 56  LYS A CA  
412 C C   . LYS A 57 ? 0.4784 0.3862 0.5003 0.1562  0.0383  -0.1124 56  LYS A C   
413 O O   . LYS A 57 ? 0.5046 0.3708 0.5369 0.1539  0.0387  -0.1407 56  LYS A O   
414 C CB  . LYS A 57 ? 0.5194 0.4637 0.5735 0.2120  0.0551  -0.1153 56  LYS A CB  
415 C CG  . LYS A 57 ? 0.5416 0.4649 0.6086 0.2185  0.0470  -0.0775 56  LYS A CG  
416 C CD  . LYS A 57 ? 0.6105 0.5138 0.7060 0.2592  0.0544  -0.0717 56  LYS A CD  
417 C CE  . LYS A 57 ? 0.6575 0.5101 0.7533 0.2711  0.0523  -0.0336 56  LYS A CE  
418 N NZ  . LYS A 57 ? 0.7049 0.4788 0.8085 0.2536  0.0646  -0.0377 56  LYS A NZ  
419 N N   . ASP A 58 ? 0.4578 0.3693 0.4737 0.1404  0.0304  -0.0812 57  ASP A N   
420 C CA  . ASP A 58 ? 0.4623 0.3332 0.4776 0.1203  0.0274  -0.0731 57  ASP A CA  
421 C C   . ASP A 58 ? 0.4292 0.3247 0.4248 0.0945  0.0177  -0.0747 57  ASP A C   
422 O O   . ASP A 58 ? 0.4268 0.3017 0.4241 0.0789  0.0156  -0.0647 57  ASP A O   
423 C CB  . ASP A 58 ? 0.4674 0.3208 0.4824 0.1311  0.0291  -0.0360 57  ASP A CB  
424 C CG  . ASP A 58 ? 0.5354 0.3504 0.5716 0.1602  0.0415  -0.0255 57  ASP A CG  
425 O OD1 . ASP A 58 ? 0.6044 0.3722 0.6701 0.1582  0.0527  -0.0451 57  ASP A OD1 
426 O OD2 . ASP A 58 ? 0.5518 0.3840 0.5807 0.1869  0.0378  -0.0007 57  ASP A OD2 
427 N N   . LEU A 59 ? 0.4183 0.3580 0.3978 0.0932  0.0157  -0.0831 58  LEU A N   
428 C CA  . LEU A 59 ? 0.3885 0.3511 0.3505 0.0739  0.0085  -0.0751 58  LEU A CA  
429 C C   . LEU A 59 ? 0.4142 0.3936 0.3532 0.0762  0.0069  -0.0991 58  LEU A C   
430 O O   . LEU A 59 ? 0.4326 0.4402 0.3565 0.0940  0.0164  -0.1093 58  LEU A O   
431 C CB  . LEU A 59 ? 0.3592 0.3612 0.3282 0.0711  0.0099  -0.0519 58  LEU A CB  
432 C CG  . LEU A 59 ? 0.3341 0.3338 0.3210 0.0741  0.0017  -0.0369 58  LEU A CG  
433 C CD1 . LEU A 59 ? 0.3005 0.3440 0.3139 0.0669  -0.0020 -0.0266 58  LEU A CD1 
434 C CD2 . LEU A 59 ? 0.2920 0.2585 0.2664 0.0655  -0.0062 -0.0301 58  LEU A CD2 
435 N N   . PHE A 60 ? 0.4231 0.3913 0.3575 0.0625  -0.0055 -0.1079 59  PHE A N   
436 C CA  . PHE A 60 ? 0.4586 0.4441 0.3703 0.0692  -0.0167 -0.1382 59  PHE A CA  
437 C C   . PHE A 60 ? 0.4541 0.4661 0.3419 0.0629  -0.0238 -0.1169 59  PHE A C   
438 O O   . PHE A 60 ? 0.4257 0.4226 0.3325 0.0460  -0.0317 -0.1060 59  PHE A O   
439 C CB  . PHE A 60 ? 0.4770 0.4288 0.4248 0.0596  -0.0297 -0.1729 59  PHE A CB  
440 C CG  . PHE A 60 ? 0.5043 0.4196 0.4836 0.0681  -0.0213 -0.1956 59  PHE A CG  
441 C CD1 . PHE A 60 ? 0.5518 0.4690 0.5309 0.0843  -0.0304 -0.2477 59  PHE A CD1 
442 C CD2 . PHE A 60 ? 0.5020 0.3811 0.5099 0.0651  -0.0055 -0.1661 59  PHE A CD2 
443 C CE1 . PHE A 60 ? 0.6157 0.4905 0.6330 0.0941  -0.0214 -0.2709 59  PHE A CE1 
444 C CE2 . PHE A 60 ? 0.5410 0.3802 0.5818 0.0777  0.0049  -0.1798 59  PHE A CE2 
445 C CZ  . PHE A 60 ? 0.6010 0.4340 0.6523 0.0904  -0.0020 -0.2323 59  PHE A CZ  
446 N N   . PRO A 61 ? 0.4928 0.5439 0.3391 0.0807  -0.0173 -0.1071 60  PRO A N   
447 C CA  . PRO A 61 ? 0.5022 0.5723 0.3279 0.0797  -0.0201 -0.0774 60  PRO A CA  
448 C C   . PRO A 61 ? 0.5172 0.5817 0.3485 0.0735  -0.0465 -0.0966 60  PRO A C   
449 O O   . PRO A 61 ? 0.5551 0.6255 0.3849 0.0815  -0.0655 -0.1411 60  PRO A O   
450 C CB  . PRO A 61 ? 0.5512 0.6650 0.3221 0.1105  -0.0075 -0.0707 60  PRO A CB  
451 C CG  . PRO A 61 ? 0.5531 0.6729 0.3307 0.1194  0.0131  -0.0782 60  PRO A CG  
452 C CD  . PRO A 61 ? 0.5337 0.6137 0.3502 0.1068  -0.0012 -0.1159 60  PRO A CD  
453 N N   . TYR A 62 ? 0.5009 0.5570 0.3476 0.0606  -0.0488 -0.0680 61  TYR A N   
454 C CA  . TYR A 62 ? 0.5027 0.5568 0.3698 0.0537  -0.0708 -0.0824 61  TYR A CA  
455 C C   . TYR A 62 ? 0.5497 0.6434 0.3862 0.0769  -0.0963 -0.1091 61  TYR A C   
456 O O   . TYR A 62 ? 0.5567 0.6559 0.4232 0.0726  -0.1190 -0.1532 61  TYR A O   
457 C CB  . TYR A 62 ? 0.4828 0.5245 0.3650 0.0440  -0.0657 -0.0456 61  TYR A CB  
458 C CG  . TYR A 62 ? 0.4979 0.5455 0.4042 0.0420  -0.0850 -0.0557 61  TYR A CG  
459 C CD1 . TYR A 62 ? 0.5045 0.5416 0.4570 0.0261  -0.0907 -0.0830 61  TYR A CD1 
460 C CD2 . TYR A 62 ? 0.5521 0.6174 0.4432 0.0579  -0.0936 -0.0332 61  TYR A CD2 
461 C CE1 . TYR A 62 ? 0.5099 0.5613 0.4991 0.0238  -0.1049 -0.0922 61  TYR A CE1 
462 C CE2 . TYR A 62 ? 0.5623 0.6402 0.4835 0.0595  -0.1125 -0.0435 61  TYR A CE2 
463 C CZ  . TYR A 62 ? 0.5356 0.6103 0.5088 0.0412  -0.1181 -0.0752 61  TYR A CZ  
464 O OH  . TYR A 62 ? 0.5415 0.6373 0.5578 0.0424  -0.1332 -0.0852 61  TYR A OH  
465 N N   . ASP A 63 ? 0.5895 0.7136 0.3711 0.1036  -0.0929 -0.0825 62  ASP A N   
466 C CA  . ASP A 63 ? 0.6497 0.8191 0.3918 0.1342  -0.1223 -0.1020 62  ASP A CA  
467 C C   . ASP A 63 ? 0.6967 0.8959 0.4068 0.1560  -0.1413 -0.1603 62  ASP A C   
468 O O   . ASP A 63 ? 0.7354 0.9683 0.4453 0.1705  -0.1797 -0.2072 62  ASP A O   
469 C CB  . ASP A 63 ? 0.6954 0.8860 0.3831 0.1630  -0.1091 -0.0444 62  ASP A CB  
470 C CG  . ASP A 63 ? 0.6785 0.8378 0.4087 0.1447  -0.1001 -0.0003 62  ASP A CG  
471 O OD1 . ASP A 63 ? 0.7052 0.8813 0.4367 0.1596  -0.1226 0.0043  62  ASP A OD1 
472 O OD2 . ASP A 63 ? 0.6748 0.7953 0.4411 0.1180  -0.0735 0.0237  62  ASP A OD2 
473 N N   . LYS A 64 ? 0.7020 0.8925 0.3922 0.1602  -0.1169 -0.1634 63  LYS A N   
474 C CA  . LYS A 64 ? 0.7444 0.9498 0.4188 0.1776  -0.1326 -0.2283 63  LYS A CA  
475 C C   . LYS A 64 ? 0.7138 0.8872 0.4732 0.1462  -0.1562 -0.2826 63  LYS A C   
476 O O   . LYS A 64 ? 0.7534 0.9498 0.5241 0.1566  -0.1923 -0.3462 63  LYS A O   
477 C CB  . LYS A 64 ? 0.7515 0.9464 0.4073 0.1846  -0.0963 -0.2176 63  LYS A CB  
478 C CG  . LYS A 64 ? 0.8125 1.0211 0.4462 0.2104  -0.1086 -0.2871 63  LYS A CG  
479 C CD  . LYS A 64 ? 0.8043 0.9927 0.4470 0.2112  -0.0718 -0.2776 63  LYS A CD  
480 C CE  . LYS A 64 ? 0.8746 1.0865 0.4752 0.2505  -0.0768 -0.3404 63  LYS A CE  
481 N NZ  . LYS A 64 ? 0.8950 1.0728 0.5539 0.2384  -0.1112 -0.4191 63  LYS A NZ  
482 N N   . CYS A 65 ? 0.6485 0.7712 0.4709 0.1095  -0.1353 -0.2566 64  CYS A N   
483 C CA  . CYS A 65 ? 0.6353 0.7187 0.5401 0.0820  -0.1416 -0.2947 64  CYS A CA  
484 C C   . CYS A 65 ? 0.6108 0.6895 0.5894 0.0553  -0.1576 -0.3012 64  CYS A C   
485 O O   . CYS A 65 ? 0.6089 0.6590 0.6666 0.0330  -0.1595 -0.3327 64  CYS A O   
486 C CB  . CYS A 65 ? 0.6016 0.6364 0.5267 0.0674  -0.1066 -0.2638 64  CYS A CB  
487 S SG  . CYS A 65 ? 0.6387 0.6863 0.5041 0.0995  -0.0886 -0.2708 64  CYS A SG  
488 N N   . LYS A 66 ? 0.5960 0.7021 0.5577 0.0587  -0.1652 -0.2703 65  LYS A N   
489 C CA  . LYS A 66 ? 0.5691 0.6732 0.6037 0.0351  -0.1715 -0.2668 65  LYS A CA  
490 C C   . LYS A 66 ? 0.5987 0.7303 0.7054 0.0282  -0.2067 -0.3313 65  LYS A C   
491 O O   . LYS A 66 ? 0.5763 0.6904 0.7763 -0.0009 -0.1991 -0.3381 65  LYS A O   
492 C CB  . LYS A 66 ? 0.5546 0.6809 0.5585 0.0455  -0.1726 -0.2221 65  LYS A CB  
493 C CG  . LYS A 66 ? 0.6080 0.7888 0.5489 0.0825  -0.2016 -0.2265 65  LYS A CG  
494 C CD  . LYS A 66 ? 0.6122 0.7946 0.5314 0.0915  -0.1918 -0.1697 65  LYS A CD  
495 C CE  . LYS A 66 ? 0.6908 0.9185 0.5340 0.1353  -0.2094 -0.1519 65  LYS A CE  
496 N NZ  . LYS A 66 ? 0.6993 0.9081 0.5271 0.1419  -0.1881 -0.0860 65  LYS A NZ  
497 N N   . ASP A 67 ? 0.6532 0.8313 0.7211 0.0567  -0.2442 -0.3797 66  ASP A N   
498 C CA  . ASP A 67 ? 0.6936 0.9010 0.8381 0.0509  -0.2852 -0.4572 66  ASP A CA  
499 C C   . ASP A 67 ? 0.6906 0.8407 0.9286 0.0176  -0.2674 -0.4893 66  ASP A C   
500 O O   . ASP A 67 ? 0.6988 0.8513 1.0534 -0.0091 -0.2819 -0.5302 66  ASP A O   
501 C CB  . ASP A 67 ? 0.7747 1.0419 0.8418 0.0963  -0.3299 -0.5120 66  ASP A CB  
502 C CG  . ASP A 67 ? 0.8020 1.1372 0.8066 0.1319  -0.3589 -0.4907 66  ASP A CG  
503 O OD1 . ASP A 67 ? 0.7547 1.0825 0.7678 0.1222  -0.3397 -0.4283 66  ASP A OD1 
504 O OD2 . ASP A 67 ? 0.8781 1.2744 0.8221 0.1748  -0.4020 -0.5385 66  ASP A OD2 
505 N N   . LYS A 68 ? 0.6819 0.7818 0.8793 0.0201  -0.2342 -0.4677 67  LYS A N   
506 C CA  . LYS A 68 ? 0.6891 0.7266 0.9690 -0.0043 -0.2134 -0.4886 67  LYS A CA  
507 C C   . LYS A 68 ? 0.6316 0.6206 0.9779 -0.0374 -0.1699 -0.4277 67  LYS A C   
508 O O   . LYS A 68 ? 0.6426 0.6038 1.1043 -0.0665 -0.1610 -0.4446 67  LYS A O   
509 C CB  . LYS A 68 ? 0.7155 0.7229 0.9271 0.0187  -0.1958 -0.4894 67  LYS A CB  
510 C CG  . LYS A 68 ? 0.7533 0.6941 1.0509 0.0022  -0.1793 -0.5188 67  LYS A CG  
511 C CD  . LYS A 68 ? 0.8037 0.7286 1.0394 0.0337  -0.1729 -0.5417 67  LYS A CD  
512 C CE  . LYS A 68 ? 0.8518 0.7043 1.1836 0.0213  -0.1596 -0.5774 67  LYS A CE  
513 N NZ  . LYS A 68 ? 0.9197 0.7712 1.2161 0.0558  -0.1742 -0.6443 67  LYS A NZ  
514 N N   . TYR A 69 ? 0.5738 0.5547 0.8506 -0.0311 -0.1417 -0.3580 68  TYR A N   
515 C CA  . TYR A 69 ? 0.5326 0.4703 0.8446 -0.0509 -0.0995 -0.3001 68  TYR A CA  
516 C C   . TYR A 69 ? 0.4855 0.4504 0.8094 -0.0599 -0.0940 -0.2650 68  TYR A C   
517 O O   . TYR A 69 ? 0.4637 0.4013 0.8162 -0.0719 -0.0594 -0.2224 68  TYR A O   
518 C CB  . TYR A 69 ? 0.5178 0.4250 0.7533 -0.0355 -0.0724 -0.2539 68  TYR A CB  
519 C CG  . TYR A 69 ? 0.5423 0.4217 0.7656 -0.0220 -0.0704 -0.2798 68  TYR A CG  
520 C CD1 . TYR A 69 ? 0.5847 0.4194 0.8915 -0.0336 -0.0634 -0.3107 68  TYR A CD1 
521 C CD2 . TYR A 69 ? 0.5317 0.4275 0.6703 0.0033  -0.0712 -0.2712 68  TYR A CD2 
522 C CE1 . TYR A 69 ? 0.6262 0.4306 0.9245 -0.0164 -0.0608 -0.3373 68  TYR A CE1 
523 C CE2 . TYR A 69 ? 0.5802 0.4556 0.7089 0.0206  -0.0665 -0.2957 68  TYR A CE2 
524 C CZ  . TYR A 69 ? 0.6209 0.4492 0.8256 0.0127  -0.0627 -0.3304 68  TYR A CZ  
525 O OH  . TYR A 69 ? 0.6526 0.4580 0.8489 0.0342  -0.0577 -0.3568 68  TYR A OH  
526 N N   . GLY A 70 ? 0.4746 0.4939 0.7731 -0.0483 -0.1266 -0.2813 69  GLY A N   
527 C CA  . GLY A 70 ? 0.4419 0.4865 0.7484 -0.0504 -0.1220 -0.2490 69  GLY A CA  
528 C C   . GLY A 70 ? 0.4421 0.5105 0.8633 -0.0720 -0.1246 -0.2680 69  GLY A C   
529 O O   . GLY A 70 ? 0.4211 0.5200 0.8553 -0.0694 -0.1243 -0.2486 69  GLY A O   
530 N N   . LYS A 71 ? 0.4723 0.5272 0.9881 -0.0935 -0.1253 -0.3068 70  LYS A N   
531 C CA  . LYS A 71 ? 0.4756 0.5565 1.1255 -0.1191 -0.1239 -0.3261 70  LYS A CA  
532 C C   . LYS A 71 ? 0.4611 0.5051 1.1515 -0.1351 -0.0628 -0.2635 70  LYS A C   
533 O O   . LYS A 71 ? 0.4730 0.4597 1.1217 -0.1329 -0.0266 -0.2255 70  LYS A O   
534 C CB  . LYS A 71 ? 0.5216 0.5986 1.2742 -0.1386 -0.1472 -0.3950 70  LYS A CB  
535 C CG  . LYS A 71 ? 0.5483 0.6757 1.2530 -0.1142 -0.2126 -0.4656 70  LYS A CG  
536 C CD  . LYS A 71 ? 0.6044 0.7142 1.3858 -0.1267 -0.2361 -0.5416 70  LYS A CD  
537 C CE  . LYS A 71 ? 0.6550 0.8271 1.3757 -0.0934 -0.3041 -0.6171 70  LYS A CE  
538 N NZ  . LYS A 71 ? 0.7288 0.8898 1.5310 -0.1024 -0.3361 -0.7098 70  LYS A NZ  
539 N N   . PRO A 72 ? 0.4472 0.5302 1.2099 -0.1443 -0.0506 -0.2504 71  PRO A N   
540 C CA  . PRO A 72 ? 0.4467 0.5033 1.2462 -0.1537 0.0124  -0.1912 71  PRO A CA  
541 C C   . PRO A 72 ? 0.4886 0.4859 1.3634 -0.1757 0.0561  -0.1746 71  PRO A C   
542 O O   . PRO A 72 ? 0.5174 0.5069 1.4883 -0.1980 0.0381  -0.2225 71  PRO A O   
543 C CB  . PRO A 72 ? 0.4376 0.5592 1.3452 -0.1646 0.0114  -0.2015 71  PRO A CB  
544 C CG  . PRO A 72 ? 0.4198 0.5979 1.2763 -0.1434 -0.0506 -0.2404 71  PRO A CG  
545 C CD  . PRO A 72 ? 0.4327 0.5901 1.2116 -0.1334 -0.0919 -0.2775 71  PRO A CD  
546 N N   . ASN A 73 ? 0.5031 0.4582 1.3312 -0.1651 0.1113  -0.1080 72  ASN A N   
547 C CA  . ASN A 73 ? 0.5558 0.4526 1.4514 -0.1784 0.1654  -0.0709 72  ASN A CA  
548 C C   . ASN A 73 ? 0.5709 0.4827 1.5246 -0.1809 0.2274  -0.0135 72  ASN A C   
549 O O   . ASN A 73 ? 0.5388 0.5026 1.4654 -0.1690 0.2250  -0.0074 72  ASN A O   
550 C CB  . ASN A 73 ? 0.5733 0.4117 1.3469 -0.1512 0.1815  -0.0315 72  ASN A CB  
551 C CG  . ASN A 73 ? 0.5712 0.3948 1.2840 -0.1441 0.1310  -0.0801 72  ASN A CG  
552 O OD1 . ASN A 73 ? 0.5888 0.4373 1.3488 -0.1582 0.0862  -0.1446 72  ASN A OD1 
553 N ND2 . ASN A 73 ? 0.5906 0.3792 1.1977 -0.1182 0.1381  -0.0506 72  ASN A ND2 
554 N N   . LYS A 74 ? 0.6275 0.4917 1.6577 -0.1919 0.2873  0.0326  73  LYS A N   
555 C CA  . LYS A 74 ? 0.6618 0.5351 1.7298 -0.1857 0.3616  0.1037  73  LYS A CA  
556 C C   . LYS A 74 ? 0.6936 0.5271 1.6137 -0.1414 0.4017  0.1748  73  LYS A C   
557 O O   . LYS A 74 ? 0.7457 0.5764 1.6726 -0.1254 0.4711  0.2442  73  LYS A O   
558 C CB  . LYS A 74 ? 0.7172 0.5668 1.9772 -0.2239 0.4124  0.1206  73  LYS A CB  
559 N N   . ARG A 75 ? 0.6701 0.4804 1.4586 -0.1187 0.3577  0.1567  74  ARG A N   
560 C CA  . ARG A 75 ? 0.7027 0.4810 1.3550 -0.0753 0.3807  0.2107  74  ARG A CA  
561 C C   . ARG A 75 ? 0.6732 0.4980 1.2089 -0.0420 0.3754  0.2204  74  ARG A C   
562 O O   . ARG A 75 ? 0.6128 0.4736 1.1103 -0.0451 0.3230  0.1706  74  ARG A O   
563 C CB  . ARG A 75 ? 0.6930 0.4340 1.2748 -0.0670 0.3350  0.1819  74  ARG A CB  
564 C CG  . ARG A 75 ? 0.7474 0.4355 1.4344 -0.0931 0.3369  0.1641  74  ARG A CG  
565 C CD  . ARG A 75 ? 0.8644 0.4918 1.5813 -0.0779 0.4048  0.2403  74  ARG A CD  
566 N NE  . ARG A 75 ? 0.9144 0.5128 1.4997 -0.0330 0.4012  0.2735  74  ARG A NE  
567 C CZ  . ARG A 75 ? 0.9652 0.5070 1.5541 -0.0245 0.3951  0.2730  74  ARG A CZ  
568 N NH1 . ARG A 75 ? 0.9879 0.4859 1.7046 -0.0583 0.3928  0.2380  74  ARG A NH1 
569 N NH2 . ARG A 75 ? 0.9886 0.5198 1.4579 0.0207  0.3888  0.3035  74  ARG A NH2 
570 N N   . LYS A 76 ? 0.7247 0.5470 1.2031 -0.0065 0.4307  0.2847  75  LYS A N   
571 C CA  . LYS A 76 ? 0.7161 0.5804 1.0845 0.0311  0.4300  0.2905  75  LYS A CA  
572 C C   . LYS A 76 ? 0.6544 0.5266 0.9225 0.0405  0.3591  0.2380  75  LYS A C   
573 O O   . LYS A 76 ? 0.6543 0.4956 0.8660 0.0493  0.3328  0.2335  75  LYS A O   
574 C CB  . LYS A 76 ? 0.8045 0.6575 1.0850 0.0815  0.4867  0.3618  75  LYS A CB  
575 N N   . GLY A 77 ? 0.6022 0.5162 0.8609 0.0381  0.3310  0.2003  76  GLY A N   
576 C CA  . GLY A 77 ? 0.5529 0.4741 0.7285 0.0472  0.2726  0.1576  76  GLY A CA  
577 C C   . GLY A 77 ? 0.4875 0.4061 0.7038 0.0144  0.2199  0.1103  76  GLY A C   
578 O O   . GLY A 77 ? 0.4555 0.3847 0.6221 0.0187  0.1780  0.0797  76  GLY A O   
579 N N   . PHE A 78 ? 0.4752 0.3806 0.7831 -0.0158 0.2223  0.1028  77  PHE A N   
580 C CA  . PHE A 78 ? 0.4279 0.3332 0.7562 -0.0379 0.1714  0.0552  77  PHE A CA  
581 C C   . PHE A 78 ? 0.3828 0.3334 0.7398 -0.0471 0.1384  0.0196  77  PHE A C   
582 O O   . PHE A 78 ? 0.3555 0.3143 0.6615 -0.0424 0.0971  -0.0054 77  PHE A O   
583 C CB  . PHE A 78 ? 0.4454 0.3241 0.8640 -0.0637 0.1776  0.0451  77  PHE A CB  
584 C CG  . PHE A 78 ? 0.4231 0.3010 0.8382 -0.0753 0.1266  -0.0059 77  PHE A CG  
585 C CD1 . PHE A 78 ? 0.4300 0.2733 0.7883 -0.0644 0.1164  -0.0065 77  PHE A CD1 
586 C CD2 . PHE A 78 ? 0.4079 0.3261 0.8735 -0.0911 0.0893  -0.0527 77  PHE A CD2 
587 C CE1 . PHE A 78 ? 0.4120 0.2597 0.7613 -0.0693 0.0755  -0.0524 77  PHE A CE1 
588 C CE2 . PHE A 78 ? 0.3993 0.3223 0.8463 -0.0929 0.0447  -0.0982 77  PHE A CE2 
589 C CZ  . PHE A 78 ? 0.3868 0.2736 0.7749 -0.0822 0.0413  -0.0972 77  PHE A CZ  
590 N N   . ASN A 79 ? 0.3855 0.3677 0.8292 -0.0578 0.1590  0.0215  78  ASN A N   
591 C CA  . ASN A 79 ? 0.3588 0.3902 0.8405 -0.0619 0.1269  -0.0106 78  ASN A CA  
592 C C   . ASN A 79 ? 0.3430 0.3845 0.7384 -0.0342 0.1147  -0.0064 78  ASN A C   
593 O O   . ASN A 79 ? 0.3178 0.3766 0.6934 -0.0297 0.0731  -0.0308 78  ASN A O   
594 C CB  . ASN A 79 ? 0.3724 0.4414 0.9807 -0.0783 0.1564  -0.0073 78  ASN A CB  
595 C CG  . ASN A 79 ? 0.4090 0.4602 1.1208 -0.1093 0.1698  -0.0144 78  ASN A CG  
596 O OD1 . ASN A 79 ? 0.4294 0.4663 1.1454 -0.1221 0.1303  -0.0518 78  ASN A OD1 
597 N ND2 . ASN A 79 ? 0.4635 0.5117 1.2593 -0.1195 0.2292  0.0227  78  ASN A ND2 
598 N N   . GLU A 80 ? 0.3681 0.3968 0.7111 -0.0123 0.1511  0.0247  79  GLU A N   
599 C CA  . GLU A 80 ? 0.3666 0.3933 0.6248 0.0152  0.1389  0.0218  79  GLU A CA  
600 C C   . GLU A 80 ? 0.3391 0.3413 0.5344 0.0137  0.0959  0.0042  79  GLU A C   
601 O O   . GLU A 80 ? 0.3306 0.3387 0.5053 0.0214  0.0680  -0.0113 79  GLU A O   
602 C CB  . GLU A 80 ? 0.4147 0.4293 0.6107 0.0433  0.1795  0.0506  79  GLU A CB  
603 C CG  . GLU A 80 ? 0.4615 0.5093 0.7068 0.0557  0.2318  0.0736  79  GLU A CG  
604 C CD  . GLU A 80 ? 0.5072 0.5563 0.8402 0.0347  0.2770  0.1060  79  GLU A CD  
605 O OE1 . GLU A 80 ? 0.5047 0.5235 0.8616 0.0112  0.2664  0.1069  79  GLU A OE1 
606 O OE2 . GLU A 80 ? 0.5546 0.6347 0.9415 0.0424  0.3270  0.1308  79  GLU A OE2 
607 N N   . GLY A 81 ? 0.3368 0.3114 0.5098 0.0053  0.0943  0.0101  80  GLY A N   
608 C CA  . GLY A 81 ? 0.3160 0.2735 0.4395 0.0035  0.0604  -0.0034 80  GLY A CA  
609 C C   . GLY A 81 ? 0.2854 0.2601 0.4342 -0.0089 0.0258  -0.0268 80  GLY A C   
610 O O   . GLY A 81 ? 0.2743 0.2453 0.3829 -0.0039 0.0022  -0.0322 80  GLY A O   
611 N N   . LEU A 82 ? 0.2789 0.2758 0.4975 -0.0232 0.0234  -0.0404 81  LEU A N   
612 C CA  . LEU A 82 ? 0.2673 0.2928 0.5039 -0.0261 -0.0139 -0.0663 81  LEU A CA  
613 C C   . LEU A 82 ? 0.2585 0.3051 0.4848 -0.0094 -0.0260 -0.0619 81  LEU A C   
614 O O   . LEU A 82 ? 0.2649 0.3183 0.4580 0.0010  -0.0528 -0.0648 81  LEU A O   
615 C CB  . LEU A 82 ? 0.2717 0.3252 0.5994 -0.0437 -0.0205 -0.0926 81  LEU A CB  
616 C CG  . LEU A 82 ? 0.2954 0.3233 0.6483 -0.0605 -0.0160 -0.1073 81  LEU A CG  
617 C CD1 . LEU A 82 ? 0.2964 0.3538 0.7597 -0.0806 -0.0287 -0.1448 81  LEU A CD1 
618 C CD2 . LEU A 82 ? 0.2905 0.3036 0.5689 -0.0510 -0.0408 -0.1198 81  LEU A CD2 
619 N N   . TRP A 83 ? 0.2579 0.3136 0.5124 -0.0031 -0.0024 -0.0515 82  TRP A N   
620 C CA  . TRP A 83 ? 0.2549 0.3249 0.5052 0.0166  -0.0118 -0.0494 82  TRP A CA  
621 C C   . TRP A 83 ? 0.2545 0.2872 0.4315 0.0282  -0.0207 -0.0402 82  TRP A C   
622 O O   . TRP A 83 ? 0.2632 0.2966 0.4282 0.0393  -0.0428 -0.0377 82  TRP A O   
623 C CB  . TRP A 83 ? 0.2653 0.3522 0.5553 0.0260  0.0213  -0.0422 82  TRP A CB  
624 C CG  . TRP A 83 ? 0.2752 0.3786 0.5740 0.0496  0.0099  -0.0454 82  TRP A CG  
625 C CD1 . TRP A 83 ? 0.2836 0.4341 0.6479 0.0572  -0.0063 -0.0545 82  TRP A CD1 
626 C CD2 . TRP A 83 ? 0.2943 0.3652 0.5410 0.0707  0.0103  -0.0424 82  TRP A CD2 
627 N NE1 . TRP A 83 ? 0.3066 0.4516 0.6579 0.0845  -0.0124 -0.0514 82  TRP A NE1 
628 C CE2 . TRP A 83 ? 0.3067 0.3993 0.5897 0.0913  -0.0016 -0.0459 82  TRP A CE2 
629 C CE3 . TRP A 83 ? 0.3003 0.3276 0.4815 0.0751  0.0164  -0.0415 82  TRP A CE3 
630 C CZ2 . TRP A 83 ? 0.3473 0.4098 0.6058 0.1147  -0.0035 -0.0476 82  TRP A CZ2 
631 C CZ3 . TRP A 83 ? 0.3275 0.3309 0.4889 0.0952  0.0106  -0.0497 82  TRP A CZ3 
632 C CH2 . TRP A 83 ? 0.3554 0.3710 0.5559 0.1142  0.0025  -0.0522 82  TRP A CH2 
633 N N   . GLU A 84 ? 0.2537 0.2560 0.3890 0.0268  -0.0036 -0.0336 83  GLU A N   
634 C CA  . GLU A 84 ? 0.2572 0.2294 0.3436 0.0345  -0.0122 -0.0322 83  GLU A CA  
635 C C   . GLU A 84 ? 0.2544 0.2197 0.3237 0.0268  -0.0344 -0.0279 83  GLU A C   
636 O O   . GLU A 84 ? 0.2697 0.2234 0.3336 0.0338  -0.0458 -0.0212 83  GLU A O   
637 C CB  . GLU A 84 ? 0.2662 0.2205 0.3146 0.0378  0.0046  -0.0310 83  GLU A CB  
638 C CG  . GLU A 84 ? 0.2941 0.2559 0.3394 0.0567  0.0293  -0.0320 83  GLU A CG  
639 C CD  . GLU A 84 ? 0.3485 0.2999 0.3407 0.0709  0.0437  -0.0290 83  GLU A CD  
640 O OE1 . GLU A 84 ? 0.3432 0.2820 0.3107 0.0636  0.0336  -0.0256 83  GLU A OE1 
641 O OE2 . GLU A 84 ? 0.3939 0.3548 0.3661 0.0949  0.0659  -0.0296 83  GLU A OE2 
642 N N   . ILE A 85 ? 0.2495 0.2212 0.3142 0.0149  -0.0369 -0.0295 84  ILE A N   
643 C CA  . ILE A 85 ? 0.2547 0.2261 0.2954 0.0131  -0.0519 -0.0247 84  ILE A CA  
644 C C   . ILE A 85 ? 0.2686 0.2632 0.3159 0.0248  -0.0702 -0.0202 84  ILE A C   
645 O O   . ILE A 85 ? 0.2871 0.2792 0.3087 0.0325  -0.0765 -0.0039 84  ILE A O   
646 C CB  . ILE A 85 ? 0.2507 0.2245 0.2840 0.0032  -0.0501 -0.0339 84  ILE A CB  
647 C CG1 . ILE A 85 ? 0.2587 0.2306 0.2580 0.0055  -0.0558 -0.0262 84  ILE A CG1 
648 C CG2 . ILE A 85 ? 0.2536 0.2535 0.3248 -0.0012 -0.0590 -0.0537 84  ILE A CG2 
649 C CD1 . ILE A 85 ? 0.2390 0.2071 0.2276 0.0005  -0.0506 -0.0363 84  ILE A CD1 
650 N N   . GLN A 86 ? 0.2734 0.2951 0.3585 0.0297  -0.0771 -0.0310 85  GLN A N   
651 C CA  . GLN A 86 ? 0.2941 0.3488 0.3857 0.0480  -0.1009 -0.0289 85  GLN A CA  
652 C C   . GLN A 86 ? 0.3072 0.3504 0.4039 0.0675  -0.1011 -0.0075 85  GLN A C   
653 O O   . GLN A 86 ? 0.3353 0.3926 0.4176 0.0898  -0.1175 0.0101  85  GLN A O   
654 C CB  . GLN A 86 ? 0.2925 0.3920 0.4397 0.0447  -0.1143 -0.0568 85  GLN A CB  
655 C CG  . GLN A 86 ? 0.3223 0.4332 0.4729 0.0300  -0.1228 -0.0832 85  GLN A CG  
656 C CD  . GLN A 86 ? 0.3324 0.4812 0.5641 0.0179  -0.1324 -0.1164 85  GLN A CD  
657 O OE1 . GLN A 86 ? 0.3479 0.5357 0.6291 0.0273  -0.1449 -0.1224 85  GLN A OE1 
658 N NE2 . GLN A 86 ? 0.3160 0.4542 0.5741 -0.0030 -0.1261 -0.1388 85  GLN A NE2 
659 N N   . ASN A 87 ? 0.2909 0.3094 0.4065 0.0646  -0.0828 -0.0093 86  ASN A N   
660 C CA  . ASN A 87 ? 0.3105 0.3142 0.4438 0.0850  -0.0822 0.0016  86  ASN A CA  
661 C C   . ASN A 87 ? 0.3242 0.2737 0.4412 0.0830  -0.0712 0.0106  86  ASN A C   
662 O O   . ASN A 87 ? 0.3556 0.2811 0.4865 0.0990  -0.0736 0.0257  86  ASN A O   
663 C CB  . ASN A 87 ? 0.2993 0.3246 0.4773 0.0910  -0.0711 -0.0157 86  ASN A CB  
664 C CG  . ASN A 87 ? 0.2982 0.3831 0.5221 0.0947  -0.0860 -0.0260 86  ASN A CG  
665 O OD1 . ASN A 87 ? 0.3330 0.4441 0.5756 0.1177  -0.1070 -0.0191 86  ASN A OD1 
666 N ND2 . ASN A 87 ? 0.2471 0.3546 0.4972 0.0734  -0.0764 -0.0427 86  ASN A ND2 
667 N N   . ASN A 88 ? 0.3079 0.2387 0.4047 0.0650  -0.0611 -0.0010 87  ASN A N   
668 C CA  . ASN A 88 ? 0.3307 0.2188 0.4268 0.0613  -0.0577 -0.0024 87  ASN A CA  
669 C C   . ASN A 88 ? 0.3058 0.1908 0.3775 0.0426  -0.0546 -0.0112 87  ASN A C   
670 O O   . ASN A 88 ? 0.2986 0.1750 0.3621 0.0421  -0.0515 -0.0339 87  ASN A O   
671 C CB  . ASN A 88 ? 0.3559 0.2233 0.4722 0.0762  -0.0532 -0.0254 87  ASN A CB  
672 C CG  . ASN A 88 ? 0.4023 0.2212 0.5467 0.0781  -0.0575 -0.0257 87  ASN A CG  
673 O OD1 . ASN A 88 ? 0.4484 0.2492 0.5994 0.0620  -0.0591 -0.0115 87  ASN A OD1 
674 N ND2 . ASN A 88 ? 0.4458 0.2436 0.6169 0.0979  -0.0569 -0.0430 87  ASN A ND2 
675 N N   . PRO A 89 ? 0.2964 0.1934 0.3528 0.0328  -0.0563 0.0064  88  PRO A N   
676 C CA  . PRO A 89 ? 0.2839 0.1831 0.3225 0.0185  -0.0533 0.0011  88  PRO A CA  
677 C C   . PRO A 89 ? 0.3012 0.1774 0.3584 0.0101  -0.0546 -0.0067 88  PRO A C   
678 O O   . PRO A 89 ? 0.2895 0.1733 0.3357 0.0035  -0.0560 -0.0198 88  PRO A O   
679 C CB  . PRO A 89 ? 0.2939 0.2121 0.3166 0.0176  -0.0533 0.0224  88  PRO A CB  
680 C CG  . PRO A 89 ? 0.3006 0.2179 0.3312 0.0330  -0.0569 0.0464  88  PRO A CG  
681 C CD  . PRO A 89 ? 0.3089 0.2237 0.3592 0.0421  -0.0620 0.0315  88  PRO A CD  
682 N N   . HIS A 90 ? 0.3333 0.1825 0.4270 0.0114  -0.0557 -0.0001 89  HIS A N   
683 C CA  . HIS A 90 ? 0.3573 0.1841 0.4939 -0.0012 -0.0597 -0.0137 89  HIS A CA  
684 C C   . HIS A 90 ? 0.3876 0.1890 0.5477 0.0070  -0.0718 -0.0538 89  HIS A C   
685 O O   . HIS A 90 ? 0.4068 0.1861 0.6182 -0.0032 -0.0806 -0.0742 89  HIS A O   
686 C CB  . HIS A 90 ? 0.3803 0.1899 0.5593 -0.0098 -0.0471 0.0255  89  HIS A CB  
687 C CG  . HIS A 90 ? 0.3744 0.2131 0.5182 -0.0081 -0.0339 0.0625  89  HIS A CG  
688 N ND1 . HIS A 90 ? 0.3621 0.2295 0.4900 -0.0180 -0.0304 0.0591  89  HIS A ND1 
689 C CD2 . HIS A 90 ? 0.3820 0.2301 0.4991 0.0082  -0.0259 0.0993  89  HIS A CD2 
690 C CE1 . HIS A 90 ? 0.3585 0.2487 0.4513 -0.0087 -0.0188 0.0890  89  HIS A CE1 
691 N NE2 . HIS A 90 ? 0.3808 0.2625 0.4624 0.0082  -0.0177 0.1129  89  HIS A NE2 
692 N N   . ALA A 91 ? 0.3977 0.2061 0.5252 0.0263  -0.0715 -0.0690 90  ALA A N   
693 C CA  . ALA A 91 ? 0.4410 0.2342 0.5734 0.0428  -0.0802 -0.1117 90  ALA A CA  
694 C C   . ALA A 91 ? 0.4602 0.2716 0.5635 0.0462  -0.0936 -0.1498 90  ALA A C   
695 O O   . ALA A 91 ? 0.4288 0.2653 0.5063 0.0377  -0.0934 -0.1385 90  ALA A O   
696 C CB  . ALA A 91 ? 0.4396 0.2456 0.5466 0.0658  -0.0686 -0.1108 90  ALA A CB  
697 N N   . SER A 92 ? 0.5255 0.3258 0.6316 0.0641  -0.1072 -0.1977 91  SER A N   
698 C CA  . SER A 92 ? 0.5683 0.3953 0.6283 0.0815  -0.1233 -0.2381 91  SER A CA  
699 C C   . SER A 92 ? 0.5791 0.4321 0.5664 0.1093  -0.1012 -0.2265 91  SER A C   
700 O O   . SER A 92 ? 0.5995 0.4451 0.5851 0.1263  -0.0864 -0.2287 91  SER A O   
701 C CB  . SER A 92 ? 0.6331 0.4423 0.7214 0.0953  -0.1503 -0.3037 91  SER A CB  
702 O OG  . SER A 92 ? 0.6534 0.4366 0.8314 0.0650  -0.1683 -0.3156 91  SER A OG  
703 N N   . TYR A 93 ? 0.5813 0.4641 0.5166 0.1151  -0.0949 -0.2100 92  TYR A N   
704 C CA  . TYR A 93 ? 0.6071 0.5132 0.4797 0.1438  -0.0677 -0.1951 92  TYR A CA  
705 C C   . TYR A 93 ? 0.6844 0.6149 0.4893 0.1827  -0.0796 -0.2293 92  TYR A C   
706 O O   . TYR A 93 ? 0.7213 0.6749 0.4637 0.2110  -0.0531 -0.2075 92  TYR A O   
707 C CB  . TYR A 93 ? 0.5600 0.4763 0.4275 0.1270  -0.0443 -0.1440 92  TYR A CB  
708 C CG  . TYR A 93 ? 0.5003 0.4045 0.4207 0.1014  -0.0339 -0.1182 92  TYR A CG  
709 C CD1 . TYR A 93 ? 0.5015 0.4148 0.4335 0.1098  -0.0099 -0.1052 92  TYR A CD1 
710 C CD2 . TYR A 93 ? 0.4485 0.3395 0.4080 0.0736  -0.0486 -0.1076 92  TYR A CD2 
711 C CE1 . TYR A 93 ? 0.4760 0.3881 0.4563 0.0922  -0.0086 -0.0868 92  TYR A CE1 
712 C CE2 . TYR A 93 ? 0.4286 0.3157 0.4225 0.0596  -0.0428 -0.0843 92  TYR A CE2 
713 C CZ  . TYR A 93 ? 0.4421 0.3407 0.4459 0.0696  -0.0271 -0.0768 92  TYR A CZ  
714 O OH  . TYR A 93 ? 0.4210 0.3250 0.4583 0.0613  -0.0292 -0.0587 92  TYR A OH  
715 N N   . SER A 94 ? 0.7250 0.6520 0.5467 0.1861  -0.1190 -0.2834 93  SER A N   
716 C CA  . SER A 94 ? 0.8020 0.7608 0.5589 0.2273  -0.1436 -0.3286 93  SER A CA  
717 C C   . SER A 94 ? 0.8689 0.8433 0.5520 0.2762  -0.1194 -0.3396 93  SER A C   
718 O O   . SER A 94 ? 0.9265 0.8916 0.6160 0.2953  -0.1335 -0.3939 93  SER A O   
719 C CB  . SER A 94 ? 0.8326 0.7839 0.6464 0.2187  -0.1945 -0.3988 93  SER A CB  
772 O O   . HOH F .  ? 0.3836 0.4187 0.3438 0.0704  -0.0986 0.0299  97  HOH A O   
773 O O   . HOH F .  ? 0.3521 0.4418 0.2508 0.1323  0.0523  -0.1037 98  HOH A O   
774 O O   . HOH F .  ? 0.3932 0.3270 0.5763 -0.0419 -0.0811 -0.0570 99  HOH A O   
775 O O   . HOH F .  ? 0.4360 0.1644 0.5185 0.0550  0.1036  0.0576  100 HOH A O   
776 O O   . HOH F .  ? 0.4313 0.5041 0.2951 0.0560  0.0151  0.0407  101 HOH A O   
777 O O   . HOH F .  ? 0.3930 0.3361 0.4086 0.2158  0.0028  0.0163  102 HOH A O   
778 O O   . HOH F .  ? 0.4349 0.3990 0.4675 0.0088  0.0288  0.1560  103 HOH A O   
779 O O   . HOH F .  ? 0.3961 0.2688 0.5807 -0.0397 -0.0584 -0.0148 104 HOH A O   
780 O O   . HOH F .  ? 0.3850 0.4127 0.2951 0.0396  0.0087  0.1008  105 HOH A O   
781 O O   . HOH F .  ? 0.5727 0.2802 0.7940 0.0797  -0.1032 -0.2095 106 HOH A O   
# 
loop_
_pdbx_poly_seq_scheme.asym_id 
_pdbx_poly_seq_scheme.entity_id 
_pdbx_poly_seq_scheme.seq_id 
_pdbx_poly_seq_scheme.mon_id 
_pdbx_poly_seq_scheme.ndb_seq_num 
_pdbx_poly_seq_scheme.pdb_seq_num 
_pdbx_poly_seq_scheme.auth_seq_num 
_pdbx_poly_seq_scheme.pdb_mon_id 
_pdbx_poly_seq_scheme.auth_mon_id 
_pdbx_poly_seq_scheme.pdb_strand_id 
_pdbx_poly_seq_scheme.pdb_ins_code 
_pdbx_poly_seq_scheme.hetero 
A 1 1  GLY 1  0  ?  ?   ?   A . n 
A 1 2  MET 2  1  ?  ?   ?   A . n 
A 1 3  PRO 3  2  2  PRO PRO A . n 
A 1 4  HIS 4  3  3  HIS HIS A . n 
A 1 5  ALA 5  4  4  ALA ALA A . n 
A 1 6  PHE 6  5  5  PHE PHE A . n 
A 1 7  LYS 7  6  6  LYS LYS A . n 
A 1 8  PRO 8  7  7  PRO PRO A . n 
A 1 9  GLY 9  8  8  GLY GLY A . n 
A 1 10 ASP 10 9  9  ASP ASP A . n 
A 1 11 LEU 11 10 10 LEU LEU A . n 
A 1 12 VAL 12 11 11 VAL VAL A . n 
A 1 13 PHE 13 12 12 PHE PHE A . n 
A 1 14 ALA 14 13 13 ALA ALA A . n 
A 1 15 LYS 15 14 14 LYS LYS A . n 
A 1 16 MET 16 15 15 MET MET A . n 
A 1 17 LYS 17 16 16 LYS LYS A . n 
A 1 18 GLY 18 17 17 GLY GLY A . n 
A 1 19 TYR 19 18 18 TYR TYR A . n 
A 1 20 PRO 20 19 19 PRO PRO A . n 
A 1 21 HIS 21 20 20 HIS HIS A . n 
A 1 22 TRP 22 21 21 TRP TRP A . n 
A 1 23 PRO 23 22 22 PRO PRO A . n 
A 1 24 ALA 24 23 23 ALA ALA A . n 
A 1 25 ARG 25 24 24 ARG ARG A . n 
A 1 26 ILE 26 25 25 ILE ILE A . n 
A 1 27 ASP 27 26 26 ASP ASP A . n 
A 1 28 ASP 28 27 27 ASP ASP A . n 
A 1 29 ILE 29 28 28 ILE ILE A . n 
A 1 30 ALA 30 29 29 ALA ALA A . n 
A 1 31 ASP 31 30 ?  ?   ?   A . n 
A 1 32 GLY 32 31 ?  ?   ?   A . n 
A 1 33 ALA 33 32 32 ALA ALA A . n 
A 1 34 VAL 34 33 33 VAL VAL A . n 
A 1 35 LYS 35 34 34 LYS LYS A . n 
A 1 36 PRO 36 35 35 PRO PRO A . n 
A 1 37 PRO 37 36 36 PRO PRO A . n 
A 1 38 PRO 38 37 37 PRO PRO A . n 
A 1 39 ASN 39 38 38 ASN ASN A . n 
A 1 40 LYS 40 39 39 LYS LYS A . n 
A 1 41 TYR 41 40 40 TYR TYR A . n 
A 1 42 PRO 42 41 41 PRO PRO A . n 
A 1 43 ILE 43 42 42 ILE ILE A . n 
A 1 44 PHE 44 43 43 PHE PHE A . n 
A 1 45 PHE 45 44 44 PHE PHE A . n 
A 1 46 PHE 46 45 45 PHE PHE A . n 
A 1 47 GLY 47 46 46 GLY GLY A . n 
A 1 48 THR 48 47 47 THR THR A . n 
A 1 49 HIS 49 48 48 HIS HIS A . n 
A 1 50 GLU 50 49 49 GLU GLU A . n 
A 1 51 THR 51 50 50 THR THR A . n 
A 1 52 ALA 52 51 51 ALA ALA A . n 
A 1 53 PHE 53 52 52 PHE PHE A . n 
A 1 54 LEU 54 53 53 LEU LEU A . n 
A 1 55 GLY 55 54 54 GLY GLY A . n 
A 1 56 PRO 56 55 55 PRO PRO A . n 
A 1 57 LYS 57 56 56 LYS LYS A . n 
A 1 58 ASP 58 57 57 ASP ASP A . n 
A 1 59 LEU 59 58 58 LEU LEU A . n 
A 1 60 PHE 60 59 59 PHE PHE A . n 
A 1 61 PRO 61 60 60 PRO PRO A . n 
A 1 62 TYR 62 61 61 TYR TYR A . n 
A 1 63 ASP 63 62 62 ASP ASP A . n 
A 1 64 LYS 64 63 63 LYS LYS A . n 
A 1 65 CYS 65 64 64 CYS CYS A . n 
A 1 66 LYS 66 65 65 LYS LYS A . n 
A 1 67 ASP 67 66 66 ASP ASP A . n 
A 1 68 LYS 68 67 67 LYS LYS A . n 
A 1 69 TYR 69 68 68 TYR TYR A . n 
A 1 70 GLY 70 69 69 GLY GLY A . n 
A 1 71 LYS 71 70 70 LYS LYS A . n 
A 1 72 PRO 72 71 71 PRO PRO A . n 
A 1 73 ASN 73 72 72 ASN ASN A . n 
A 1 74 LYS 74 73 73 LYS LYS A . n 
A 1 75 ARG 75 74 74 ARG ARG A . n 
A 1 76 LYS 76 75 75 LYS LYS A . n 
A 1 77 GLY 77 76 76 GLY GLY A . n 
A 1 78 PHE 78 77 77 PHE PHE A . n 
A 1 79 ASN 79 78 78 ASN ASN A . n 
A 1 80 GLU 80 79 79 GLU GLU A . n 
A 1 81 GLY 81 80 80 GLY GLY A . n 
A 1 82 LEU 82 81 81 LEU LEU A . n 
A 1 83 TRP 83 82 82 TRP TRP A . n 
A 1 84 GLU 84 83 83 GLU GLU A . n 
A 1 85 ILE 85 84 84 ILE ILE A . n 
A 1 86 GLN 86 85 85 GLN GLN A . n 
A 1 87 ASN 87 86 86 ASN ASN A . n 
A 1 88 ASN 88 87 87 ASN ASN A . n 
A 1 89 PRO 89 88 88 PRO PRO A . n 
A 1 90 HIS 90 89 89 HIS HIS A . n 
A 1 91 ALA 91 90 90 ALA ALA A . n 
A 1 92 SER 92 91 91 SER SER A . n 
A 1 93 TYR 93 92 92 TYR TYR A . n 
A 1 94 SER 94 93 93 SER SER A . n 
B 2 1  GLU 1  73 ?  ?   ?   T . n 
B 2 2  ILE 2  74 ?  ?   ?   T . n 
B 2 3  ALA 3  75 ?  ?   ?   T . n 
B 2 4  GLN 4  76 76 GLN GLN T . n 
B 2 5  ASP 5  77 77 ASP ASP T . n 
B 2 6  PHE 6  78 78 PHE PHE T . n 
B 2 7  M3L 7  79 79 M3L M3L T . n 
B 2 8  THR 8  80 80 THR THR T . n 
B 2 9  ASP 9  81 ?  ?   ?   T . n 
B 2 10 LEU 10 82 ?  ?   ?   T . n 
B 2 11 ARG 11 83 ?  ?   ?   T . n 
B 2 12 TYR 12 84 ?  ?   ?   T . n 
# 
_pdbx_SG_project.id                    1 
_pdbx_SG_project.project_name          ? 
_pdbx_SG_project.full_name_of_center   'Structural Genomics Consortium' 
_pdbx_SG_project.initial_of_center     SGC 
# 
loop_
_pdbx_nonpoly_scheme.asym_id 
_pdbx_nonpoly_scheme.entity_id 
_pdbx_nonpoly_scheme.mon_id 
_pdbx_nonpoly_scheme.ndb_seq_num 
_pdbx_nonpoly_scheme.pdb_seq_num 
_pdbx_nonpoly_scheme.auth_seq_num 
_pdbx_nonpoly_scheme.pdb_mon_id 
_pdbx_nonpoly_scheme.auth_mon_id 
_pdbx_nonpoly_scheme.pdb_strand_id 
_pdbx_nonpoly_scheme.pdb_ins_code 
C 3 SO4 1  94  1  SO4 SO4 A . 
D 4 UNX 1  95  1  UNX UNX A . 
E 4 UNX 1  96  2  UNX UNX A . 
F 5 HOH 1  97  1  HOH HOH A . 
F 5 HOH 2  98  3  HOH HOH A . 
F 5 HOH 3  99  4  HOH HOH A . 
F 5 HOH 4  100 5  HOH HOH A . 
F 5 HOH 5  101 7  HOH HOH A . 
F 5 HOH 6  102 8  HOH HOH A . 
F 5 HOH 7  103 9  HOH HOH A . 
F 5 HOH 8  104 12 HOH HOH A . 
F 5 HOH 9  105 17 HOH HOH A . 
F 5 HOH 10 106 18 HOH HOH A . 
# 
_pdbx_struct_mod_residue.id               1 
_pdbx_struct_mod_residue.label_asym_id    B 
_pdbx_struct_mod_residue.label_comp_id    M3L 
_pdbx_struct_mod_residue.label_seq_id     7 
_pdbx_struct_mod_residue.auth_asym_id     T 
_pdbx_struct_mod_residue.auth_comp_id     M3L 
_pdbx_struct_mod_residue.auth_seq_id      79 
_pdbx_struct_mod_residue.PDB_ins_code     ? 
_pdbx_struct_mod_residue.parent_comp_id   LYS 
_pdbx_struct_mod_residue.details          N-TRIMETHYLLYSINE 
# 
_pdbx_struct_assembly.id                   1 
_pdbx_struct_assembly.details              software_defined_assembly 
_pdbx_struct_assembly.method_details       PISA 
_pdbx_struct_assembly.oligomeric_details   dimeric 
_pdbx_struct_assembly.oligomeric_count     2 
# 
_pdbx_struct_assembly_gen.assembly_id       1 
_pdbx_struct_assembly_gen.oper_expression   1 
_pdbx_struct_assembly_gen.asym_id_list      A,B,C,D,E,F 
# 
loop_
_pdbx_struct_assembly_prop.biol_id 
_pdbx_struct_assembly_prop.type 
_pdbx_struct_assembly_prop.value 
_pdbx_struct_assembly_prop.details 
1 'ABSA (A^2)' 950  ? 
1 MORE         -16  ? 
1 'SSA (A^2)'  6030 ? 
# 
_pdbx_struct_oper_list.id                   1 
_pdbx_struct_oper_list.type                 'identity operation' 
_pdbx_struct_oper_list.name                 1_555 
_pdbx_struct_oper_list.symmetry_operation   x,y,z 
_pdbx_struct_oper_list.matrix[1][1]         1.0000000000 
_pdbx_struct_oper_list.matrix[1][2]         0.0000000000 
_pdbx_struct_oper_list.matrix[1][3]         0.0000000000 
_pdbx_struct_oper_list.vector[1]            0.0000000000 
_pdbx_struct_oper_list.matrix[2][1]         0.0000000000 
_pdbx_struct_oper_list.matrix[2][2]         1.0000000000 
_pdbx_struct_oper_list.matrix[2][3]         0.0000000000 
_pdbx_struct_oper_list.vector[2]            0.0000000000 
_pdbx_struct_oper_list.matrix[3][1]         0.0000000000 
_pdbx_struct_oper_list.matrix[3][2]         0.0000000000 
_pdbx_struct_oper_list.matrix[3][3]         1.0000000000 
_pdbx_struct_oper_list.vector[3]            0.0000000000 
# 
loop_
_pdbx_audit_revision_history.ordinal 
_pdbx_audit_revision_history.data_content_type 
_pdbx_audit_revision_history.major_revision 
_pdbx_audit_revision_history.minor_revision 
_pdbx_audit_revision_history.revision_date 
1 'Structure model' 1 0 2011-02-23 
2 'Structure model' 1 1 2011-07-13 
3 'Structure model' 1 2 2011-07-20 
4 'Structure model' 1 3 2017-11-08 
5 'Structure model' 1 4 2023-09-13 
# 
_pdbx_audit_revision_details.ordinal             1 
_pdbx_audit_revision_details.revision_ordinal    1 
_pdbx_audit_revision_details.data_content_type   'Structure model' 
_pdbx_audit_revision_details.provider            repository 
_pdbx_audit_revision_details.type                'Initial release' 
_pdbx_audit_revision_details.description         ? 
_pdbx_audit_revision_details.details             ? 
# 
loop_
_pdbx_audit_revision_group.ordinal 
_pdbx_audit_revision_group.revision_ordinal 
_pdbx_audit_revision_group.data_content_type 
_pdbx_audit_revision_group.group 
1 2 'Structure model' 'Version format compliance' 
2 3 'Structure model' 'Database references'       
3 4 'Structure model' 'Refinement description'    
4 5 'Structure model' 'Data collection'           
5 5 'Structure model' 'Database references'       
6 5 'Structure model' 'Derived calculations'      
7 5 'Structure model' 'Refinement description'    
# 
loop_
_pdbx_audit_revision_category.ordinal 
_pdbx_audit_revision_category.revision_ordinal 
_pdbx_audit_revision_category.data_content_type 
_pdbx_audit_revision_category.category 
1 4 'Structure model' software                      
2 5 'Structure model' chem_comp_atom                
3 5 'Structure model' chem_comp_bond                
4 5 'Structure model' database_2                    
5 5 'Structure model' pdbx_initial_refinement_model 
6 5 'Structure model' struct_conn                   
7 5 'Structure model' struct_ref_seq_dif            
8 5 'Structure model' struct_site                   
# 
loop_
_pdbx_audit_revision_item.ordinal 
_pdbx_audit_revision_item.revision_ordinal 
_pdbx_audit_revision_item.data_content_type 
_pdbx_audit_revision_item.item 
1 5 'Structure model' '_database_2.pdbx_DOI'                
2 5 'Structure model' '_database_2.pdbx_database_accession' 
3 5 'Structure model' '_struct_conn.pdbx_leaving_atom_flag' 
4 5 'Structure model' '_struct_ref_seq_dif.details'         
5 5 'Structure model' '_struct_site.pdbx_auth_asym_id'      
6 5 'Structure model' '_struct_site.pdbx_auth_comp_id'      
7 5 'Structure model' '_struct_site.pdbx_auth_seq_id'       
# 
_pdbx_refine_tls.pdbx_refine_id   'X-RAY DIFFRACTION' 
_pdbx_refine_tls.id               1 
_pdbx_refine_tls.details          ? 
_pdbx_refine_tls.method           refined 
_pdbx_refine_tls.origin_x         -0.4034 
_pdbx_refine_tls.origin_y         -0.4189 
_pdbx_refine_tls.origin_z         -1.2251 
_pdbx_refine_tls.T[1][1]          0.1192 
_pdbx_refine_tls.T[2][2]          0.0372 
_pdbx_refine_tls.T[3][3]          0.0771 
_pdbx_refine_tls.T[1][2]          0.0146 
_pdbx_refine_tls.T[1][3]          -0.0154 
_pdbx_refine_tls.T[2][3]          -0.0227 
_pdbx_refine_tls.L[1][1]          11.4519 
_pdbx_refine_tls.L[2][2]          7.8326 
_pdbx_refine_tls.L[3][3]          5.0079 
_pdbx_refine_tls.L[1][2]          -4.7974 
_pdbx_refine_tls.L[1][3]          -1.0481 
_pdbx_refine_tls.L[2][3]          0.7622 
_pdbx_refine_tls.S[1][1]          -0.2507 
_pdbx_refine_tls.S[2][2]          0.0795 
_pdbx_refine_tls.S[3][3]          0.1712 
_pdbx_refine_tls.S[1][2]          0.0635 
_pdbx_refine_tls.S[1][3]          -0.4479 
_pdbx_refine_tls.S[2][3]          0.2123 
_pdbx_refine_tls.S[2][1]          0.1604 
_pdbx_refine_tls.S[3][1]          0.3188 
_pdbx_refine_tls.S[3][2]          0.1972 
# 
_pdbx_refine_tls_group.pdbx_refine_id      'X-RAY DIFFRACTION' 
_pdbx_refine_tls_group.id                  1 
_pdbx_refine_tls_group.refine_tls_id       1 
_pdbx_refine_tls_group.beg_auth_asym_id    A 
_pdbx_refine_tls_group.beg_auth_seq_id     -10 
_pdbx_refine_tls_group.end_auth_asym_id    A 
_pdbx_refine_tls_group.end_auth_seq_id     9999 
_pdbx_refine_tls_group.selection_details   ? 
_pdbx_refine_tls_group.beg_label_asym_id   . 
_pdbx_refine_tls_group.beg_label_seq_id    . 
_pdbx_refine_tls_group.end_label_asym_id   . 
_pdbx_refine_tls_group.end_label_seq_id    . 
_pdbx_refine_tls_group.selection           ? 
# 
_phasing.method   MR 
# 
loop_
_software.pdbx_ordinal 
_software.name 
_software.version 
_software.date 
_software.type 
_software.contact_author 
_software.contact_author_email 
_software.classification 
_software.location 
_software.language 
_software.citation_id 
1 DENZO       .        ?               package 'Zbyszek Otwinowski' hkl@hkl-xray.com         'data reduction'  
http://www.hkl-xray.com/                     ?          ? 
2 SCALEPACK   .        ?               package 'Zbyszek Otwinowski' hkl@hkl-xray.com         'data scaling'    
http://www.hkl-xray.com/                     ?          ? 
3 MOLREP      .        ?               program 'Alexei Vaguine'     alexei@ysbl.york.ac.uk   phasing           
http://www.ccp4.ac.uk/dist/html/molrep.html  Fortran_77 ? 
4 REFMAC      5.5.0109 ?               program 'Garib N. Murshudov' garib@ysbl.york.ac.uk    refinement        
http://www.ccp4.ac.uk/dist/html/refmac5.html Fortran_77 ? 
5 PDB_EXTRACT 3.10     'June 10, 2010' package PDB                  deposit@deposit.rcsb.org 'data extraction' 
http://sw-tools.pdb.org/apps/PDB_EXTRACT/    C++        ? 
6 HKL-2000    .        ?               ?       ?                    ?                        'data reduction'  ? ?          ? 
7 HKL-2000    .        ?               ?       ?                    ?                        'data scaling'    ? ?          ? 
# 
_pdbx_validate_torsion.id              1 
_pdbx_validate_torsion.PDB_model_num   1 
_pdbx_validate_torsion.auth_comp_id    ASN 
_pdbx_validate_torsion.auth_asym_id    A 
_pdbx_validate_torsion.auth_seq_id     87 
_pdbx_validate_torsion.PDB_ins_code    ? 
_pdbx_validate_torsion.label_alt_id    ? 
_pdbx_validate_torsion.phi             -160.40 
_pdbx_validate_torsion.psi             66.38 
# 
loop_
_pdbx_unobs_or_zero_occ_atoms.id 
_pdbx_unobs_or_zero_occ_atoms.PDB_model_num 
_pdbx_unobs_or_zero_occ_atoms.polymer_flag 
_pdbx_unobs_or_zero_occ_atoms.occupancy_flag 
_pdbx_unobs_or_zero_occ_atoms.auth_asym_id 
_pdbx_unobs_or_zero_occ_atoms.auth_comp_id 
_pdbx_unobs_or_zero_occ_atoms.auth_seq_id 
_pdbx_unobs_or_zero_occ_atoms.PDB_ins_code 
_pdbx_unobs_or_zero_occ_atoms.auth_atom_id 
_pdbx_unobs_or_zero_occ_atoms.label_alt_id 
_pdbx_unobs_or_zero_occ_atoms.label_asym_id 
_pdbx_unobs_or_zero_occ_atoms.label_comp_id 
_pdbx_unobs_or_zero_occ_atoms.label_seq_id 
_pdbx_unobs_or_zero_occ_atoms.label_atom_id 
1  1 Y 1 A ILE 28 ? CG1 ? A ILE 29 CG1 
2  1 Y 1 A ILE 28 ? CG2 ? A ILE 29 CG2 
3  1 Y 1 A ILE 28 ? CD1 ? A ILE 29 CD1 
4  1 Y 1 A LYS 34 ? CG  ? A LYS 35 CG  
5  1 Y 1 A LYS 34 ? CD  ? A LYS 35 CD  
6  1 Y 1 A LYS 34 ? CE  ? A LYS 35 CE  
7  1 Y 1 A LYS 34 ? NZ  ? A LYS 35 NZ  
8  1 Y 1 A LYS 73 ? CG  ? A LYS 74 CG  
9  1 Y 1 A LYS 73 ? CD  ? A LYS 74 CD  
10 1 Y 1 A LYS 73 ? CE  ? A LYS 74 CE  
11 1 Y 1 A LYS 73 ? NZ  ? A LYS 74 NZ  
12 1 Y 1 A LYS 75 ? CG  ? A LYS 76 CG  
13 1 Y 1 A LYS 75 ? CD  ? A LYS 76 CD  
14 1 Y 1 A LYS 75 ? CE  ? A LYS 76 CE  
15 1 Y 1 A LYS 75 ? NZ  ? A LYS 76 NZ  
16 1 Y 1 A SER 93 ? OG  ? A SER 94 OG  
17 1 Y 1 T THR 80 ? OG1 ? B THR 8  OG1 
18 1 Y 1 T THR 80 ? CG2 ? B THR 8  CG2 
# 
loop_
_pdbx_unobs_or_zero_occ_residues.id 
_pdbx_unobs_or_zero_occ_residues.PDB_model_num 
_pdbx_unobs_or_zero_occ_residues.polymer_flag 
_pdbx_unobs_or_zero_occ_residues.occupancy_flag 
_pdbx_unobs_or_zero_occ_residues.auth_asym_id 
_pdbx_unobs_or_zero_occ_residues.auth_comp_id 
_pdbx_unobs_or_zero_occ_residues.auth_seq_id 
_pdbx_unobs_or_zero_occ_residues.PDB_ins_code 
_pdbx_unobs_or_zero_occ_residues.label_asym_id 
_pdbx_unobs_or_zero_occ_residues.label_comp_id 
_pdbx_unobs_or_zero_occ_residues.label_seq_id 
1  1 Y 1 A GLY 0  ? A GLY 1  
2  1 Y 1 A MET 1  ? A MET 2  
3  1 Y 1 A ASP 30 ? A ASP 31 
4  1 Y 1 A GLY 31 ? A GLY 32 
5  1 Y 1 T GLU 73 ? B GLU 1  
6  1 Y 1 T ILE 74 ? B ILE 2  
7  1 Y 1 T ALA 75 ? B ALA 3  
8  1 Y 1 T ASP 81 ? B ASP 9  
9  1 Y 1 T LEU 82 ? B LEU 10 
10 1 Y 1 T ARG 83 ? B ARG 11 
11 1 Y 1 T TYR 84 ? B TYR 12 
# 
loop_
_chem_comp_atom.comp_id 
_chem_comp_atom.atom_id 
_chem_comp_atom.type_symbol 
_chem_comp_atom.pdbx_aromatic_flag 
_chem_comp_atom.pdbx_stereo_config 
_chem_comp_atom.pdbx_ordinal 
ALA N    N N N 1   
ALA CA   C N S 2   
ALA C    C N N 3   
ALA O    O N N 4   
ALA CB   C N N 5   
ALA OXT  O N N 6   
ALA H    H N N 7   
ALA H2   H N N 8   
ALA HA   H N N 9   
ALA HB1  H N N 10  
ALA HB2  H N N 11  
ALA HB3  H N N 12  
ALA HXT  H N N 13  
ARG N    N N N 14  
ARG CA   C N S 15  
ARG C    C N N 16  
ARG O    O N N 17  
ARG CB   C N N 18  
ARG CG   C N N 19  
ARG CD   C N N 20  
ARG NE   N N N 21  
ARG CZ   C N N 22  
ARG NH1  N N N 23  
ARG NH2  N N N 24  
ARG OXT  O N N 25  
ARG H    H N N 26  
ARG H2   H N N 27  
ARG HA   H N N 28  
ARG HB2  H N N 29  
ARG HB3  H N N 30  
ARG HG2  H N N 31  
ARG HG3  H N N 32  
ARG HD2  H N N 33  
ARG HD3  H N N 34  
ARG HE   H N N 35  
ARG HH11 H N N 36  
ARG HH12 H N N 37  
ARG HH21 H N N 38  
ARG HH22 H N N 39  
ARG HXT  H N N 40  
ASN N    N N N 41  
ASN CA   C N S 42  
ASN C    C N N 43  
ASN O    O N N 44  
ASN CB   C N N 45  
ASN CG   C N N 46  
ASN OD1  O N N 47  
ASN ND2  N N N 48  
ASN OXT  O N N 49  
ASN H    H N N 50  
ASN H2   H N N 51  
ASN HA   H N N 52  
ASN HB2  H N N 53  
ASN HB3  H N N 54  
ASN HD21 H N N 55  
ASN HD22 H N N 56  
ASN HXT  H N N 57  
ASP N    N N N 58  
ASP CA   C N S 59  
ASP C    C N N 60  
ASP O    O N N 61  
ASP CB   C N N 62  
ASP CG   C N N 63  
ASP OD1  O N N 64  
ASP OD2  O N N 65  
ASP OXT  O N N 66  
ASP H    H N N 67  
ASP H2   H N N 68  
ASP HA   H N N 69  
ASP HB2  H N N 70  
ASP HB3  H N N 71  
ASP HD2  H N N 72  
ASP HXT  H N N 73  
CYS N    N N N 74  
CYS CA   C N R 75  
CYS C    C N N 76  
CYS O    O N N 77  
CYS CB   C N N 78  
CYS SG   S N N 79  
CYS OXT  O N N 80  
CYS H    H N N 81  
CYS H2   H N N 82  
CYS HA   H N N 83  
CYS HB2  H N N 84  
CYS HB3  H N N 85  
CYS HG   H N N 86  
CYS HXT  H N N 87  
GLN N    N N N 88  
GLN CA   C N S 89  
GLN C    C N N 90  
GLN O    O N N 91  
GLN CB   C N N 92  
GLN CG   C N N 93  
GLN CD   C N N 94  
GLN OE1  O N N 95  
GLN NE2  N N N 96  
GLN OXT  O N N 97  
GLN H    H N N 98  
GLN H2   H N N 99  
GLN HA   H N N 100 
GLN HB2  H N N 101 
GLN HB3  H N N 102 
GLN HG2  H N N 103 
GLN HG3  H N N 104 
GLN HE21 H N N 105 
GLN HE22 H N N 106 
GLN HXT  H N N 107 
GLU N    N N N 108 
GLU CA   C N S 109 
GLU C    C N N 110 
GLU O    O N N 111 
GLU CB   C N N 112 
GLU CG   C N N 113 
GLU CD   C N N 114 
GLU OE1  O N N 115 
GLU OE2  O N N 116 
GLU OXT  O N N 117 
GLU H    H N N 118 
GLU H2   H N N 119 
GLU HA   H N N 120 
GLU HB2  H N N 121 
GLU HB3  H N N 122 
GLU HG2  H N N 123 
GLU HG3  H N N 124 
GLU HE2  H N N 125 
GLU HXT  H N N 126 
GLY N    N N N 127 
GLY CA   C N N 128 
GLY C    C N N 129 
GLY O    O N N 130 
GLY OXT  O N N 131 
GLY H    H N N 132 
GLY H2   H N N 133 
GLY HA2  H N N 134 
GLY HA3  H N N 135 
GLY HXT  H N N 136 
HIS N    N N N 137 
HIS CA   C N S 138 
HIS C    C N N 139 
HIS O    O N N 140 
HIS CB   C N N 141 
HIS CG   C Y N 142 
HIS ND1  N Y N 143 
HIS CD2  C Y N 144 
HIS CE1  C Y N 145 
HIS NE2  N Y N 146 
HIS OXT  O N N 147 
HIS H    H N N 148 
HIS H2   H N N 149 
HIS HA   H N N 150 
HIS HB2  H N N 151 
HIS HB3  H N N 152 
HIS HD1  H N N 153 
HIS HD2  H N N 154 
HIS HE1  H N N 155 
HIS HE2  H N N 156 
HIS HXT  H N N 157 
HOH O    O N N 158 
HOH H1   H N N 159 
HOH H2   H N N 160 
ILE N    N N N 161 
ILE CA   C N S 162 
ILE C    C N N 163 
ILE O    O N N 164 
ILE CB   C N S 165 
ILE CG1  C N N 166 
ILE CG2  C N N 167 
ILE CD1  C N N 168 
ILE OXT  O N N 169 
ILE H    H N N 170 
ILE H2   H N N 171 
ILE HA   H N N 172 
ILE HB   H N N 173 
ILE HG12 H N N 174 
ILE HG13 H N N 175 
ILE HG21 H N N 176 
ILE HG22 H N N 177 
ILE HG23 H N N 178 
ILE HD11 H N N 179 
ILE HD12 H N N 180 
ILE HD13 H N N 181 
ILE HXT  H N N 182 
LEU N    N N N 183 
LEU CA   C N S 184 
LEU C    C N N 185 
LEU O    O N N 186 
LEU CB   C N N 187 
LEU CG   C N N 188 
LEU CD1  C N N 189 
LEU CD2  C N N 190 
LEU OXT  O N N 191 
LEU H    H N N 192 
LEU H2   H N N 193 
LEU HA   H N N 194 
LEU HB2  H N N 195 
LEU HB3  H N N 196 
LEU HG   H N N 197 
LEU HD11 H N N 198 
LEU HD12 H N N 199 
LEU HD13 H N N 200 
LEU HD21 H N N 201 
LEU HD22 H N N 202 
LEU HD23 H N N 203 
LEU HXT  H N N 204 
LYS N    N N N 205 
LYS CA   C N S 206 
LYS C    C N N 207 
LYS O    O N N 208 
LYS CB   C N N 209 
LYS CG   C N N 210 
LYS CD   C N N 211 
LYS CE   C N N 212 
LYS NZ   N N N 213 
LYS OXT  O N N 214 
LYS H    H N N 215 
LYS H2   H N N 216 
LYS HA   H N N 217 
LYS HB2  H N N 218 
LYS HB3  H N N 219 
LYS HG2  H N N 220 
LYS HG3  H N N 221 
LYS HD2  H N N 222 
LYS HD3  H N N 223 
LYS HE2  H N N 224 
LYS HE3  H N N 225 
LYS HZ1  H N N 226 
LYS HZ2  H N N 227 
LYS HZ3  H N N 228 
LYS HXT  H N N 229 
M3L N    N N N 230 
M3L CA   C N S 231 
M3L CB   C N N 232 
M3L CG   C N N 233 
M3L CD   C N N 234 
M3L CE   C N N 235 
M3L NZ   N N N 236 
M3L C    C N N 237 
M3L O    O N N 238 
M3L OXT  O N N 239 
M3L CM1  C N N 240 
M3L CM2  C N N 241 
M3L CM3  C N N 242 
M3L H    H N N 243 
M3L H2   H N N 244 
M3L HA   H N N 245 
M3L HB2  H N N 246 
M3L HB3  H N N 247 
M3L HG2  H N N 248 
M3L HG3  H N N 249 
M3L HD2  H N N 250 
M3L HD3  H N N 251 
M3L HE2  H N N 252 
M3L HE3  H N N 253 
M3L HXT  H N N 254 
M3L HM11 H N N 255 
M3L HM12 H N N 256 
M3L HM13 H N N 257 
M3L HM21 H N N 258 
M3L HM22 H N N 259 
M3L HM23 H N N 260 
M3L HM31 H N N 261 
M3L HM32 H N N 262 
M3L HM33 H N N 263 
MET N    N N N 264 
MET CA   C N S 265 
MET C    C N N 266 
MET O    O N N 267 
MET CB   C N N 268 
MET CG   C N N 269 
MET SD   S N N 270 
MET CE   C N N 271 
MET OXT  O N N 272 
MET H    H N N 273 
MET H2   H N N 274 
MET HA   H N N 275 
MET HB2  H N N 276 
MET HB3  H N N 277 
MET HG2  H N N 278 
MET HG3  H N N 279 
MET HE1  H N N 280 
MET HE2  H N N 281 
MET HE3  H N N 282 
MET HXT  H N N 283 
PHE N    N N N 284 
PHE CA   C N S 285 
PHE C    C N N 286 
PHE O    O N N 287 
PHE CB   C N N 288 
PHE CG   C Y N 289 
PHE CD1  C Y N 290 
PHE CD2  C Y N 291 
PHE CE1  C Y N 292 
PHE CE2  C Y N 293 
PHE CZ   C Y N 294 
PHE OXT  O N N 295 
PHE H    H N N 296 
PHE H2   H N N 297 
PHE HA   H N N 298 
PHE HB2  H N N 299 
PHE HB3  H N N 300 
PHE HD1  H N N 301 
PHE HD2  H N N 302 
PHE HE1  H N N 303 
PHE HE2  H N N 304 
PHE HZ   H N N 305 
PHE HXT  H N N 306 
PRO N    N N N 307 
PRO CA   C N S 308 
PRO C    C N N 309 
PRO O    O N N 310 
PRO CB   C N N 311 
PRO CG   C N N 312 
PRO CD   C N N 313 
PRO OXT  O N N 314 
PRO H    H N N 315 
PRO HA   H N N 316 
PRO HB2  H N N 317 
PRO HB3  H N N 318 
PRO HG2  H N N 319 
PRO HG3  H N N 320 
PRO HD2  H N N 321 
PRO HD3  H N N 322 
PRO HXT  H N N 323 
SER N    N N N 324 
SER CA   C N S 325 
SER C    C N N 326 
SER O    O N N 327 
SER CB   C N N 328 
SER OG   O N N 329 
SER OXT  O N N 330 
SER H    H N N 331 
SER H2   H N N 332 
SER HA   H N N 333 
SER HB2  H N N 334 
SER HB3  H N N 335 
SER HG   H N N 336 
SER HXT  H N N 337 
SO4 S    S N N 338 
SO4 O1   O N N 339 
SO4 O2   O N N 340 
SO4 O3   O N N 341 
SO4 O4   O N N 342 
THR N    N N N 343 
THR CA   C N S 344 
THR C    C N N 345 
THR O    O N N 346 
THR CB   C N R 347 
THR OG1  O N N 348 
THR CG2  C N N 349 
THR OXT  O N N 350 
THR H    H N N 351 
THR H2   H N N 352 
THR HA   H N N 353 
THR HB   H N N 354 
THR HG1  H N N 355 
THR HG21 H N N 356 
THR HG22 H N N 357 
THR HG23 H N N 358 
THR HXT  H N N 359 
TRP N    N N N 360 
TRP CA   C N S 361 
TRP C    C N N 362 
TRP O    O N N 363 
TRP CB   C N N 364 
TRP CG   C Y N 365 
TRP CD1  C Y N 366 
TRP CD2  C Y N 367 
TRP NE1  N Y N 368 
TRP CE2  C Y N 369 
TRP CE3  C Y N 370 
TRP CZ2  C Y N 371 
TRP CZ3  C Y N 372 
TRP CH2  C Y N 373 
TRP OXT  O N N 374 
TRP H    H N N 375 
TRP H2   H N N 376 
TRP HA   H N N 377 
TRP HB2  H N N 378 
TRP HB3  H N N 379 
TRP HD1  H N N 380 
TRP HE1  H N N 381 
TRP HE3  H N N 382 
TRP HZ2  H N N 383 
TRP HZ3  H N N 384 
TRP HH2  H N N 385 
TRP HXT  H N N 386 
TYR N    N N N 387 
TYR CA   C N S 388 
TYR C    C N N 389 
TYR O    O N N 390 
TYR CB   C N N 391 
TYR CG   C Y N 392 
TYR CD1  C Y N 393 
TYR CD2  C Y N 394 
TYR CE1  C Y N 395 
TYR CE2  C Y N 396 
TYR CZ   C Y N 397 
TYR OH   O N N 398 
TYR OXT  O N N 399 
TYR H    H N N 400 
TYR H2   H N N 401 
TYR HA   H N N 402 
TYR HB2  H N N 403 
TYR HB3  H N N 404 
TYR HD1  H N N 405 
TYR HD2  H N N 406 
TYR HE1  H N N 407 
TYR HE2  H N N 408 
TYR HH   H N N 409 
TYR HXT  H N N 410 
VAL N    N N N 411 
VAL CA   C N S 412 
VAL C    C N N 413 
VAL O    O N N 414 
VAL CB   C N N 415 
VAL CG1  C N N 416 
VAL CG2  C N N 417 
VAL OXT  O N N 418 
VAL H    H N N 419 
VAL H2   H N N 420 
VAL HA   H N N 421 
VAL HB   H N N 422 
VAL HG11 H N N 423 
VAL HG12 H N N 424 
VAL HG13 H N N 425 
VAL HG21 H N N 426 
VAL HG22 H N N 427 
VAL HG23 H N N 428 
VAL HXT  H N N 429 
# 
loop_
_chem_comp_bond.comp_id 
_chem_comp_bond.atom_id_1 
_chem_comp_bond.atom_id_2 
_chem_comp_bond.value_order 
_chem_comp_bond.pdbx_aromatic_flag 
_chem_comp_bond.pdbx_stereo_config 
_chem_comp_bond.pdbx_ordinal 
ALA N   CA   sing N N 1   
ALA N   H    sing N N 2   
ALA N   H2   sing N N 3   
ALA CA  C    sing N N 4   
ALA CA  CB   sing N N 5   
ALA CA  HA   sing N N 6   
ALA C   O    doub N N 7   
ALA C   OXT  sing N N 8   
ALA CB  HB1  sing N N 9   
ALA CB  HB2  sing N N 10  
ALA CB  HB3  sing N N 11  
ALA OXT HXT  sing N N 12  
ARG N   CA   sing N N 13  
ARG N   H    sing N N 14  
ARG N   H2   sing N N 15  
ARG CA  C    sing N N 16  
ARG CA  CB   sing N N 17  
ARG CA  HA   sing N N 18  
ARG C   O    doub N N 19  
ARG C   OXT  sing N N 20  
ARG CB  CG   sing N N 21  
ARG CB  HB2  sing N N 22  
ARG CB  HB3  sing N N 23  
ARG CG  CD   sing N N 24  
ARG CG  HG2  sing N N 25  
ARG CG  HG3  sing N N 26  
ARG CD  NE   sing N N 27  
ARG CD  HD2  sing N N 28  
ARG CD  HD3  sing N N 29  
ARG NE  CZ   sing N N 30  
ARG NE  HE   sing N N 31  
ARG CZ  NH1  sing N N 32  
ARG CZ  NH2  doub N N 33  
ARG NH1 HH11 sing N N 34  
ARG NH1 HH12 sing N N 35  
ARG NH2 HH21 sing N N 36  
ARG NH2 HH22 sing N N 37  
ARG OXT HXT  sing N N 38  
ASN N   CA   sing N N 39  
ASN N   H    sing N N 40  
ASN N   H2   sing N N 41  
ASN CA  C    sing N N 42  
ASN CA  CB   sing N N 43  
ASN CA  HA   sing N N 44  
ASN C   O    doub N N 45  
ASN C   OXT  sing N N 46  
ASN CB  CG   sing N N 47  
ASN CB  HB2  sing N N 48  
ASN CB  HB3  sing N N 49  
ASN CG  OD1  doub N N 50  
ASN CG  ND2  sing N N 51  
ASN ND2 HD21 sing N N 52  
ASN ND2 HD22 sing N N 53  
ASN OXT HXT  sing N N 54  
ASP N   CA   sing N N 55  
ASP N   H    sing N N 56  
ASP N   H2   sing N N 57  
ASP CA  C    sing N N 58  
ASP CA  CB   sing N N 59  
ASP CA  HA   sing N N 60  
ASP C   O    doub N N 61  
ASP C   OXT  sing N N 62  
ASP CB  CG   sing N N 63  
ASP CB  HB2  sing N N 64  
ASP CB  HB3  sing N N 65  
ASP CG  OD1  doub N N 66  
ASP CG  OD2  sing N N 67  
ASP OD2 HD2  sing N N 68  
ASP OXT HXT  sing N N 69  
CYS N   CA   sing N N 70  
CYS N   H    sing N N 71  
CYS N   H2   sing N N 72  
CYS CA  C    sing N N 73  
CYS CA  CB   sing N N 74  
CYS CA  HA   sing N N 75  
CYS C   O    doub N N 76  
CYS C   OXT  sing N N 77  
CYS CB  SG   sing N N 78  
CYS CB  HB2  sing N N 79  
CYS CB  HB3  sing N N 80  
CYS SG  HG   sing N N 81  
CYS OXT HXT  sing N N 82  
GLN N   CA   sing N N 83  
GLN N   H    sing N N 84  
GLN N   H2   sing N N 85  
GLN CA  C    sing N N 86  
GLN CA  CB   sing N N 87  
GLN CA  HA   sing N N 88  
GLN C   O    doub N N 89  
GLN C   OXT  sing N N 90  
GLN CB  CG   sing N N 91  
GLN CB  HB2  sing N N 92  
GLN CB  HB3  sing N N 93  
GLN CG  CD   sing N N 94  
GLN CG  HG2  sing N N 95  
GLN CG  HG3  sing N N 96  
GLN CD  OE1  doub N N 97  
GLN CD  NE2  sing N N 98  
GLN NE2 HE21 sing N N 99  
GLN NE2 HE22 sing N N 100 
GLN OXT HXT  sing N N 101 
GLU N   CA   sing N N 102 
GLU N   H    sing N N 103 
GLU N   H2   sing N N 104 
GLU CA  C    sing N N 105 
GLU CA  CB   sing N N 106 
GLU CA  HA   sing N N 107 
GLU C   O    doub N N 108 
GLU C   OXT  sing N N 109 
GLU CB  CG   sing N N 110 
GLU CB  HB2  sing N N 111 
GLU CB  HB3  sing N N 112 
GLU CG  CD   sing N N 113 
GLU CG  HG2  sing N N 114 
GLU CG  HG3  sing N N 115 
GLU CD  OE1  doub N N 116 
GLU CD  OE2  sing N N 117 
GLU OE2 HE2  sing N N 118 
GLU OXT HXT  sing N N 119 
GLY N   CA   sing N N 120 
GLY N   H    sing N N 121 
GLY N   H2   sing N N 122 
GLY CA  C    sing N N 123 
GLY CA  HA2  sing N N 124 
GLY CA  HA3  sing N N 125 
GLY C   O    doub N N 126 
GLY C   OXT  sing N N 127 
GLY OXT HXT  sing N N 128 
HIS N   CA   sing N N 129 
HIS N   H    sing N N 130 
HIS N   H2   sing N N 131 
HIS CA  C    sing N N 132 
HIS CA  CB   sing N N 133 
HIS CA  HA   sing N N 134 
HIS C   O    doub N N 135 
HIS C   OXT  sing N N 136 
HIS CB  CG   sing N N 137 
HIS CB  HB2  sing N N 138 
HIS CB  HB3  sing N N 139 
HIS CG  ND1  sing Y N 140 
HIS CG  CD2  doub Y N 141 
HIS ND1 CE1  doub Y N 142 
HIS ND1 HD1  sing N N 143 
HIS CD2 NE2  sing Y N 144 
HIS CD2 HD2  sing N N 145 
HIS CE1 NE2  sing Y N 146 
HIS CE1 HE1  sing N N 147 
HIS NE2 HE2  sing N N 148 
HIS OXT HXT  sing N N 149 
HOH O   H1   sing N N 150 
HOH O   H2   sing N N 151 
ILE N   CA   sing N N 152 
ILE N   H    sing N N 153 
ILE N   H2   sing N N 154 
ILE CA  C    sing N N 155 
ILE CA  CB   sing N N 156 
ILE CA  HA   sing N N 157 
ILE C   O    doub N N 158 
ILE C   OXT  sing N N 159 
ILE CB  CG1  sing N N 160 
ILE CB  CG2  sing N N 161 
ILE CB  HB   sing N N 162 
ILE CG1 CD1  sing N N 163 
ILE CG1 HG12 sing N N 164 
ILE CG1 HG13 sing N N 165 
ILE CG2 HG21 sing N N 166 
ILE CG2 HG22 sing N N 167 
ILE CG2 HG23 sing N N 168 
ILE CD1 HD11 sing N N 169 
ILE CD1 HD12 sing N N 170 
ILE CD1 HD13 sing N N 171 
ILE OXT HXT  sing N N 172 
LEU N   CA   sing N N 173 
LEU N   H    sing N N 174 
LEU N   H2   sing N N 175 
LEU CA  C    sing N N 176 
LEU CA  CB   sing N N 177 
LEU CA  HA   sing N N 178 
LEU C   O    doub N N 179 
LEU C   OXT  sing N N 180 
LEU CB  CG   sing N N 181 
LEU CB  HB2  sing N N 182 
LEU CB  HB3  sing N N 183 
LEU CG  CD1  sing N N 184 
LEU CG  CD2  sing N N 185 
LEU CG  HG   sing N N 186 
LEU CD1 HD11 sing N N 187 
LEU CD1 HD12 sing N N 188 
LEU CD1 HD13 sing N N 189 
LEU CD2 HD21 sing N N 190 
LEU CD2 HD22 sing N N 191 
LEU CD2 HD23 sing N N 192 
LEU OXT HXT  sing N N 193 
LYS N   CA   sing N N 194 
LYS N   H    sing N N 195 
LYS N   H2   sing N N 196 
LYS CA  C    sing N N 197 
LYS CA  CB   sing N N 198 
LYS CA  HA   sing N N 199 
LYS C   O    doub N N 200 
LYS C   OXT  sing N N 201 
LYS CB  CG   sing N N 202 
LYS CB  HB2  sing N N 203 
LYS CB  HB3  sing N N 204 
LYS CG  CD   sing N N 205 
LYS CG  HG2  sing N N 206 
LYS CG  HG3  sing N N 207 
LYS CD  CE   sing N N 208 
LYS CD  HD2  sing N N 209 
LYS CD  HD3  sing N N 210 
LYS CE  NZ   sing N N 211 
LYS CE  HE2  sing N N 212 
LYS CE  HE3  sing N N 213 
LYS NZ  HZ1  sing N N 214 
LYS NZ  HZ2  sing N N 215 
LYS NZ  HZ3  sing N N 216 
LYS OXT HXT  sing N N 217 
M3L N   CA   sing N N 218 
M3L N   H    sing N N 219 
M3L N   H2   sing N N 220 
M3L CA  CB   sing N N 221 
M3L CA  C    sing N N 222 
M3L CA  HA   sing N N 223 
M3L CB  CG   sing N N 224 
M3L CB  HB2  sing N N 225 
M3L CB  HB3  sing N N 226 
M3L CG  CD   sing N N 227 
M3L CG  HG2  sing N N 228 
M3L CG  HG3  sing N N 229 
M3L CD  CE   sing N N 230 
M3L CD  HD2  sing N N 231 
M3L CD  HD3  sing N N 232 
M3L CE  NZ   sing N N 233 
M3L CE  HE2  sing N N 234 
M3L CE  HE3  sing N N 235 
M3L NZ  CM1  sing N N 236 
M3L NZ  CM2  sing N N 237 
M3L NZ  CM3  sing N N 238 
M3L C   O    doub N N 239 
M3L C   OXT  sing N N 240 
M3L OXT HXT  sing N N 241 
M3L CM1 HM11 sing N N 242 
M3L CM1 HM12 sing N N 243 
M3L CM1 HM13 sing N N 244 
M3L CM2 HM21 sing N N 245 
M3L CM2 HM22 sing N N 246 
M3L CM2 HM23 sing N N 247 
M3L CM3 HM31 sing N N 248 
M3L CM3 HM32 sing N N 249 
M3L CM3 HM33 sing N N 250 
MET N   CA   sing N N 251 
MET N   H    sing N N 252 
MET N   H2   sing N N 253 
MET CA  C    sing N N 254 
MET CA  CB   sing N N 255 
MET CA  HA   sing N N 256 
MET C   O    doub N N 257 
MET C   OXT  sing N N 258 
MET CB  CG   sing N N 259 
MET CB  HB2  sing N N 260 
MET CB  HB3  sing N N 261 
MET CG  SD   sing N N 262 
MET CG  HG2  sing N N 263 
MET CG  HG3  sing N N 264 
MET SD  CE   sing N N 265 
MET CE  HE1  sing N N 266 
MET CE  HE2  sing N N 267 
MET CE  HE3  sing N N 268 
MET OXT HXT  sing N N 269 
PHE N   CA   sing N N 270 
PHE N   H    sing N N 271 
PHE N   H2   sing N N 272 
PHE CA  C    sing N N 273 
PHE CA  CB   sing N N 274 
PHE CA  HA   sing N N 275 
PHE C   O    doub N N 276 
PHE C   OXT  sing N N 277 
PHE CB  CG   sing N N 278 
PHE CB  HB2  sing N N 279 
PHE CB  HB3  sing N N 280 
PHE CG  CD1  doub Y N 281 
PHE CG  CD2  sing Y N 282 
PHE CD1 CE1  sing Y N 283 
PHE CD1 HD1  sing N N 284 
PHE CD2 CE2  doub Y N 285 
PHE CD2 HD2  sing N N 286 
PHE CE1 CZ   doub Y N 287 
PHE CE1 HE1  sing N N 288 
PHE CE2 CZ   sing Y N 289 
PHE CE2 HE2  sing N N 290 
PHE CZ  HZ   sing N N 291 
PHE OXT HXT  sing N N 292 
PRO N   CA   sing N N 293 
PRO N   CD   sing N N 294 
PRO N   H    sing N N 295 
PRO CA  C    sing N N 296 
PRO CA  CB   sing N N 297 
PRO CA  HA   sing N N 298 
PRO C   O    doub N N 299 
PRO C   OXT  sing N N 300 
PRO CB  CG   sing N N 301 
PRO CB  HB2  sing N N 302 
PRO CB  HB3  sing N N 303 
PRO CG  CD   sing N N 304 
PRO CG  HG2  sing N N 305 
PRO CG  HG3  sing N N 306 
PRO CD  HD2  sing N N 307 
PRO CD  HD3  sing N N 308 
PRO OXT HXT  sing N N 309 
SER N   CA   sing N N 310 
SER N   H    sing N N 311 
SER N   H2   sing N N 312 
SER CA  C    sing N N 313 
SER CA  CB   sing N N 314 
SER CA  HA   sing N N 315 
SER C   O    doub N N 316 
SER C   OXT  sing N N 317 
SER CB  OG   sing N N 318 
SER CB  HB2  sing N N 319 
SER CB  HB3  sing N N 320 
SER OG  HG   sing N N 321 
SER OXT HXT  sing N N 322 
SO4 S   O1   doub N N 323 
SO4 S   O2   doub N N 324 
SO4 S   O3   sing N N 325 
SO4 S   O4   sing N N 326 
THR N   CA   sing N N 327 
THR N   H    sing N N 328 
THR N   H2   sing N N 329 
THR CA  C    sing N N 330 
THR CA  CB   sing N N 331 
THR CA  HA   sing N N 332 
THR C   O    doub N N 333 
THR C   OXT  sing N N 334 
THR CB  OG1  sing N N 335 
THR CB  CG2  sing N N 336 
THR CB  HB   sing N N 337 
THR OG1 HG1  sing N N 338 
THR CG2 HG21 sing N N 339 
THR CG2 HG22 sing N N 340 
THR CG2 HG23 sing N N 341 
THR OXT HXT  sing N N 342 
TRP N   CA   sing N N 343 
TRP N   H    sing N N 344 
TRP N   H2   sing N N 345 
TRP CA  C    sing N N 346 
TRP CA  CB   sing N N 347 
TRP CA  HA   sing N N 348 
TRP C   O    doub N N 349 
TRP C   OXT  sing N N 350 
TRP CB  CG   sing N N 351 
TRP CB  HB2  sing N N 352 
TRP CB  HB3  sing N N 353 
TRP CG  CD1  doub Y N 354 
TRP CG  CD2  sing Y N 355 
TRP CD1 NE1  sing Y N 356 
TRP CD1 HD1  sing N N 357 
TRP CD2 CE2  doub Y N 358 
TRP CD2 CE3  sing Y N 359 
TRP NE1 CE2  sing Y N 360 
TRP NE1 HE1  sing N N 361 
TRP CE2 CZ2  sing Y N 362 
TRP CE3 CZ3  doub Y N 363 
TRP CE3 HE3  sing N N 364 
TRP CZ2 CH2  doub Y N 365 
TRP CZ2 HZ2  sing N N 366 
TRP CZ3 CH2  sing Y N 367 
TRP CZ3 HZ3  sing N N 368 
TRP CH2 HH2  sing N N 369 
TRP OXT HXT  sing N N 370 
TYR N   CA   sing N N 371 
TYR N   H    sing N N 372 
TYR N   H2   sing N N 373 
TYR CA  C    sing N N 374 
TYR CA  CB   sing N N 375 
TYR CA  HA   sing N N 376 
TYR C   O    doub N N 377 
TYR C   OXT  sing N N 378 
TYR CB  CG   sing N N 379 
TYR CB  HB2  sing N N 380 
TYR CB  HB3  sing N N 381 
TYR CG  CD1  doub Y N 382 
TYR CG  CD2  sing Y N 383 
TYR CD1 CE1  sing Y N 384 
TYR CD1 HD1  sing N N 385 
TYR CD2 CE2  doub Y N 386 
TYR CD2 HD2  sing N N 387 
TYR CE1 CZ   doub Y N 388 
TYR CE1 HE1  sing N N 389 
TYR CE2 CZ   sing Y N 390 
TYR CE2 HE2  sing N N 391 
TYR CZ  OH   sing N N 392 
TYR OH  HH   sing N N 393 
TYR OXT HXT  sing N N 394 
VAL N   CA   sing N N 395 
VAL N   H    sing N N 396 
VAL N   H2   sing N N 397 
VAL CA  C    sing N N 398 
VAL CA  CB   sing N N 399 
VAL CA  HA   sing N N 400 
VAL C   O    doub N N 401 
VAL C   OXT  sing N N 402 
VAL CB  CG1  sing N N 403 
VAL CB  CG2  sing N N 404 
VAL CB  HB   sing N N 405 
VAL CG1 HG11 sing N N 406 
VAL CG1 HG12 sing N N 407 
VAL CG1 HG13 sing N N 408 
VAL CG2 HG21 sing N N 409 
VAL CG2 HG22 sing N N 410 
VAL CG2 HG23 sing N N 411 
VAL OXT HXT  sing N N 412 
# 
loop_
_pdbx_entity_nonpoly.entity_id 
_pdbx_entity_nonpoly.name 
_pdbx_entity_nonpoly.comp_id 
3 'SULFATE ION'         SO4 
4 'UNKNOWN ATOM OR ION' UNX 
5 water                 HOH 
# 
_pdbx_initial_refinement_model.id               1 
_pdbx_initial_refinement_model.entity_id_list   ? 
_pdbx_initial_refinement_model.type             'experimental model' 
_pdbx_initial_refinement_model.source_name      PDB 
_pdbx_initial_refinement_model.accession_code   3EAE 
_pdbx_initial_refinement_model.details          'pdb entry 3eae' 
# 
